data_4K7E
# 
_entry.id   4K7E 
# 
_audit_conform.dict_name       mmcif_pdbx.dic 
_audit_conform.dict_version    5.398 
_audit_conform.dict_location   http://mmcif.pdb.org/dictionaries/ascii/mmcif_pdbx.dic 
# 
loop_
_database_2.database_id 
_database_2.database_code 
_database_2.pdbx_database_accession 
_database_2.pdbx_DOI 
PDB   4K7E         pdb_00004k7e 10.2210/pdb4k7e/pdb 
RCSB  RCSB078984   ?            ?                   
WWPDB D_1000078984 ?            ?                   
# 
loop_
_pdbx_audit_revision_history.ordinal 
_pdbx_audit_revision_history.data_content_type 
_pdbx_audit_revision_history.major_revision 
_pdbx_audit_revision_history.minor_revision 
_pdbx_audit_revision_history.revision_date 
1 'Structure model' 1 0 2013-08-07 
2 'Structure model' 1 1 2013-10-16 
3 'Structure model' 1 2 2024-11-13 
# 
_pdbx_audit_revision_details.ordinal             1 
_pdbx_audit_revision_details.revision_ordinal    1 
_pdbx_audit_revision_details.data_content_type   'Structure model' 
_pdbx_audit_revision_details.provider            repository 
_pdbx_audit_revision_details.type                'Initial release' 
_pdbx_audit_revision_details.description         ? 
_pdbx_audit_revision_details.details             ? 
# 
loop_
_pdbx_audit_revision_group.ordinal 
_pdbx_audit_revision_group.revision_ordinal 
_pdbx_audit_revision_group.data_content_type 
_pdbx_audit_revision_group.group 
1 2 'Structure model' 'Database references' 
2 3 'Structure model' 'Data collection'     
3 3 'Structure model' 'Database references' 
4 3 'Structure model' 'Structure summary'   
# 
loop_
_pdbx_audit_revision_category.ordinal 
_pdbx_audit_revision_category.revision_ordinal 
_pdbx_audit_revision_category.data_content_type 
_pdbx_audit_revision_category.category 
1 3 'Structure model' chem_comp_atom            
2 3 'Structure model' chem_comp_bond            
3 3 'Structure model' database_2                
4 3 'Structure model' pdbx_entry_details        
5 3 'Structure model' pdbx_modification_feature 
6 3 'Structure model' struct_ref_seq_dif        
# 
loop_
_pdbx_audit_revision_item.ordinal 
_pdbx_audit_revision_item.revision_ordinal 
_pdbx_audit_revision_item.data_content_type 
_pdbx_audit_revision_item.item 
1 3 'Structure model' '_database_2.pdbx_DOI'                
2 3 'Structure model' '_database_2.pdbx_database_accession' 
3 3 'Structure model' '_struct_ref_seq_dif.details'         
# 
_pdbx_database_status.status_code                     REL 
_pdbx_database_status.entry_id                        4K7E 
_pdbx_database_status.recvd_initial_deposition_date   2013-04-17 
_pdbx_database_status.deposit_site                    RCSB 
_pdbx_database_status.process_site                    PDBJ 
_pdbx_database_status.methods_development_category    ? 
_pdbx_database_status.status_code_sf                  REL 
_pdbx_database_status.status_code_mr                  ? 
_pdbx_database_status.SG_entry                        ? 
_pdbx_database_status.status_code_cs                  ? 
_pdbx_database_status.pdb_format_compatible           Y 
_pdbx_database_status.status_code_nmr_data            ? 
# 
loop_
_audit_author.name 
_audit_author.pdbx_ordinal 
'Zhang, Y.J.' 1 
'Li, L.'      2 
'Liu, X.'     3 
'Dong, S.S.'  4 
'Wang, W.M.'  5 
'Huo, T.'     6 
'Rao, Z.H.'   7 
'Yang, C.'    8 
# 
_citation.id                        primary 
_citation.title                     'Crystal structure of Junin virus nucleoprotein' 
_citation.journal_abbrev            J.Gen.Virol. 
_citation.journal_volume            94 
_citation.page_first                2175 
_citation.page_last                 2183 
_citation.year                      2013 
_citation.journal_id_ASTM           JGVIAY 
_citation.country                   US 
_citation.journal_id_ISSN           0022-1317 
_citation.journal_id_CSD            2058 
_citation.book_publisher            ? 
_citation.pdbx_database_id_PubMed   23884367 
_citation.pdbx_database_id_DOI      10.1099/vir.0.055053-0 
# 
loop_
_citation_author.citation_id 
_citation_author.name 
_citation_author.ordinal 
_citation_author.identifier_ORCID 
primary 'Zhang, Y.J.' 1 ? 
primary 'Li, L.'      2 ? 
primary 'Liu, X.'     3 ? 
primary 'Dong, S.S.'  4 ? 
primary 'Wang, W.M.'  5 ? 
primary 'Huo, T.'     6 ? 
primary 'Guo, Y.'     7 ? 
primary 'Rao, Z.H.'   8 ? 
primary 'Yang, C.'    9 ? 
# 
loop_
_entity.id 
_entity.type 
_entity.src_method 
_entity.pdbx_description 
_entity.formula_weight 
_entity.pdbx_number_of_molecules 
_entity.pdbx_ec 
_entity.pdbx_mutation 
_entity.pdbx_fragment 
_entity.details 
1 polymer man Nucleoprotein 26667.738 1  ? ? 'C-TERMINAL DOMAIN, residues 341-564' ? 
2 water   nat water         18.015    78 ? ? ?                                     ? 
# 
_entity_name_com.entity_id   1 
_entity_name_com.name        'Nucleocapsid protein' 
# 
_entity_poly.entity_id                      1 
_entity_poly.type                           'polypeptide(L)' 
_entity_poly.nstd_linkage                   no 
_entity_poly.nstd_monomer                   no 
_entity_poly.pdbx_seq_one_letter_code       
;LEVLFQGPLGSMPRQPEKNGQNLRLANLTEIQEAVIREAVGKLDPTNTLWLDIEGPATDPVEMALFQPAGKQYIHCFRKP
HDEKGFKNGSRHSHGILMKDIEDAMPGVLSYVIGLLPPDMVVTTQGSDDIRKLFDLHGRRDLKLVDVRLTSEQARQFDQQ
VWEKYGHLCKYHNGVVVNKKKRDKDTPFKLASSEPHCALLDCIMFQSVLDGKLYEEELTPLLPSSLLFLPKAAYAL
;
_entity_poly.pdbx_seq_one_letter_code_can   
;LEVLFQGPLGSMPRQPEKNGQNLRLANLTEIQEAVIREAVGKLDPTNTLWLDIEGPATDPVEMALFQPAGKQYIHCFRKP
HDEKGFKNGSRHSHGILMKDIEDAMPGVLSYVIGLLPPDMVVTTQGSDDIRKLFDLHGRRDLKLVDVRLTSEQARQFDQQ
VWEKYGHLCKYHNGVVVNKKKRDKDTPFKLASSEPHCALLDCIMFQSVLDGKLYEEELTPLLPSSLLFLPKAAYAL
;
_entity_poly.pdbx_strand_id                 A 
_entity_poly.pdbx_target_identifier         ? 
# 
_pdbx_entity_nonpoly.entity_id   2 
_pdbx_entity_nonpoly.name        water 
_pdbx_entity_nonpoly.comp_id     HOH 
# 
loop_
_entity_poly_seq.entity_id 
_entity_poly_seq.num 
_entity_poly_seq.mon_id 
_entity_poly_seq.hetero 
1 1   LEU n 
1 2   GLU n 
1 3   VAL n 
1 4   LEU n 
1 5   PHE n 
1 6   GLN n 
1 7   GLY n 
1 8   PRO n 
1 9   LEU n 
1 10  GLY n 
1 11  SER n 
1 12  MET n 
1 13  PRO n 
1 14  ARG n 
1 15  GLN n 
1 16  PRO n 
1 17  GLU n 
1 18  LYS n 
1 19  ASN n 
1 20  GLY n 
1 21  GLN n 
1 22  ASN n 
1 23  LEU n 
1 24  ARG n 
1 25  LEU n 
1 26  ALA n 
1 27  ASN n 
1 28  LEU n 
1 29  THR n 
1 30  GLU n 
1 31  ILE n 
1 32  GLN n 
1 33  GLU n 
1 34  ALA n 
1 35  VAL n 
1 36  ILE n 
1 37  ARG n 
1 38  GLU n 
1 39  ALA n 
1 40  VAL n 
1 41  GLY n 
1 42  LYS n 
1 43  LEU n 
1 44  ASP n 
1 45  PRO n 
1 46  THR n 
1 47  ASN n 
1 48  THR n 
1 49  LEU n 
1 50  TRP n 
1 51  LEU n 
1 52  ASP n 
1 53  ILE n 
1 54  GLU n 
1 55  GLY n 
1 56  PRO n 
1 57  ALA n 
1 58  THR n 
1 59  ASP n 
1 60  PRO n 
1 61  VAL n 
1 62  GLU n 
1 63  MET n 
1 64  ALA n 
1 65  LEU n 
1 66  PHE n 
1 67  GLN n 
1 68  PRO n 
1 69  ALA n 
1 70  GLY n 
1 71  LYS n 
1 72  GLN n 
1 73  TYR n 
1 74  ILE n 
1 75  HIS n 
1 76  CYS n 
1 77  PHE n 
1 78  ARG n 
1 79  LYS n 
1 80  PRO n 
1 81  HIS n 
1 82  ASP n 
1 83  GLU n 
1 84  LYS n 
1 85  GLY n 
1 86  PHE n 
1 87  LYS n 
1 88  ASN n 
1 89  GLY n 
1 90  SER n 
1 91  ARG n 
1 92  HIS n 
1 93  SER n 
1 94  HIS n 
1 95  GLY n 
1 96  ILE n 
1 97  LEU n 
1 98  MET n 
1 99  LYS n 
1 100 ASP n 
1 101 ILE n 
1 102 GLU n 
1 103 ASP n 
1 104 ALA n 
1 105 MET n 
1 106 PRO n 
1 107 GLY n 
1 108 VAL n 
1 109 LEU n 
1 110 SER n 
1 111 TYR n 
1 112 VAL n 
1 113 ILE n 
1 114 GLY n 
1 115 LEU n 
1 116 LEU n 
1 117 PRO n 
1 118 PRO n 
1 119 ASP n 
1 120 MET n 
1 121 VAL n 
1 122 VAL n 
1 123 THR n 
1 124 THR n 
1 125 GLN n 
1 126 GLY n 
1 127 SER n 
1 128 ASP n 
1 129 ASP n 
1 130 ILE n 
1 131 ARG n 
1 132 LYS n 
1 133 LEU n 
1 134 PHE n 
1 135 ASP n 
1 136 LEU n 
1 137 HIS n 
1 138 GLY n 
1 139 ARG n 
1 140 ARG n 
1 141 ASP n 
1 142 LEU n 
1 143 LYS n 
1 144 LEU n 
1 145 VAL n 
1 146 ASP n 
1 147 VAL n 
1 148 ARG n 
1 149 LEU n 
1 150 THR n 
1 151 SER n 
1 152 GLU n 
1 153 GLN n 
1 154 ALA n 
1 155 ARG n 
1 156 GLN n 
1 157 PHE n 
1 158 ASP n 
1 159 GLN n 
1 160 GLN n 
1 161 VAL n 
1 162 TRP n 
1 163 GLU n 
1 164 LYS n 
1 165 TYR n 
1 166 GLY n 
1 167 HIS n 
1 168 LEU n 
1 169 CYS n 
1 170 LYS n 
1 171 TYR n 
1 172 HIS n 
1 173 ASN n 
1 174 GLY n 
1 175 VAL n 
1 176 VAL n 
1 177 VAL n 
1 178 ASN n 
1 179 LYS n 
1 180 LYS n 
1 181 LYS n 
1 182 ARG n 
1 183 ASP n 
1 184 LYS n 
1 185 ASP n 
1 186 THR n 
1 187 PRO n 
1 188 PHE n 
1 189 LYS n 
1 190 LEU n 
1 191 ALA n 
1 192 SER n 
1 193 SER n 
1 194 GLU n 
1 195 PRO n 
1 196 HIS n 
1 197 CYS n 
1 198 ALA n 
1 199 LEU n 
1 200 LEU n 
1 201 ASP n 
1 202 CYS n 
1 203 ILE n 
1 204 MET n 
1 205 PHE n 
1 206 GLN n 
1 207 SER n 
1 208 VAL n 
1 209 LEU n 
1 210 ASP n 
1 211 GLY n 
1 212 LYS n 
1 213 LEU n 
1 214 TYR n 
1 215 GLU n 
1 216 GLU n 
1 217 GLU n 
1 218 LEU n 
1 219 THR n 
1 220 PRO n 
1 221 LEU n 
1 222 LEU n 
1 223 PRO n 
1 224 SER n 
1 225 SER n 
1 226 LEU n 
1 227 LEU n 
1 228 PHE n 
1 229 LEU n 
1 230 PRO n 
1 231 LYS n 
1 232 ALA n 
1 233 ALA n 
1 234 TYR n 
1 235 ALA n 
1 236 LEU n 
# 
_entity_src_gen.entity_id                          1 
_entity_src_gen.pdbx_src_id                        1 
_entity_src_gen.pdbx_alt_source_flag               sample 
_entity_src_gen.pdbx_seq_type                      ? 
_entity_src_gen.pdbx_beg_seq_num                   ? 
_entity_src_gen.pdbx_end_seq_num                   ? 
_entity_src_gen.gene_src_common_name               ? 
_entity_src_gen.gene_src_genus                     ? 
_entity_src_gen.pdbx_gene_src_gene                 N 
_entity_src_gen.gene_src_species                   ? 
_entity_src_gen.gene_src_strain                    ? 
_entity_src_gen.gene_src_tissue                    ? 
_entity_src_gen.gene_src_tissue_fraction           ? 
_entity_src_gen.gene_src_details                   ? 
_entity_src_gen.pdbx_gene_src_fragment             ? 
_entity_src_gen.pdbx_gene_src_scientific_name      'Junin virus' 
_entity_src_gen.pdbx_gene_src_ncbi_taxonomy_id     11619 
_entity_src_gen.pdbx_gene_src_variant              ? 
_entity_src_gen.pdbx_gene_src_cell_line            ? 
_entity_src_gen.pdbx_gene_src_atcc                 ? 
_entity_src_gen.pdbx_gene_src_organ                ? 
_entity_src_gen.pdbx_gene_src_organelle            ? 
_entity_src_gen.pdbx_gene_src_cell                 ? 
_entity_src_gen.pdbx_gene_src_cellular_location    ? 
_entity_src_gen.host_org_common_name               ? 
_entity_src_gen.pdbx_host_org_scientific_name      'Escherichia coli' 
_entity_src_gen.pdbx_host_org_ncbi_taxonomy_id     562 
_entity_src_gen.host_org_genus                     ? 
_entity_src_gen.pdbx_host_org_gene                 ? 
_entity_src_gen.pdbx_host_org_organ                ? 
_entity_src_gen.host_org_species                   ? 
_entity_src_gen.pdbx_host_org_tissue               ? 
_entity_src_gen.pdbx_host_org_tissue_fraction      ? 
_entity_src_gen.pdbx_host_org_strain               BL21 
_entity_src_gen.pdbx_host_org_variant              ? 
_entity_src_gen.pdbx_host_org_cell_line            ? 
_entity_src_gen.pdbx_host_org_atcc                 ? 
_entity_src_gen.pdbx_host_org_culture_collection   ? 
_entity_src_gen.pdbx_host_org_cell                 ? 
_entity_src_gen.pdbx_host_org_organelle            ? 
_entity_src_gen.pdbx_host_org_cellular_location    ? 
_entity_src_gen.pdbx_host_org_vector_type          PLASMID 
_entity_src_gen.pdbx_host_org_vector               ? 
_entity_src_gen.host_org_details                   ? 
_entity_src_gen.expression_system_id               ? 
_entity_src_gen.plasmid_name                       pGEX-6p-1 
_entity_src_gen.plasmid_details                    ? 
_entity_src_gen.pdbx_description                   ? 
# 
loop_
_chem_comp.id 
_chem_comp.type 
_chem_comp.mon_nstd_flag 
_chem_comp.name 
_chem_comp.pdbx_synonyms 
_chem_comp.formula 
_chem_comp.formula_weight 
ALA 'L-peptide linking' y ALANINE         ? 'C3 H7 N O2'     89.093  
ARG 'L-peptide linking' y ARGININE        ? 'C6 H15 N4 O2 1' 175.209 
ASN 'L-peptide linking' y ASPARAGINE      ? 'C4 H8 N2 O3'    132.118 
ASP 'L-peptide linking' y 'ASPARTIC ACID' ? 'C4 H7 N O4'     133.103 
CYS 'L-peptide linking' y CYSTEINE        ? 'C3 H7 N O2 S'   121.158 
GLN 'L-peptide linking' y GLUTAMINE       ? 'C5 H10 N2 O3'   146.144 
GLU 'L-peptide linking' y 'GLUTAMIC ACID' ? 'C5 H9 N O4'     147.129 
GLY 'peptide linking'   y GLYCINE         ? 'C2 H5 N O2'     75.067  
HIS 'L-peptide linking' y HISTIDINE       ? 'C6 H10 N3 O2 1' 156.162 
HOH non-polymer         . WATER           ? 'H2 O'           18.015  
ILE 'L-peptide linking' y ISOLEUCINE      ? 'C6 H13 N O2'    131.173 
LEU 'L-peptide linking' y LEUCINE         ? 'C6 H13 N O2'    131.173 
LYS 'L-peptide linking' y LYSINE          ? 'C6 H15 N2 O2 1' 147.195 
MET 'L-peptide linking' y METHIONINE      ? 'C5 H11 N O2 S'  149.211 
PHE 'L-peptide linking' y PHENYLALANINE   ? 'C9 H11 N O2'    165.189 
PRO 'L-peptide linking' y PROLINE         ? 'C5 H9 N O2'     115.130 
SER 'L-peptide linking' y SERINE          ? 'C3 H7 N O3'     105.093 
THR 'L-peptide linking' y THREONINE       ? 'C4 H9 N O3'     119.119 
TRP 'L-peptide linking' y TRYPTOPHAN      ? 'C11 H12 N2 O2'  204.225 
TYR 'L-peptide linking' y TYROSINE        ? 'C9 H11 N O3'    181.189 
VAL 'L-peptide linking' y VALINE          ? 'C5 H11 N O2'    117.146 
# 
loop_
_pdbx_poly_seq_scheme.asym_id 
_pdbx_poly_seq_scheme.entity_id 
_pdbx_poly_seq_scheme.seq_id 
_pdbx_poly_seq_scheme.mon_id 
_pdbx_poly_seq_scheme.ndb_seq_num 
_pdbx_poly_seq_scheme.pdb_seq_num 
_pdbx_poly_seq_scheme.auth_seq_num 
_pdbx_poly_seq_scheme.pdb_mon_id 
_pdbx_poly_seq_scheme.auth_mon_id 
_pdbx_poly_seq_scheme.pdb_strand_id 
_pdbx_poly_seq_scheme.pdb_ins_code 
_pdbx_poly_seq_scheme.hetero 
A 1 1   LEU 1   329 ?   ?   ?   A . n 
A 1 2   GLU 2   330 ?   ?   ?   A . n 
A 1 3   VAL 3   331 ?   ?   ?   A . n 
A 1 4   LEU 4   332 ?   ?   ?   A . n 
A 1 5   PHE 5   333 ?   ?   ?   A . n 
A 1 6   GLN 6   334 ?   ?   ?   A . n 
A 1 7   GLY 7   335 ?   ?   ?   A . n 
A 1 8   PRO 8   336 ?   ?   ?   A . n 
A 1 9   LEU 9   337 ?   ?   ?   A . n 
A 1 10  GLY 10  338 ?   ?   ?   A . n 
A 1 11  SER 11  339 ?   ?   ?   A . n 
A 1 12  MET 12  340 ?   ?   ?   A . n 
A 1 13  PRO 13  341 ?   ?   ?   A . n 
A 1 14  ARG 14  342 ?   ?   ?   A . n 
A 1 15  GLN 15  343 ?   ?   ?   A . n 
A 1 16  PRO 16  344 ?   ?   ?   A . n 
A 1 17  GLU 17  345 ?   ?   ?   A . n 
A 1 18  LYS 18  346 ?   ?   ?   A . n 
A 1 19  ASN 19  347 ?   ?   ?   A . n 
A 1 20  GLY 20  348 ?   ?   ?   A . n 
A 1 21  GLN 21  349 ?   ?   ?   A . n 
A 1 22  ASN 22  350 ?   ?   ?   A . n 
A 1 23  LEU 23  351 ?   ?   ?   A . n 
A 1 24  ARG 24  352 ?   ?   ?   A . n 
A 1 25  LEU 25  353 ?   ?   ?   A . n 
A 1 26  ALA 26  354 ?   ?   ?   A . n 
A 1 27  ASN 27  355 355 ASN ASN A . n 
A 1 28  LEU 28  356 356 LEU LEU A . n 
A 1 29  THR 29  357 357 THR THR A . n 
A 1 30  GLU 30  358 358 GLU GLU A . n 
A 1 31  ILE 31  359 359 ILE ILE A . n 
A 1 32  GLN 32  360 360 GLN GLN A . n 
A 1 33  GLU 33  361 361 GLU GLU A . n 
A 1 34  ALA 34  362 362 ALA ALA A . n 
A 1 35  VAL 35  363 363 VAL VAL A . n 
A 1 36  ILE 36  364 364 ILE ILE A . n 
A 1 37  ARG 37  365 365 ARG ARG A . n 
A 1 38  GLU 38  366 366 GLU GLU A . n 
A 1 39  ALA 39  367 367 ALA ALA A . n 
A 1 40  VAL 40  368 368 VAL VAL A . n 
A 1 41  GLY 41  369 369 GLY GLY A . n 
A 1 42  LYS 42  370 370 LYS LYS A . n 
A 1 43  LEU 43  371 371 LEU LEU A . n 
A 1 44  ASP 44  372 372 ASP ASP A . n 
A 1 45  PRO 45  373 373 PRO PRO A . n 
A 1 46  THR 46  374 374 THR THR A . n 
A 1 47  ASN 47  375 375 ASN ASN A . n 
A 1 48  THR 48  376 376 THR THR A . n 
A 1 49  LEU 49  377 377 LEU LEU A . n 
A 1 50  TRP 50  378 378 TRP TRP A . n 
A 1 51  LEU 51  379 379 LEU LEU A . n 
A 1 52  ASP 52  380 380 ASP ASP A . n 
A 1 53  ILE 53  381 381 ILE ILE A . n 
A 1 54  GLU 54  382 382 GLU GLU A . n 
A 1 55  GLY 55  383 383 GLY GLY A . n 
A 1 56  PRO 56  384 384 PRO PRO A . n 
A 1 57  ALA 57  385 385 ALA ALA A . n 
A 1 58  THR 58  386 386 THR THR A . n 
A 1 59  ASP 59  387 387 ASP ASP A . n 
A 1 60  PRO 60  388 388 PRO PRO A . n 
A 1 61  VAL 61  389 389 VAL VAL A . n 
A 1 62  GLU 62  390 390 GLU GLU A . n 
A 1 63  MET 63  391 391 MET MET A . n 
A 1 64  ALA 64  392 392 ALA ALA A . n 
A 1 65  LEU 65  393 393 LEU LEU A . n 
A 1 66  PHE 66  394 394 PHE PHE A . n 
A 1 67  GLN 67  395 395 GLN GLN A . n 
A 1 68  PRO 68  396 396 PRO PRO A . n 
A 1 69  ALA 69  397 397 ALA ALA A . n 
A 1 70  GLY 70  398 398 GLY GLY A . n 
A 1 71  LYS 71  399 399 LYS LYS A . n 
A 1 72  GLN 72  400 400 GLN GLN A . n 
A 1 73  TYR 73  401 401 TYR TYR A . n 
A 1 74  ILE 74  402 402 ILE ILE A . n 
A 1 75  HIS 75  403 403 HIS HIS A . n 
A 1 76  CYS 76  404 404 CYS CYS A . n 
A 1 77  PHE 77  405 405 PHE PHE A . n 
A 1 78  ARG 78  406 406 ARG ARG A . n 
A 1 79  LYS 79  407 ?   ?   ?   A . n 
A 1 80  PRO 80  408 ?   ?   ?   A . n 
A 1 81  HIS 81  409 ?   ?   ?   A . n 
A 1 82  ASP 82  410 ?   ?   ?   A . n 
A 1 83  GLU 83  411 ?   ?   ?   A . n 
A 1 84  LYS 84  412 ?   ?   ?   A . n 
A 1 85  GLY 85  413 ?   ?   ?   A . n 
A 1 86  PHE 86  414 ?   ?   ?   A . n 
A 1 87  LYS 87  415 ?   ?   ?   A . n 
A 1 88  ASN 88  416 ?   ?   ?   A . n 
A 1 89  GLY 89  417 ?   ?   ?   A . n 
A 1 90  SER 90  418 ?   ?   ?   A . n 
A 1 91  ARG 91  419 ?   ?   ?   A . n 
A 1 92  HIS 92  420 ?   ?   ?   A . n 
A 1 93  SER 93  421 ?   ?   ?   A . n 
A 1 94  HIS 94  422 ?   ?   ?   A . n 
A 1 95  GLY 95  423 ?   ?   ?   A . n 
A 1 96  ILE 96  424 ?   ?   ?   A . n 
A 1 97  LEU 97  425 ?   ?   ?   A . n 
A 1 98  MET 98  426 ?   ?   ?   A . n 
A 1 99  LYS 99  427 ?   ?   ?   A . n 
A 1 100 ASP 100 428 ?   ?   ?   A . n 
A 1 101 ILE 101 429 ?   ?   ?   A . n 
A 1 102 GLU 102 430 ?   ?   ?   A . n 
A 1 103 ASP 103 431 ?   ?   ?   A . n 
A 1 104 ALA 104 432 432 ALA ALA A . n 
A 1 105 MET 105 433 433 MET MET A . n 
A 1 106 PRO 106 434 434 PRO PRO A . n 
A 1 107 GLY 107 435 435 GLY GLY A . n 
A 1 108 VAL 108 436 436 VAL VAL A . n 
A 1 109 LEU 109 437 437 LEU LEU A . n 
A 1 110 SER 110 438 438 SER SER A . n 
A 1 111 TYR 111 439 439 TYR TYR A . n 
A 1 112 VAL 112 440 440 VAL VAL A . n 
A 1 113 ILE 113 441 441 ILE ILE A . n 
A 1 114 GLY 114 442 442 GLY GLY A . n 
A 1 115 LEU 115 443 443 LEU LEU A . n 
A 1 116 LEU 116 444 444 LEU LEU A . n 
A 1 117 PRO 117 445 445 PRO PRO A . n 
A 1 118 PRO 118 446 446 PRO PRO A . n 
A 1 119 ASP 119 447 447 ASP ASP A . n 
A 1 120 MET 120 448 448 MET MET A . n 
A 1 121 VAL 121 449 449 VAL VAL A . n 
A 1 122 VAL 122 450 450 VAL VAL A . n 
A 1 123 THR 123 451 451 THR THR A . n 
A 1 124 THR 124 452 452 THR THR A . n 
A 1 125 GLN 125 453 453 GLN GLN A . n 
A 1 126 GLY 126 454 454 GLY GLY A . n 
A 1 127 SER 127 455 455 SER SER A . n 
A 1 128 ASP 128 456 456 ASP ASP A . n 
A 1 129 ASP 129 457 457 ASP ASP A . n 
A 1 130 ILE 130 458 458 ILE ILE A . n 
A 1 131 ARG 131 459 459 ARG ARG A . n 
A 1 132 LYS 132 460 460 LYS LYS A . n 
A 1 133 LEU 133 461 461 LEU LEU A . n 
A 1 134 PHE 134 462 462 PHE PHE A . n 
A 1 135 ASP 135 463 463 ASP ASP A . n 
A 1 136 LEU 136 464 464 LEU LEU A . n 
A 1 137 HIS 137 465 465 HIS HIS A . n 
A 1 138 GLY 138 466 466 GLY GLY A . n 
A 1 139 ARG 139 467 467 ARG ARG A . n 
A 1 140 ARG 140 468 468 ARG ARG A . n 
A 1 141 ASP 141 469 469 ASP ASP A . n 
A 1 142 LEU 142 470 470 LEU LEU A . n 
A 1 143 LYS 143 471 471 LYS LYS A . n 
A 1 144 LEU 144 472 472 LEU LEU A . n 
A 1 145 VAL 145 473 473 VAL VAL A . n 
A 1 146 ASP 146 474 474 ASP ASP A . n 
A 1 147 VAL 147 475 475 VAL VAL A . n 
A 1 148 ARG 148 476 476 ARG ARG A . n 
A 1 149 LEU 149 477 477 LEU LEU A . n 
A 1 150 THR 150 478 478 THR THR A . n 
A 1 151 SER 151 479 479 SER SER A . n 
A 1 152 GLU 152 480 480 GLU GLU A . n 
A 1 153 GLN 153 481 481 GLN GLN A . n 
A 1 154 ALA 154 482 482 ALA ALA A . n 
A 1 155 ARG 155 483 483 ARG ARG A . n 
A 1 156 GLN 156 484 484 GLN GLN A . n 
A 1 157 PHE 157 485 485 PHE PHE A . n 
A 1 158 ASP 158 486 486 ASP ASP A . n 
A 1 159 GLN 159 487 487 GLN GLN A . n 
A 1 160 GLN 160 488 488 GLN GLN A . n 
A 1 161 VAL 161 489 489 VAL VAL A . n 
A 1 162 TRP 162 490 490 TRP TRP A . n 
A 1 163 GLU 163 491 491 GLU GLU A . n 
A 1 164 LYS 164 492 492 LYS LYS A . n 
A 1 165 TYR 165 493 493 TYR TYR A . n 
A 1 166 GLY 166 494 494 GLY GLY A . n 
A 1 167 HIS 167 495 495 HIS HIS A . n 
A 1 168 LEU 168 496 496 LEU LEU A . n 
A 1 169 CYS 169 497 497 CYS CYS A . n 
A 1 170 LYS 170 498 498 LYS LYS A . n 
A 1 171 TYR 171 499 ?   ?   ?   A . n 
A 1 172 HIS 172 500 ?   ?   ?   A . n 
A 1 173 ASN 173 501 ?   ?   ?   A . n 
A 1 174 GLY 174 502 ?   ?   ?   A . n 
A 1 175 VAL 175 503 ?   ?   ?   A . n 
A 1 176 VAL 176 504 ?   ?   ?   A . n 
A 1 177 VAL 177 505 ?   ?   ?   A . n 
A 1 178 ASN 178 506 ?   ?   ?   A . n 
A 1 179 LYS 179 507 ?   ?   ?   A . n 
A 1 180 LYS 180 508 ?   ?   ?   A . n 
A 1 181 LYS 181 509 ?   ?   ?   A . n 
A 1 182 ARG 182 510 ?   ?   ?   A . n 
A 1 183 ASP 183 511 ?   ?   ?   A . n 
A 1 184 LYS 184 512 ?   ?   ?   A . n 
A 1 185 ASP 185 513 ?   ?   ?   A . n 
A 1 186 THR 186 514 ?   ?   ?   A . n 
A 1 187 PRO 187 515 ?   ?   ?   A . n 
A 1 188 PHE 188 516 ?   ?   ?   A . n 
A 1 189 LYS 189 517 ?   ?   ?   A . n 
A 1 190 LEU 190 518 ?   ?   ?   A . n 
A 1 191 ALA 191 519 ?   ?   ?   A . n 
A 1 192 SER 192 520 ?   ?   ?   A . n 
A 1 193 SER 193 521 ?   ?   ?   A . n 
A 1 194 GLU 194 522 522 GLU GLU A . n 
A 1 195 PRO 195 523 523 PRO PRO A . n 
A 1 196 HIS 196 524 524 HIS HIS A . n 
A 1 197 CYS 197 525 525 CYS CYS A . n 
A 1 198 ALA 198 526 526 ALA ALA A . n 
A 1 199 LEU 199 527 527 LEU LEU A . n 
A 1 200 LEU 200 528 528 LEU LEU A . n 
A 1 201 ASP 201 529 529 ASP ASP A . n 
A 1 202 CYS 202 530 530 CYS CYS A . n 
A 1 203 ILE 203 531 531 ILE ILE A . n 
A 1 204 MET 204 532 532 MET MET A . n 
A 1 205 PHE 205 533 533 PHE PHE A . n 
A 1 206 GLN 206 534 534 GLN GLN A . n 
A 1 207 SER 207 535 535 SER SER A . n 
A 1 208 VAL 208 536 536 VAL VAL A . n 
A 1 209 LEU 209 537 537 LEU LEU A . n 
A 1 210 ASP 210 538 538 ASP ASP A . n 
A 1 211 GLY 211 539 539 GLY GLY A . n 
A 1 212 LYS 212 540 540 LYS LYS A . n 
A 1 213 LEU 213 541 541 LEU LEU A . n 
A 1 214 TYR 214 542 542 TYR TYR A . n 
A 1 215 GLU 215 543 543 GLU GLU A . n 
A 1 216 GLU 216 544 544 GLU GLU A . n 
A 1 217 GLU 217 545 545 GLU GLU A . n 
A 1 218 LEU 218 546 546 LEU LEU A . n 
A 1 219 THR 219 547 547 THR THR A . n 
A 1 220 PRO 220 548 548 PRO PRO A . n 
A 1 221 LEU 221 549 549 LEU LEU A . n 
A 1 222 LEU 222 550 550 LEU LEU A . n 
A 1 223 PRO 223 551 551 PRO PRO A . n 
A 1 224 SER 224 552 552 SER SER A . n 
A 1 225 SER 225 553 553 SER SER A . n 
A 1 226 LEU 226 554 ?   ?   ?   A . n 
A 1 227 LEU 227 555 ?   ?   ?   A . n 
A 1 228 PHE 228 556 ?   ?   ?   A . n 
A 1 229 LEU 229 557 ?   ?   ?   A . n 
A 1 230 PRO 230 558 ?   ?   ?   A . n 
A 1 231 LYS 231 559 ?   ?   ?   A . n 
A 1 232 ALA 232 560 ?   ?   ?   A . n 
A 1 233 ALA 233 561 ?   ?   ?   A . n 
A 1 234 TYR 234 562 ?   ?   ?   A . n 
A 1 235 ALA 235 563 ?   ?   ?   A . n 
A 1 236 LEU 236 564 ?   ?   ?   A . n 
# 
loop_
_pdbx_nonpoly_scheme.asym_id 
_pdbx_nonpoly_scheme.entity_id 
_pdbx_nonpoly_scheme.mon_id 
_pdbx_nonpoly_scheme.ndb_seq_num 
_pdbx_nonpoly_scheme.pdb_seq_num 
_pdbx_nonpoly_scheme.auth_seq_num 
_pdbx_nonpoly_scheme.pdb_mon_id 
_pdbx_nonpoly_scheme.auth_mon_id 
_pdbx_nonpoly_scheme.pdb_strand_id 
_pdbx_nonpoly_scheme.pdb_ins_code 
B 2 HOH 1  601 1  HOH HOH A . 
B 2 HOH 2  602 2  HOH HOH A . 
B 2 HOH 3  603 3  HOH HOH A . 
B 2 HOH 4  604 4  HOH HOH A . 
B 2 HOH 5  605 5  HOH HOH A . 
B 2 HOH 6  606 6  HOH HOH A . 
B 2 HOH 7  607 7  HOH HOH A . 
B 2 HOH 8  608 8  HOH HOH A . 
B 2 HOH 9  609 9  HOH HOH A . 
B 2 HOH 10 610 10 HOH HOH A . 
B 2 HOH 11 611 11 HOH HOH A . 
B 2 HOH 12 612 12 HOH HOH A . 
B 2 HOH 13 613 13 HOH HOH A . 
B 2 HOH 14 614 14 HOH HOH A . 
B 2 HOH 15 615 15 HOH HOH A . 
B 2 HOH 16 616 16 HOH HOH A . 
B 2 HOH 17 617 17 HOH HOH A . 
B 2 HOH 18 618 18 HOH HOH A . 
B 2 HOH 19 619 19 HOH HOH A . 
B 2 HOH 20 620 20 HOH HOH A . 
B 2 HOH 21 621 21 HOH HOH A . 
B 2 HOH 22 622 22 HOH HOH A . 
B 2 HOH 23 623 23 HOH HOH A . 
B 2 HOH 24 624 24 HOH HOH A . 
B 2 HOH 25 625 25 HOH HOH A . 
B 2 HOH 26 626 26 HOH HOH A . 
B 2 HOH 27 627 27 HOH HOH A . 
B 2 HOH 28 628 28 HOH HOH A . 
B 2 HOH 29 629 29 HOH HOH A . 
B 2 HOH 30 630 30 HOH HOH A . 
B 2 HOH 31 631 31 HOH HOH A . 
B 2 HOH 32 632 32 HOH HOH A . 
B 2 HOH 33 633 33 HOH HOH A . 
B 2 HOH 34 634 34 HOH HOH A . 
B 2 HOH 35 635 35 HOH HOH A . 
B 2 HOH 36 636 36 HOH HOH A . 
B 2 HOH 37 637 37 HOH HOH A . 
B 2 HOH 38 638 38 HOH HOH A . 
B 2 HOH 39 639 39 HOH HOH A . 
B 2 HOH 40 640 40 HOH HOH A . 
B 2 HOH 41 641 41 HOH HOH A . 
B 2 HOH 42 642 42 HOH HOH A . 
B 2 HOH 43 643 43 HOH HOH A . 
B 2 HOH 44 644 44 HOH HOH A . 
B 2 HOH 45 645 45 HOH HOH A . 
B 2 HOH 46 646 46 HOH HOH A . 
B 2 HOH 47 647 47 HOH HOH A . 
B 2 HOH 48 648 48 HOH HOH A . 
B 2 HOH 49 649 49 HOH HOH A . 
B 2 HOH 50 650 50 HOH HOH A . 
B 2 HOH 51 651 51 HOH HOH A . 
B 2 HOH 52 652 52 HOH HOH A . 
B 2 HOH 53 653 53 HOH HOH A . 
B 2 HOH 54 654 54 HOH HOH A . 
B 2 HOH 55 655 55 HOH HOH A . 
B 2 HOH 56 656 56 HOH HOH A . 
B 2 HOH 57 657 57 HOH HOH A . 
B 2 HOH 58 658 58 HOH HOH A . 
B 2 HOH 59 659 59 HOH HOH A . 
B 2 HOH 60 660 60 HOH HOH A . 
B 2 HOH 61 661 61 HOH HOH A . 
B 2 HOH 62 662 62 HOH HOH A . 
B 2 HOH 63 663 63 HOH HOH A . 
B 2 HOH 64 664 64 HOH HOH A . 
B 2 HOH 65 665 65 HOH HOH A . 
B 2 HOH 66 666 66 HOH HOH A . 
B 2 HOH 67 667 67 HOH HOH A . 
B 2 HOH 68 668 68 HOH HOH A . 
B 2 HOH 69 669 69 HOH HOH A . 
B 2 HOH 70 670 70 HOH HOH A . 
B 2 HOH 71 671 71 HOH HOH A . 
B 2 HOH 72 672 72 HOH HOH A . 
B 2 HOH 73 673 73 HOH HOH A . 
B 2 HOH 74 674 74 HOH HOH A . 
B 2 HOH 75 675 75 HOH HOH A . 
B 2 HOH 76 676 76 HOH HOH A . 
B 2 HOH 77 677 77 HOH HOH A . 
B 2 HOH 78 678 78 HOH HOH A . 
# 
loop_
_software.name 
_software.classification 
_software.version 
_software.citation_id 
_software.pdbx_ordinal 
StructureStudio 'data collection' .                          ? 1 
MOLREP          phasing           .                          ? 2 
PHENIX          refinement        '(phenix.refine: 1.7_650)' ? 3 
HKL-2000        'data reduction'  .                          ? 4 
HKL-2000        'data scaling'    .                          ? 5 
# 
_cell.entry_id           4K7E 
_cell.length_a           40.415 
_cell.length_b           78.472 
_cell.length_c           136.010 
_cell.angle_alpha        90.00 
_cell.angle_beta         90.00 
_cell.angle_gamma        90.00 
_cell.Z_PDB              8 
_cell.pdbx_unique_axis   ? 
_cell.length_a_esd       ? 
_cell.length_b_esd       ? 
_cell.length_c_esd       ? 
_cell.angle_alpha_esd    ? 
_cell.angle_beta_esd     ? 
_cell.angle_gamma_esd    ? 
# 
_symmetry.entry_id                         4K7E 
_symmetry.space_group_name_H-M             'I 21 21 21' 
_symmetry.pdbx_full_space_group_name_H-M   ? 
_symmetry.cell_setting                     ? 
_symmetry.Int_Tables_number                24 
_symmetry.space_group_name_Hall            ? 
# 
_exptl.entry_id          4K7E 
_exptl.method            'X-RAY DIFFRACTION' 
_exptl.crystals_number   1 
# 
_exptl_crystal.id                    1 
_exptl_crystal.density_meas          ? 
_exptl_crystal.density_Matthews      2.02 
_exptl_crystal.density_percent_sol   39.16 
_exptl_crystal.description           ? 
_exptl_crystal.F_000                 ? 
_exptl_crystal.preparation           ? 
# 
_exptl_crystal_grow.crystal_id      1 
_exptl_crystal_grow.method          'VAPOR DIFFUSION, HANGING DROP' 
_exptl_crystal_grow.temp            289 
_exptl_crystal_grow.temp_details    ? 
_exptl_crystal_grow.pH              8.0 
_exptl_crystal_grow.pdbx_details    '0.1M Tris, 2.2M ammonium sulfate, pH 8.0, VAPOR DIFFUSION, HANGING DROP, temperature 289K' 
_exptl_crystal_grow.pdbx_pH_range   . 
# 
_diffrn.id                     1 
_diffrn.ambient_temp           100 
_diffrn.ambient_temp_details   ? 
_diffrn.crystal_id             1 
# 
_diffrn_detector.diffrn_id              1 
_diffrn_detector.detector               CCD 
_diffrn_detector.type                   'ADSC QUANTUM 270' 
_diffrn_detector.pdbx_collection_date   2012-12-18 
_diffrn_detector.details                ? 
# 
_diffrn_radiation.diffrn_id                        1 
_diffrn_radiation.wavelength_id                    1 
_diffrn_radiation.pdbx_monochromatic_or_laue_m_l   M 
_diffrn_radiation.monochromator                    ? 
_diffrn_radiation.pdbx_diffrn_protocol             'SINGLE WAVELENGTH' 
_diffrn_radiation.pdbx_scattering_type             x-ray 
# 
_diffrn_radiation_wavelength.id           1 
_diffrn_radiation_wavelength.wavelength   1.000 
_diffrn_radiation_wavelength.wt           1.0 
# 
_diffrn_source.diffrn_id                   1 
_diffrn_source.source                      SYNCHROTRON 
_diffrn_source.type                        'PHOTON FACTORY BEAMLINE BL-17A' 
_diffrn_source.pdbx_synchrotron_site       'Photon Factory' 
_diffrn_source.pdbx_synchrotron_beamline   BL-17A 
_diffrn_source.pdbx_wavelength             ? 
_diffrn_source.pdbx_wavelength_list        1.000 
# 
_reflns.entry_id                     4K7E 
_reflns.observed_criterion_sigma_I   3.0 
_reflns.observed_criterion_sigma_F   3.0 
_reflns.d_resolution_low             39.26 
_reflns.d_resolution_high            2.2 
_reflns.number_obs                   11370 
_reflns.number_all                   11382 
_reflns.percent_possible_obs         99.8 
_reflns.pdbx_Rmerge_I_obs            ? 
_reflns.pdbx_Rsym_value              ? 
_reflns.pdbx_netI_over_sigmaI        ? 
_reflns.B_iso_Wilson_estimate        32.110 
_reflns.pdbx_redundancy              ? 
_reflns.R_free_details               ? 
_reflns.limit_h_max                  ? 
_reflns.limit_h_min                  ? 
_reflns.limit_k_max                  ? 
_reflns.limit_k_min                  ? 
_reflns.limit_l_max                  ? 
_reflns.limit_l_min                  ? 
_reflns.observed_criterion_F_max     ? 
_reflns.observed_criterion_F_min     ? 
_reflns.pdbx_chi_squared             ? 
_reflns.pdbx_scaling_rejects         ? 
_reflns.pdbx_ordinal                 1 
_reflns.pdbx_diffrn_id               1 
# 
_reflns_shell.d_res_high                  2.20 
_reflns_shell.d_res_low                   2.24 
_reflns_shell.percent_possible_all        99.8 
_reflns_shell.Rmerge_I_obs                0.083 
_reflns_shell.pdbx_Rsym_value             ? 
_reflns_shell.meanI_over_sigI_obs         53.5 
_reflns_shell.pdbx_redundancy             10.7 
_reflns_shell.percent_possible_obs        ? 
_reflns_shell.number_unique_all           11382 
_reflns_shell.number_measured_all         ? 
_reflns_shell.number_measured_obs         ? 
_reflns_shell.number_unique_obs           ? 
_reflns_shell.pdbx_chi_squared            ? 
_reflns_shell.pdbx_rejects                ? 
_reflns_shell.pdbx_netI_over_sigmaI_obs   ? 
_reflns_shell.number_possible             ? 
_reflns_shell.Rmerge_F_all                ? 
_reflns_shell.Rmerge_F_obs                ? 
_reflns_shell.Rmerge_I_all                ? 
_reflns_shell.meanI_over_sigI_all         ? 
_reflns_shell.pdbx_Rrim_I_all             ? 
_reflns_shell.pdbx_Rpim_I_all             ? 
_reflns_shell.pdbx_ordinal                1 
_reflns_shell.pdbx_diffrn_id              1 
# 
_refine.entry_id                                 4K7E 
_refine.ls_number_reflns_obs                     11370 
_refine.ls_number_reflns_all                     11382 
_refine.pdbx_ls_sigma_I                          ? 
_refine.pdbx_ls_sigma_F                          0.00 
_refine.pdbx_data_cutoff_high_absF               ? 
_refine.pdbx_data_cutoff_low_absF                ? 
_refine.pdbx_data_cutoff_high_rms_absF           ? 
_refine.ls_d_res_low                             39.256 
_refine.ls_d_res_high                            2.200 
_refine.ls_percent_reflns_obs                    99.65 
_refine.ls_R_factor_obs                          0.1979 
_refine.ls_R_factor_all                          ? 
_refine.ls_R_factor_R_work                       0.1965 
_refine.ls_R_factor_R_free                       0.2239 
_refine.ls_R_factor_R_free_error                 ? 
_refine.ls_R_factor_R_free_error_details         ? 
_refine.ls_percent_reflns_R_free                 4.78 
_refine.ls_number_reflns_R_free                  544 
_refine.ls_number_parameters                     ? 
_refine.ls_number_restraints                     ? 
_refine.correlation_coeff_Fo_to_Fc               ? 
_refine.correlation_coeff_Fo_to_Fc_free          ? 
_refine.B_iso_mean                               41.8034 
_refine.aniso_B[1][1]                            -17.1704 
_refine.aniso_B[2][2]                            24.6504 
_refine.aniso_B[3][3]                            -7.4801 
_refine.aniso_B[1][2]                            0.0000 
_refine.aniso_B[1][3]                            -0.0000 
_refine.aniso_B[2][3]                            -0.0000 
_refine.solvent_model_details                    'FLAT BULK SOLVENT MODEL' 
_refine.solvent_model_param_ksol                 0.373 
_refine.solvent_model_param_bsol                 45.851 
_refine.pdbx_solvent_vdw_probe_radii             1.10 
_refine.pdbx_solvent_ion_probe_radii             ? 
_refine.pdbx_solvent_shrinkage_radii             0.83 
_refine.pdbx_ls_cross_valid_method               ? 
_refine.details                                  ? 
_refine.pdbx_starting_model                      ? 
_refine.pdbx_method_to_determine_struct          'MOLECULAR REPLACEMENT' 
_refine.pdbx_isotropic_thermal_model             ? 
_refine.pdbx_stereochemistry_target_values       ML 
_refine.pdbx_stereochem_target_val_spec_case     ? 
_refine.pdbx_R_Free_selection_details            ? 
_refine.pdbx_overall_ESU_R                       ? 
_refine.pdbx_overall_ESU_R_Free                  ? 
_refine.overall_SU_ML                            0.23 
_refine.overall_FOM_work_R_set                   0.8133 
_refine.B_iso_max                                88.720 
_refine.B_iso_min                                20.000 
_refine.pdbx_overall_phase_error                 24.2200 
_refine.occupancy_max                            1.000 
_refine.occupancy_min                            0.390 
_refine.pdbx_diffrn_id                           1 
_refine.pdbx_refine_id                           'X-RAY DIFFRACTION' 
_refine.ls_redundancy_reflns_obs                 ? 
_refine.overall_SU_B                             ? 
_refine.overall_SU_R_Cruickshank_DPI             ? 
_refine.overall_SU_R_free                        ? 
_refine.ls_wR_factor_R_free                      ? 
_refine.ls_wR_factor_R_work                      ? 
_refine.overall_FOM_free_R_set                   ? 
_refine.pdbx_TLS_residual_ADP_flag               ? 
_refine.pdbx_overall_SU_R_free_Cruickshank_DPI   ? 
_refine.pdbx_overall_SU_R_Blow_DPI               ? 
_refine.pdbx_overall_SU_R_free_Blow_DPI          ? 
# 
_refine_hist.pdbx_refine_id                   'X-RAY DIFFRACTION' 
_refine_hist.cycle_id                         LAST 
_refine_hist.pdbx_number_atoms_protein        1198 
_refine_hist.pdbx_number_atoms_nucleic_acid   0 
_refine_hist.pdbx_number_atoms_ligand         0 
_refine_hist.number_atoms_solvent             78 
_refine_hist.number_atoms_total               1276 
_refine_hist.d_res_high                       2.200 
_refine_hist.d_res_low                        39.256 
# 
loop_
_refine_ls_restr.pdbx_refine_id 
_refine_ls_restr.type 
_refine_ls_restr.number 
_refine_ls_restr.dev_ideal 
_refine_ls_restr.dev_ideal_target 
_refine_ls_restr.weight 
_refine_ls_restr.pdbx_restraint_function 
'X-RAY DIFFRACTION' f_bond_d           1229 0.006  ? ? ? 
'X-RAY DIFFRACTION' f_angle_d          1668 1.004  ? ? ? 
'X-RAY DIFFRACTION' f_chiral_restr     190  0.064  ? ? ? 
'X-RAY DIFFRACTION' f_plane_restr      216  0.005  ? ? ? 
'X-RAY DIFFRACTION' f_dihedral_angle_d 465  14.837 ? ? ? 
# 
loop_
_refine_ls_shell.d_res_high 
_refine_ls_shell.d_res_low 
_refine_ls_shell.pdbx_total_number_of_bins_used 
_refine_ls_shell.percent_reflns_obs 
_refine_ls_shell.number_reflns_R_work 
_refine_ls_shell.R_factor_all 
_refine_ls_shell.R_factor_R_work 
_refine_ls_shell.R_factor_R_free 
_refine_ls_shell.percent_reflns_R_free 
_refine_ls_shell.number_reflns_R_free 
_refine_ls_shell.R_factor_R_free_error 
_refine_ls_shell.number_reflns_all 
_refine_ls_shell.number_reflns_obs 
_refine_ls_shell.pdbx_refine_id 
_refine_ls_shell.redundancy_reflns_obs 
2.1997 2.4210  4 100.0000 2636 . 0.2133 0.2620 . 139 . 2775 . 'X-RAY DIFFRACTION' . 
2.4210 2.7712  4 100.0000 2677 . 0.2178 0.3077 . 137 . 2814 . 'X-RAY DIFFRACTION' . 
2.7712 3.4911  4 100.0000 2692 . 0.2046 0.2465 . 135 . 2827 . 'X-RAY DIFFRACTION' . 
3.4911 39.2623 4 99.0000  2821 . 0.1825 0.1745 . 133 . 2954 . 'X-RAY DIFFRACTION' . 
# 
_struct.entry_id                  4K7E 
_struct.title                     'Crystal structure of Junin virus nucleoprotein' 
_struct.pdbx_model_details        ? 
_struct.pdbx_CASP_flag            ? 
_struct.pdbx_model_type_details   ? 
# 
_struct_keywords.entry_id        4K7E 
_struct_keywords.pdbx_keywords   'VIRAL PROTEIN' 
_struct_keywords.text            'alpha/beta/alpha sandwich, nucleoprotein, VIRAL PROTEIN' 
# 
loop_
_struct_asym.id 
_struct_asym.pdbx_blank_PDB_chainid_flag 
_struct_asym.pdbx_modified 
_struct_asym.entity_id 
_struct_asym.details 
A N N 1 ? 
B N N 2 ? 
# 
_struct_ref.id                         1 
_struct_ref.db_name                    UNP 
_struct_ref.db_code                    Q6IVU2_JUNIN 
_struct_ref.pdbx_db_accession          Q6IVU2 
_struct_ref.entity_id                  1 
_struct_ref.pdbx_seq_one_letter_code   
;PRQPEKNGQNLRLANLTEIQEAVIREAVGKLDPTNTLWLDIEGPATDPVEMALFQPAGKQYIHCFRKPHDEKGFKNGSRH
SHGILMKDIEDAMPGVLSYVIGLLPPDMVVTTQGSDDIRKLFDLHGRRDLKLVDVRLTSEQARQFDQQVWEKYGHLCKYH
NGVVVNKKKRDKDTPFKLASSEPHCALLDCIMFQSVLDGKLYEEELTPLLPSSLLFLPKAAYAL
;
_struct_ref.pdbx_align_begin           341 
_struct_ref.pdbx_db_isoform            ? 
# 
_struct_ref_seq.align_id                      1 
_struct_ref_seq.ref_id                        1 
_struct_ref_seq.pdbx_PDB_id_code              4K7E 
_struct_ref_seq.pdbx_strand_id                A 
_struct_ref_seq.seq_align_beg                 13 
_struct_ref_seq.pdbx_seq_align_beg_ins_code   ? 
_struct_ref_seq.seq_align_end                 236 
_struct_ref_seq.pdbx_seq_align_end_ins_code   ? 
_struct_ref_seq.pdbx_db_accession             Q6IVU2 
_struct_ref_seq.db_align_beg                  341 
_struct_ref_seq.pdbx_db_align_beg_ins_code    ? 
_struct_ref_seq.db_align_end                  564 
_struct_ref_seq.pdbx_db_align_end_ins_code    ? 
_struct_ref_seq.pdbx_auth_seq_align_beg       341 
_struct_ref_seq.pdbx_auth_seq_align_end       564 
# 
loop_
_struct_ref_seq_dif.align_id 
_struct_ref_seq_dif.pdbx_pdb_id_code 
_struct_ref_seq_dif.mon_id 
_struct_ref_seq_dif.pdbx_pdb_strand_id 
_struct_ref_seq_dif.seq_num 
_struct_ref_seq_dif.pdbx_pdb_ins_code 
_struct_ref_seq_dif.pdbx_seq_db_name 
_struct_ref_seq_dif.pdbx_seq_db_accession_code 
_struct_ref_seq_dif.db_mon_id 
_struct_ref_seq_dif.pdbx_seq_db_seq_num 
_struct_ref_seq_dif.details 
_struct_ref_seq_dif.pdbx_auth_seq_num 
_struct_ref_seq_dif.pdbx_ordinal 
1 4K7E LEU A 1  ? UNP Q6IVU2 ? ? 'expression tag' 329 1  
1 4K7E GLU A 2  ? UNP Q6IVU2 ? ? 'expression tag' 330 2  
1 4K7E VAL A 3  ? UNP Q6IVU2 ? ? 'expression tag' 331 3  
1 4K7E LEU A 4  ? UNP Q6IVU2 ? ? 'expression tag' 332 4  
1 4K7E PHE A 5  ? UNP Q6IVU2 ? ? 'expression tag' 333 5  
1 4K7E GLN A 6  ? UNP Q6IVU2 ? ? 'expression tag' 334 6  
1 4K7E GLY A 7  ? UNP Q6IVU2 ? ? 'expression tag' 335 7  
1 4K7E PRO A 8  ? UNP Q6IVU2 ? ? 'expression tag' 336 8  
1 4K7E LEU A 9  ? UNP Q6IVU2 ? ? 'expression tag' 337 9  
1 4K7E GLY A 10 ? UNP Q6IVU2 ? ? 'expression tag' 338 10 
1 4K7E SER A 11 ? UNP Q6IVU2 ? ? 'expression tag' 339 11 
1 4K7E MET A 12 ? UNP Q6IVU2 ? ? 'expression tag' 340 12 
# 
loop_
_pdbx_struct_assembly.id 
_pdbx_struct_assembly.details 
_pdbx_struct_assembly.method_details 
_pdbx_struct_assembly.oligomeric_details 
_pdbx_struct_assembly.oligomeric_count 
1 author_defined_assembly   ?    monomeric 1 
2 software_defined_assembly PISA dimeric   2 
# 
loop_
_pdbx_struct_assembly_prop.biol_id 
_pdbx_struct_assembly_prop.type 
_pdbx_struct_assembly_prop.value 
_pdbx_struct_assembly_prop.details 
2 'ABSA (A^2)' 1470  ? 
2 MORE         -3    ? 
2 'SSA (A^2)'  14930 ? 
# 
loop_
_pdbx_struct_assembly_gen.assembly_id 
_pdbx_struct_assembly_gen.oper_expression 
_pdbx_struct_assembly_gen.asym_id_list 
1 1   A,B 
2 1,2 A,B 
# 
loop_
_pdbx_struct_oper_list.id 
_pdbx_struct_oper_list.type 
_pdbx_struct_oper_list.name 
_pdbx_struct_oper_list.symmetry_operation 
_pdbx_struct_oper_list.matrix[1][1] 
_pdbx_struct_oper_list.matrix[1][2] 
_pdbx_struct_oper_list.matrix[1][3] 
_pdbx_struct_oper_list.vector[1] 
_pdbx_struct_oper_list.matrix[2][1] 
_pdbx_struct_oper_list.matrix[2][2] 
_pdbx_struct_oper_list.matrix[2][3] 
_pdbx_struct_oper_list.vector[2] 
_pdbx_struct_oper_list.matrix[3][1] 
_pdbx_struct_oper_list.matrix[3][2] 
_pdbx_struct_oper_list.matrix[3][3] 
_pdbx_struct_oper_list.vector[3] 
1 'identity operation'         1_555 x,y,z       1.0000000000 0.0000000000 0.0000000000 0.0000000000  0.0000000000 1.0000000000  0.0000000000 0.0000000000  0.0000000000 0.0000000000 1.0000000000  0.0000000000  
2 'crystal symmetry operation' 7_555 -x+1/2,y,-z 0.7625758586 0.3401410939 0.5502563912 -5.5646950710 0.3401410939 -0.9343597252 0.1061882301 29.4054596549 0.5502563912 0.1061882301 -0.8282161334 -0.3522140283 
# 
_struct_biol.id        1 
_struct_biol.details   ? 
# 
loop_
_struct_conf.conf_type_id 
_struct_conf.id 
_struct_conf.pdbx_PDB_helix_id 
_struct_conf.beg_label_comp_id 
_struct_conf.beg_label_asym_id 
_struct_conf.beg_label_seq_id 
_struct_conf.pdbx_beg_PDB_ins_code 
_struct_conf.end_label_comp_id 
_struct_conf.end_label_asym_id 
_struct_conf.end_label_seq_id 
_struct_conf.pdbx_end_PDB_ins_code 
_struct_conf.beg_auth_comp_id 
_struct_conf.beg_auth_asym_id 
_struct_conf.beg_auth_seq_id 
_struct_conf.end_auth_comp_id 
_struct_conf.end_auth_asym_id 
_struct_conf.end_auth_seq_id 
_struct_conf.pdbx_PDB_helix_class 
_struct_conf.details 
_struct_conf.pdbx_PDB_helix_length 
HELX_P HELX_P1 1 THR A 29  ? LYS A 42  ? THR A 357 LYS A 370 1 ? 14 
HELX_P HELX_P2 2 MET A 105 ? LEU A 116 ? MET A 433 LEU A 444 1 ? 12 
HELX_P HELX_P3 3 SER A 127 ? HIS A 137 ? SER A 455 HIS A 465 1 ? 11 
HELX_P HELX_P4 4 THR A 150 ? ARG A 155 ? THR A 478 ARG A 483 1 ? 6  
HELX_P HELX_P5 5 PHE A 157 ? GLY A 166 ? PHE A 485 GLY A 494 1 ? 10 
HELX_P HELX_P6 6 HIS A 167 ? CYS A 169 ? HIS A 495 CYS A 497 5 ? 3  
HELX_P HELX_P7 7 CYS A 197 ? GLY A 211 ? CYS A 525 GLY A 539 1 ? 15 
# 
_struct_conf_type.id          HELX_P 
_struct_conf_type.criteria    ? 
_struct_conf_type.reference   ? 
# 
_struct_conn.id                            disulf1 
_struct_conn.conn_type_id                  disulf 
_struct_conn.pdbx_leaving_atom_flag        ? 
_struct_conn.pdbx_PDB_id                   ? 
_struct_conn.ptnr1_label_asym_id           A 
_struct_conn.ptnr1_label_comp_id           CYS 
_struct_conn.ptnr1_label_seq_id            169 
_struct_conn.ptnr1_label_atom_id           SG 
_struct_conn.pdbx_ptnr1_label_alt_id       B 
_struct_conn.pdbx_ptnr1_PDB_ins_code       ? 
_struct_conn.pdbx_ptnr1_standard_comp_id   ? 
_struct_conn.ptnr1_symmetry                1_555 
_struct_conn.ptnr2_label_asym_id           A 
_struct_conn.ptnr2_label_comp_id           CYS 
_struct_conn.ptnr2_label_seq_id            197 
_struct_conn.ptnr2_label_atom_id           SG 
_struct_conn.pdbx_ptnr2_label_alt_id       ? 
_struct_conn.pdbx_ptnr2_PDB_ins_code       ? 
_struct_conn.ptnr1_auth_asym_id            A 
_struct_conn.ptnr1_auth_comp_id            CYS 
_struct_conn.ptnr1_auth_seq_id             497 
_struct_conn.ptnr2_auth_asym_id            A 
_struct_conn.ptnr2_auth_comp_id            CYS 
_struct_conn.ptnr2_auth_seq_id             525 
_struct_conn.ptnr2_symmetry                1_555 
_struct_conn.pdbx_ptnr3_label_atom_id      ? 
_struct_conn.pdbx_ptnr3_label_seq_id       ? 
_struct_conn.pdbx_ptnr3_label_comp_id      ? 
_struct_conn.pdbx_ptnr3_label_asym_id      ? 
_struct_conn.pdbx_ptnr3_label_alt_id       ? 
_struct_conn.pdbx_ptnr3_PDB_ins_code       ? 
_struct_conn.details                       ? 
_struct_conn.pdbx_dist_value               2.033 
_struct_conn.pdbx_value_order              ? 
_struct_conn.pdbx_role                     ? 
# 
_struct_conn_type.id          disulf 
_struct_conn_type.criteria    ? 
_struct_conn_type.reference   ? 
# 
_pdbx_modification_feature.ordinal                            1 
_pdbx_modification_feature.label_comp_id                      CYS 
_pdbx_modification_feature.label_asym_id                      A 
_pdbx_modification_feature.label_seq_id                       169 
_pdbx_modification_feature.label_alt_id                       B 
_pdbx_modification_feature.modified_residue_label_comp_id     CYS 
_pdbx_modification_feature.modified_residue_label_asym_id     A 
_pdbx_modification_feature.modified_residue_label_seq_id      197 
_pdbx_modification_feature.modified_residue_label_alt_id      ? 
_pdbx_modification_feature.auth_comp_id                       CYS 
_pdbx_modification_feature.auth_asym_id                       A 
_pdbx_modification_feature.auth_seq_id                        497 
_pdbx_modification_feature.PDB_ins_code                       ? 
_pdbx_modification_feature.symmetry                           1_555 
_pdbx_modification_feature.modified_residue_auth_comp_id      CYS 
_pdbx_modification_feature.modified_residue_auth_asym_id      A 
_pdbx_modification_feature.modified_residue_auth_seq_id       525 
_pdbx_modification_feature.modified_residue_PDB_ins_code      ? 
_pdbx_modification_feature.modified_residue_symmetry          1_555 
_pdbx_modification_feature.comp_id_linking_atom               SG 
_pdbx_modification_feature.modified_residue_id_linking_atom   SG 
_pdbx_modification_feature.modified_residue_id                . 
_pdbx_modification_feature.ref_pcm_id                         . 
_pdbx_modification_feature.ref_comp_id                        . 
_pdbx_modification_feature.type                               None 
_pdbx_modification_feature.category                           'Disulfide bridge' 
# 
loop_
_struct_sheet.id 
_struct_sheet.type 
_struct_sheet.number_strands 
_struct_sheet.details 
A ? 4 ? 
B ? 2 ? 
# 
loop_
_struct_sheet_order.sheet_id 
_struct_sheet_order.range_id_1 
_struct_sheet_order.range_id_2 
_struct_sheet_order.offset 
_struct_sheet_order.sense 
A 1 2 ? anti-parallel 
A 2 3 ? anti-parallel 
A 3 4 ? parallel      
B 1 2 ? parallel      
# 
loop_
_struct_sheet_range.sheet_id 
_struct_sheet_range.id 
_struct_sheet_range.beg_label_comp_id 
_struct_sheet_range.beg_label_asym_id 
_struct_sheet_range.beg_label_seq_id 
_struct_sheet_range.pdbx_beg_PDB_ins_code 
_struct_sheet_range.end_label_comp_id 
_struct_sheet_range.end_label_asym_id 
_struct_sheet_range.end_label_seq_id 
_struct_sheet_range.pdbx_end_PDB_ins_code 
_struct_sheet_range.beg_auth_comp_id 
_struct_sheet_range.beg_auth_asym_id 
_struct_sheet_range.beg_auth_seq_id 
_struct_sheet_range.end_auth_comp_id 
_struct_sheet_range.end_auth_asym_id 
_struct_sheet_range.end_auth_seq_id 
A 1 TRP A 50  ? GLU A 54  ? TRP A 378 GLU A 382 
A 2 GLU A 62  ? GLN A 67  ? GLU A 390 GLN A 395 
A 3 GLN A 72  ? PHE A 77  ? GLN A 400 PHE A 405 
A 4 THR A 219 ? PRO A 220 ? THR A 547 PRO A 548 
B 1 VAL A 121 ? THR A 124 ? VAL A 449 THR A 452 
B 2 LYS A 143 ? ASP A 146 ? LYS A 471 ASP A 474 
# 
loop_
_pdbx_struct_sheet_hbond.sheet_id 
_pdbx_struct_sheet_hbond.range_id_1 
_pdbx_struct_sheet_hbond.range_id_2 
_pdbx_struct_sheet_hbond.range_1_label_atom_id 
_pdbx_struct_sheet_hbond.range_1_label_comp_id 
_pdbx_struct_sheet_hbond.range_1_label_asym_id 
_pdbx_struct_sheet_hbond.range_1_label_seq_id 
_pdbx_struct_sheet_hbond.range_1_PDB_ins_code 
_pdbx_struct_sheet_hbond.range_1_auth_atom_id 
_pdbx_struct_sheet_hbond.range_1_auth_comp_id 
_pdbx_struct_sheet_hbond.range_1_auth_asym_id 
_pdbx_struct_sheet_hbond.range_1_auth_seq_id 
_pdbx_struct_sheet_hbond.range_2_label_atom_id 
_pdbx_struct_sheet_hbond.range_2_label_comp_id 
_pdbx_struct_sheet_hbond.range_2_label_asym_id 
_pdbx_struct_sheet_hbond.range_2_label_seq_id 
_pdbx_struct_sheet_hbond.range_2_PDB_ins_code 
_pdbx_struct_sheet_hbond.range_2_auth_atom_id 
_pdbx_struct_sheet_hbond.range_2_auth_comp_id 
_pdbx_struct_sheet_hbond.range_2_auth_asym_id 
_pdbx_struct_sheet_hbond.range_2_auth_seq_id 
A 1 2 N TRP A 50  ? N TRP A 378 O PHE A 66  ? O PHE A 394 
A 2 3 N LEU A 65  ? N LEU A 393 O ILE A 74  ? O ILE A 402 
A 3 4 N TYR A 73  ? N TYR A 401 O THR A 219 ? O THR A 547 
B 1 2 N VAL A 122 ? N VAL A 450 O LYS A 143 ? O LYS A 471 
# 
_pdbx_entry_details.entry_id                   4K7E 
_pdbx_entry_details.compound_details           ? 
_pdbx_entry_details.source_details             ? 
_pdbx_entry_details.nonpolymer_details         ? 
_pdbx_entry_details.sequence_details           ? 
_pdbx_entry_details.has_ligand_of_interest     ? 
_pdbx_entry_details.has_protein_modification   Y 
# 
loop_
_pdbx_validate_torsion.id 
_pdbx_validate_torsion.PDB_model_num 
_pdbx_validate_torsion.auth_comp_id 
_pdbx_validate_torsion.auth_asym_id 
_pdbx_validate_torsion.auth_seq_id 
_pdbx_validate_torsion.PDB_ins_code 
_pdbx_validate_torsion.label_alt_id 
_pdbx_validate_torsion.phi 
_pdbx_validate_torsion.psi 
1 1 ARG A 476 ? ? -99.49  56.10  
2 1 GLU A 543 ? ? -142.35 38.73  
3 1 SER A 552 ? ? -21.55  108.79 
# 
loop_
_pdbx_unobs_or_zero_occ_residues.id 
_pdbx_unobs_or_zero_occ_residues.PDB_model_num 
_pdbx_unobs_or_zero_occ_residues.polymer_flag 
_pdbx_unobs_or_zero_occ_residues.occupancy_flag 
_pdbx_unobs_or_zero_occ_residues.auth_asym_id 
_pdbx_unobs_or_zero_occ_residues.auth_comp_id 
_pdbx_unobs_or_zero_occ_residues.auth_seq_id 
_pdbx_unobs_or_zero_occ_residues.PDB_ins_code 
_pdbx_unobs_or_zero_occ_residues.label_asym_id 
_pdbx_unobs_or_zero_occ_residues.label_comp_id 
_pdbx_unobs_or_zero_occ_residues.label_seq_id 
1  1 Y 1 A LEU 329 ? A LEU 1   
2  1 Y 1 A GLU 330 ? A GLU 2   
3  1 Y 1 A VAL 331 ? A VAL 3   
4  1 Y 1 A LEU 332 ? A LEU 4   
5  1 Y 1 A PHE 333 ? A PHE 5   
6  1 Y 1 A GLN 334 ? A GLN 6   
7  1 Y 1 A GLY 335 ? A GLY 7   
8  1 Y 1 A PRO 336 ? A PRO 8   
9  1 Y 1 A LEU 337 ? A LEU 9   
10 1 Y 1 A GLY 338 ? A GLY 10  
11 1 Y 1 A SER 339 ? A SER 11  
12 1 Y 1 A MET 340 ? A MET 12  
13 1 Y 1 A PRO 341 ? A PRO 13  
14 1 Y 1 A ARG 342 ? A ARG 14  
15 1 Y 1 A GLN 343 ? A GLN 15  
16 1 Y 1 A PRO 344 ? A PRO 16  
17 1 Y 1 A GLU 345 ? A GLU 17  
18 1 Y 1 A LYS 346 ? A LYS 18  
19 1 Y 1 A ASN 347 ? A ASN 19  
20 1 Y 1 A GLY 348 ? A GLY 20  
21 1 Y 1 A GLN 349 ? A GLN 21  
22 1 Y 1 A ASN 350 ? A ASN 22  
23 1 Y 1 A LEU 351 ? A LEU 23  
24 1 Y 1 A ARG 352 ? A ARG 24  
25 1 Y 1 A LEU 353 ? A LEU 25  
26 1 Y 1 A ALA 354 ? A ALA 26  
27 1 Y 1 A LYS 407 ? A LYS 79  
28 1 Y 1 A PRO 408 ? A PRO 80  
29 1 Y 1 A HIS 409 ? A HIS 81  
30 1 Y 1 A ASP 410 ? A ASP 82  
31 1 Y 1 A GLU 411 ? A GLU 83  
32 1 Y 1 A LYS 412 ? A LYS 84  
33 1 Y 1 A GLY 413 ? A GLY 85  
34 1 Y 1 A PHE 414 ? A PHE 86  
35 1 Y 1 A LYS 415 ? A LYS 87  
36 1 Y 1 A ASN 416 ? A ASN 88  
37 1 Y 1 A GLY 417 ? A GLY 89  
38 1 Y 1 A SER 418 ? A SER 90  
39 1 Y 1 A ARG 419 ? A ARG 91  
40 1 Y 1 A HIS 420 ? A HIS 92  
41 1 Y 1 A SER 421 ? A SER 93  
42 1 Y 1 A HIS 422 ? A HIS 94  
43 1 Y 1 A GLY 423 ? A GLY 95  
44 1 Y 1 A ILE 424 ? A ILE 96  
45 1 Y 1 A LEU 425 ? A LEU 97  
46 1 Y 1 A MET 426 ? A MET 98  
47 1 Y 1 A LYS 427 ? A LYS 99  
48 1 Y 1 A ASP 428 ? A ASP 100 
49 1 Y 1 A ILE 429 ? A ILE 101 
50 1 Y 1 A GLU 430 ? A GLU 102 
51 1 Y 1 A ASP 431 ? A ASP 103 
52 1 Y 1 A TYR 499 ? A TYR 171 
53 1 Y 1 A HIS 500 ? A HIS 172 
54 1 Y 1 A ASN 501 ? A ASN 173 
55 1 Y 1 A GLY 502 ? A GLY 174 
56 1 Y 1 A VAL 503 ? A VAL 175 
57 1 Y 1 A VAL 504 ? A VAL 176 
58 1 Y 1 A VAL 505 ? A VAL 177 
59 1 Y 1 A ASN 506 ? A ASN 178 
60 1 Y 1 A LYS 507 ? A LYS 179 
61 1 Y 1 A LYS 508 ? A LYS 180 
62 1 Y 1 A LYS 509 ? A LYS 181 
63 1 Y 1 A ARG 510 ? A ARG 182 
64 1 Y 1 A ASP 511 ? A ASP 183 
65 1 Y 1 A LYS 512 ? A LYS 184 
66 1 Y 1 A ASP 513 ? A ASP 185 
67 1 Y 1 A THR 514 ? A THR 186 
68 1 Y 1 A PRO 515 ? A PRO 187 
69 1 Y 1 A PHE 516 ? A PHE 188 
70 1 Y 1 A LYS 517 ? A LYS 189 
71 1 Y 1 A LEU 518 ? A LEU 190 
72 1 Y 1 A ALA 519 ? A ALA 191 
73 1 Y 1 A SER 520 ? A SER 192 
74 1 Y 1 A SER 521 ? A SER 193 
75 1 Y 1 A LEU 554 ? A LEU 226 
76 1 Y 1 A LEU 555 ? A LEU 227 
77 1 Y 1 A PHE 556 ? A PHE 228 
78 1 Y 1 A LEU 557 ? A LEU 229 
79 1 Y 1 A PRO 558 ? A PRO 230 
80 1 Y 1 A LYS 559 ? A LYS 231 
81 1 Y 1 A ALA 560 ? A ALA 232 
82 1 Y 1 A ALA 561 ? A ALA 233 
83 1 Y 1 A TYR 562 ? A TYR 234 
84 1 Y 1 A ALA 563 ? A ALA 235 
85 1 Y 1 A LEU 564 ? A LEU 236 
# 
loop_
_chem_comp_atom.comp_id 
_chem_comp_atom.atom_id 
_chem_comp_atom.type_symbol 
_chem_comp_atom.pdbx_aromatic_flag 
_chem_comp_atom.pdbx_stereo_config 
_chem_comp_atom.pdbx_ordinal 
ALA N    N N N 1   
ALA CA   C N S 2   
ALA C    C N N 3   
ALA O    O N N 4   
ALA CB   C N N 5   
ALA OXT  O N N 6   
ALA H    H N N 7   
ALA H2   H N N 8   
ALA HA   H N N 9   
ALA HB1  H N N 10  
ALA HB2  H N N 11  
ALA HB3  H N N 12  
ALA HXT  H N N 13  
ARG N    N N N 14  
ARG CA   C N S 15  
ARG C    C N N 16  
ARG O    O N N 17  
ARG CB   C N N 18  
ARG CG   C N N 19  
ARG CD   C N N 20  
ARG NE   N N N 21  
ARG CZ   C N N 22  
ARG NH1  N N N 23  
ARG NH2  N N N 24  
ARG OXT  O N N 25  
ARG H    H N N 26  
ARG H2   H N N 27  
ARG HA   H N N 28  
ARG HB2  H N N 29  
ARG HB3  H N N 30  
ARG HG2  H N N 31  
ARG HG3  H N N 32  
ARG HD2  H N N 33  
ARG HD3  H N N 34  
ARG HE   H N N 35  
ARG HH11 H N N 36  
ARG HH12 H N N 37  
ARG HH21 H N N 38  
ARG HH22 H N N 39  
ARG HXT  H N N 40  
ASN N    N N N 41  
ASN CA   C N S 42  
ASN C    C N N 43  
ASN O    O N N 44  
ASN CB   C N N 45  
ASN CG   C N N 46  
ASN OD1  O N N 47  
ASN ND2  N N N 48  
ASN OXT  O N N 49  
ASN H    H N N 50  
ASN H2   H N N 51  
ASN HA   H N N 52  
ASN HB2  H N N 53  
ASN HB3  H N N 54  
ASN HD21 H N N 55  
ASN HD22 H N N 56  
ASN HXT  H N N 57  
ASP N    N N N 58  
ASP CA   C N S 59  
ASP C    C N N 60  
ASP O    O N N 61  
ASP CB   C N N 62  
ASP CG   C N N 63  
ASP OD1  O N N 64  
ASP OD2  O N N 65  
ASP OXT  O N N 66  
ASP H    H N N 67  
ASP H2   H N N 68  
ASP HA   H N N 69  
ASP HB2  H N N 70  
ASP HB3  H N N 71  
ASP HD2  H N N 72  
ASP HXT  H N N 73  
CYS N    N N N 74  
CYS CA   C N R 75  
CYS C    C N N 76  
CYS O    O N N 77  
CYS CB   C N N 78  
CYS SG   S N N 79  
CYS OXT  O N N 80  
CYS H    H N N 81  
CYS H2   H N N 82  
CYS HA   H N N 83  
CYS HB2  H N N 84  
CYS HB3  H N N 85  
CYS HG   H N N 86  
CYS HXT  H N N 87  
GLN N    N N N 88  
GLN CA   C N S 89  
GLN C    C N N 90  
GLN O    O N N 91  
GLN CB   C N N 92  
GLN CG   C N N 93  
GLN CD   C N N 94  
GLN OE1  O N N 95  
GLN NE2  N N N 96  
GLN OXT  O N N 97  
GLN H    H N N 98  
GLN H2   H N N 99  
GLN HA   H N N 100 
GLN HB2  H N N 101 
GLN HB3  H N N 102 
GLN HG2  H N N 103 
GLN HG3  H N N 104 
GLN HE21 H N N 105 
GLN HE22 H N N 106 
GLN HXT  H N N 107 
GLU N    N N N 108 
GLU CA   C N S 109 
GLU C    C N N 110 
GLU O    O N N 111 
GLU CB   C N N 112 
GLU CG   C N N 113 
GLU CD   C N N 114 
GLU OE1  O N N 115 
GLU OE2  O N N 116 
GLU OXT  O N N 117 
GLU H    H N N 118 
GLU H2   H N N 119 
GLU HA   H N N 120 
GLU HB2  H N N 121 
GLU HB3  H N N 122 
GLU HG2  H N N 123 
GLU HG3  H N N 124 
GLU HE2  H N N 125 
GLU HXT  H N N 126 
GLY N    N N N 127 
GLY CA   C N N 128 
GLY C    C N N 129 
GLY O    O N N 130 
GLY OXT  O N N 131 
GLY H    H N N 132 
GLY H2   H N N 133 
GLY HA2  H N N 134 
GLY HA3  H N N 135 
GLY HXT  H N N 136 
HIS N    N N N 137 
HIS CA   C N S 138 
HIS C    C N N 139 
HIS O    O N N 140 
HIS CB   C N N 141 
HIS CG   C Y N 142 
HIS ND1  N Y N 143 
HIS CD2  C Y N 144 
HIS CE1  C Y N 145 
HIS NE2  N Y N 146 
HIS OXT  O N N 147 
HIS H    H N N 148 
HIS H2   H N N 149 
HIS HA   H N N 150 
HIS HB2  H N N 151 
HIS HB3  H N N 152 
HIS HD1  H N N 153 
HIS HD2  H N N 154 
HIS HE1  H N N 155 
HIS HE2  H N N 156 
HIS HXT  H N N 157 
HOH O    O N N 158 
HOH H1   H N N 159 
HOH H2   H N N 160 
ILE N    N N N 161 
ILE CA   C N S 162 
ILE C    C N N 163 
ILE O    O N N 164 
ILE CB   C N S 165 
ILE CG1  C N N 166 
ILE CG2  C N N 167 
ILE CD1  C N N 168 
ILE OXT  O N N 169 
ILE H    H N N 170 
ILE H2   H N N 171 
ILE HA   H N N 172 
ILE HB   H N N 173 
ILE HG12 H N N 174 
ILE HG13 H N N 175 
ILE HG21 H N N 176 
ILE HG22 H N N 177 
ILE HG23 H N N 178 
ILE HD11 H N N 179 
ILE HD12 H N N 180 
ILE HD13 H N N 181 
ILE HXT  H N N 182 
LEU N    N N N 183 
LEU CA   C N S 184 
LEU C    C N N 185 
LEU O    O N N 186 
LEU CB   C N N 187 
LEU CG   C N N 188 
LEU CD1  C N N 189 
LEU CD2  C N N 190 
LEU OXT  O N N 191 
LEU H    H N N 192 
LEU H2   H N N 193 
LEU HA   H N N 194 
LEU HB2  H N N 195 
LEU HB3  H N N 196 
LEU HG   H N N 197 
LEU HD11 H N N 198 
LEU HD12 H N N 199 
LEU HD13 H N N 200 
LEU HD21 H N N 201 
LEU HD22 H N N 202 
LEU HD23 H N N 203 
LEU HXT  H N N 204 
LYS N    N N N 205 
LYS CA   C N S 206 
LYS C    C N N 207 
LYS O    O N N 208 
LYS CB   C N N 209 
LYS CG   C N N 210 
LYS CD   C N N 211 
LYS CE   C N N 212 
LYS NZ   N N N 213 
LYS OXT  O N N 214 
LYS H    H N N 215 
LYS H2   H N N 216 
LYS HA   H N N 217 
LYS HB2  H N N 218 
LYS HB3  H N N 219 
LYS HG2  H N N 220 
LYS HG3  H N N 221 
LYS HD2  H N N 222 
LYS HD3  H N N 223 
LYS HE2  H N N 224 
LYS HE3  H N N 225 
LYS HZ1  H N N 226 
LYS HZ2  H N N 227 
LYS HZ3  H N N 228 
LYS HXT  H N N 229 
MET N    N N N 230 
MET CA   C N S 231 
MET C    C N N 232 
MET O    O N N 233 
MET CB   C N N 234 
MET CG   C N N 235 
MET SD   S N N 236 
MET CE   C N N 237 
MET OXT  O N N 238 
MET H    H N N 239 
MET H2   H N N 240 
MET HA   H N N 241 
MET HB2  H N N 242 
MET HB3  H N N 243 
MET HG2  H N N 244 
MET HG3  H N N 245 
MET HE1  H N N 246 
MET HE2  H N N 247 
MET HE3  H N N 248 
MET HXT  H N N 249 
PHE N    N N N 250 
PHE CA   C N S 251 
PHE C    C N N 252 
PHE O    O N N 253 
PHE CB   C N N 254 
PHE CG   C Y N 255 
PHE CD1  C Y N 256 
PHE CD2  C Y N 257 
PHE CE1  C Y N 258 
PHE CE2  C Y N 259 
PHE CZ   C Y N 260 
PHE OXT  O N N 261 
PHE H    H N N 262 
PHE H2   H N N 263 
PHE HA   H N N 264 
PHE HB2  H N N 265 
PHE HB3  H N N 266 
PHE HD1  H N N 267 
PHE HD2  H N N 268 
PHE HE1  H N N 269 
PHE HE2  H N N 270 
PHE HZ   H N N 271 
PHE HXT  H N N 272 
PRO N    N N N 273 
PRO CA   C N S 274 
PRO C    C N N 275 
PRO O    O N N 276 
PRO CB   C N N 277 
PRO CG   C N N 278 
PRO CD   C N N 279 
PRO OXT  O N N 280 
PRO H    H N N 281 
PRO HA   H N N 282 
PRO HB2  H N N 283 
PRO HB3  H N N 284 
PRO HG2  H N N 285 
PRO HG3  H N N 286 
PRO HD2  H N N 287 
PRO HD3  H N N 288 
PRO HXT  H N N 289 
SER N    N N N 290 
SER CA   C N S 291 
SER C    C N N 292 
SER O    O N N 293 
SER CB   C N N 294 
SER OG   O N N 295 
SER OXT  O N N 296 
SER H    H N N 297 
SER H2   H N N 298 
SER HA   H N N 299 
SER HB2  H N N 300 
SER HB3  H N N 301 
SER HG   H N N 302 
SER HXT  H N N 303 
THR N    N N N 304 
THR CA   C N S 305 
THR C    C N N 306 
THR O    O N N 307 
THR CB   C N R 308 
THR OG1  O N N 309 
THR CG2  C N N 310 
THR OXT  O N N 311 
THR H    H N N 312 
THR H2   H N N 313 
THR HA   H N N 314 
THR HB   H N N 315 
THR HG1  H N N 316 
THR HG21 H N N 317 
THR HG22 H N N 318 
THR HG23 H N N 319 
THR HXT  H N N 320 
TRP N    N N N 321 
TRP CA   C N S 322 
TRP C    C N N 323 
TRP O    O N N 324 
TRP CB   C N N 325 
TRP CG   C Y N 326 
TRP CD1  C Y N 327 
TRP CD2  C Y N 328 
TRP NE1  N Y N 329 
TRP CE2  C Y N 330 
TRP CE3  C Y N 331 
TRP CZ2  C Y N 332 
TRP CZ3  C Y N 333 
TRP CH2  C Y N 334 
TRP OXT  O N N 335 
TRP H    H N N 336 
TRP H2   H N N 337 
TRP HA   H N N 338 
TRP HB2  H N N 339 
TRP HB3  H N N 340 
TRP HD1  H N N 341 
TRP HE1  H N N 342 
TRP HE3  H N N 343 
TRP HZ2  H N N 344 
TRP HZ3  H N N 345 
TRP HH2  H N N 346 
TRP HXT  H N N 347 
TYR N    N N N 348 
TYR CA   C N S 349 
TYR C    C N N 350 
TYR O    O N N 351 
TYR CB   C N N 352 
TYR CG   C Y N 353 
TYR CD1  C Y N 354 
TYR CD2  C Y N 355 
TYR CE1  C Y N 356 
TYR CE2  C Y N 357 
TYR CZ   C Y N 358 
TYR OH   O N N 359 
TYR OXT  O N N 360 
TYR H    H N N 361 
TYR H2   H N N 362 
TYR HA   H N N 363 
TYR HB2  H N N 364 
TYR HB3  H N N 365 
TYR HD1  H N N 366 
TYR HD2  H N N 367 
TYR HE1  H N N 368 
TYR HE2  H N N 369 
TYR HH   H N N 370 
TYR HXT  H N N 371 
VAL N    N N N 372 
VAL CA   C N S 373 
VAL C    C N N 374 
VAL O    O N N 375 
VAL CB   C N N 376 
VAL CG1  C N N 377 
VAL CG2  C N N 378 
VAL OXT  O N N 379 
VAL H    H N N 380 
VAL H2   H N N 381 
VAL HA   H N N 382 
VAL HB   H N N 383 
VAL HG11 H N N 384 
VAL HG12 H N N 385 
VAL HG13 H N N 386 
VAL HG21 H N N 387 
VAL HG22 H N N 388 
VAL HG23 H N N 389 
VAL HXT  H N N 390 
# 
loop_
_chem_comp_bond.comp_id 
_chem_comp_bond.atom_id_1 
_chem_comp_bond.atom_id_2 
_chem_comp_bond.value_order 
_chem_comp_bond.pdbx_aromatic_flag 
_chem_comp_bond.pdbx_stereo_config 
_chem_comp_bond.pdbx_ordinal 
ALA N   CA   sing N N 1   
ALA N   H    sing N N 2   
ALA N   H2   sing N N 3   
ALA CA  C    sing N N 4   
ALA CA  CB   sing N N 5   
ALA CA  HA   sing N N 6   
ALA C   O    doub N N 7   
ALA C   OXT  sing N N 8   
ALA CB  HB1  sing N N 9   
ALA CB  HB2  sing N N 10  
ALA CB  HB3  sing N N 11  
ALA OXT HXT  sing N N 12  
ARG N   CA   sing N N 13  
ARG N   H    sing N N 14  
ARG N   H2   sing N N 15  
ARG CA  C    sing N N 16  
ARG CA  CB   sing N N 17  
ARG CA  HA   sing N N 18  
ARG C   O    doub N N 19  
ARG C   OXT  sing N N 20  
ARG CB  CG   sing N N 21  
ARG CB  HB2  sing N N 22  
ARG CB  HB3  sing N N 23  
ARG CG  CD   sing N N 24  
ARG CG  HG2  sing N N 25  
ARG CG  HG3  sing N N 26  
ARG CD  NE   sing N N 27  
ARG CD  HD2  sing N N 28  
ARG CD  HD3  sing N N 29  
ARG NE  CZ   sing N N 30  
ARG NE  HE   sing N N 31  
ARG CZ  NH1  sing N N 32  
ARG CZ  NH2  doub N N 33  
ARG NH1 HH11 sing N N 34  
ARG NH1 HH12 sing N N 35  
ARG NH2 HH21 sing N N 36  
ARG NH2 HH22 sing N N 37  
ARG OXT HXT  sing N N 38  
ASN N   CA   sing N N 39  
ASN N   H    sing N N 40  
ASN N   H2   sing N N 41  
ASN CA  C    sing N N 42  
ASN CA  CB   sing N N 43  
ASN CA  HA   sing N N 44  
ASN C   O    doub N N 45  
ASN C   OXT  sing N N 46  
ASN CB  CG   sing N N 47  
ASN CB  HB2  sing N N 48  
ASN CB  HB3  sing N N 49  
ASN CG  OD1  doub N N 50  
ASN CG  ND2  sing N N 51  
ASN ND2 HD21 sing N N 52  
ASN ND2 HD22 sing N N 53  
ASN OXT HXT  sing N N 54  
ASP N   CA   sing N N 55  
ASP N   H    sing N N 56  
ASP N   H2   sing N N 57  
ASP CA  C    sing N N 58  
ASP CA  CB   sing N N 59  
ASP CA  HA   sing N N 60  
ASP C   O    doub N N 61  
ASP C   OXT  sing N N 62  
ASP CB  CG   sing N N 63  
ASP CB  HB2  sing N N 64  
ASP CB  HB3  sing N N 65  
ASP CG  OD1  doub N N 66  
ASP CG  OD2  sing N N 67  
ASP OD2 HD2  sing N N 68  
ASP OXT HXT  sing N N 69  
CYS N   CA   sing N N 70  
CYS N   H    sing N N 71  
CYS N   H2   sing N N 72  
CYS CA  C    sing N N 73  
CYS CA  CB   sing N N 74  
CYS CA  HA   sing N N 75  
CYS C   O    doub N N 76  
CYS C   OXT  sing N N 77  
CYS CB  SG   sing N N 78  
CYS CB  HB2  sing N N 79  
CYS CB  HB3  sing N N 80  
CYS SG  HG   sing N N 81  
CYS OXT HXT  sing N N 82  
GLN N   CA   sing N N 83  
GLN N   H    sing N N 84  
GLN N   H2   sing N N 85  
GLN CA  C    sing N N 86  
GLN CA  CB   sing N N 87  
GLN CA  HA   sing N N 88  
GLN C   O    doub N N 89  
GLN C   OXT  sing N N 90  
GLN CB  CG   sing N N 91  
GLN CB  HB2  sing N N 92  
GLN CB  HB3  sing N N 93  
GLN CG  CD   sing N N 94  
GLN CG  HG2  sing N N 95  
GLN CG  HG3  sing N N 96  
GLN CD  OE1  doub N N 97  
GLN CD  NE2  sing N N 98  
GLN NE2 HE21 sing N N 99  
GLN NE2 HE22 sing N N 100 
GLN OXT HXT  sing N N 101 
GLU N   CA   sing N N 102 
GLU N   H    sing N N 103 
GLU N   H2   sing N N 104 
GLU CA  C    sing N N 105 
GLU CA  CB   sing N N 106 
GLU CA  HA   sing N N 107 
GLU C   O    doub N N 108 
GLU C   OXT  sing N N 109 
GLU CB  CG   sing N N 110 
GLU CB  HB2  sing N N 111 
GLU CB  HB3  sing N N 112 
GLU CG  CD   sing N N 113 
GLU CG  HG2  sing N N 114 
GLU CG  HG3  sing N N 115 
GLU CD  OE1  doub N N 116 
GLU CD  OE2  sing N N 117 
GLU OE2 HE2  sing N N 118 
GLU OXT HXT  sing N N 119 
GLY N   CA   sing N N 120 
GLY N   H    sing N N 121 
GLY N   H2   sing N N 122 
GLY CA  C    sing N N 123 
GLY CA  HA2  sing N N 124 
GLY CA  HA3  sing N N 125 
GLY C   O    doub N N 126 
GLY C   OXT  sing N N 127 
GLY OXT HXT  sing N N 128 
HIS N   CA   sing N N 129 
HIS N   H    sing N N 130 
HIS N   H2   sing N N 131 
HIS CA  C    sing N N 132 
HIS CA  CB   sing N N 133 
HIS CA  HA   sing N N 134 
HIS C   O    doub N N 135 
HIS C   OXT  sing N N 136 
HIS CB  CG   sing N N 137 
HIS CB  HB2  sing N N 138 
HIS CB  HB3  sing N N 139 
HIS CG  ND1  sing Y N 140 
HIS CG  CD2  doub Y N 141 
HIS ND1 CE1  doub Y N 142 
HIS ND1 HD1  sing N N 143 
HIS CD2 NE2  sing Y N 144 
HIS CD2 HD2  sing N N 145 
HIS CE1 NE2  sing Y N 146 
HIS CE1 HE1  sing N N 147 
HIS NE2 HE2  sing N N 148 
HIS OXT HXT  sing N N 149 
HOH O   H1   sing N N 150 
HOH O   H2   sing N N 151 
ILE N   CA   sing N N 152 
ILE N   H    sing N N 153 
ILE N   H2   sing N N 154 
ILE CA  C    sing N N 155 
ILE CA  CB   sing N N 156 
ILE CA  HA   sing N N 157 
ILE C   O    doub N N 158 
ILE C   OXT  sing N N 159 
ILE CB  CG1  sing N N 160 
ILE CB  CG2  sing N N 161 
ILE CB  HB   sing N N 162 
ILE CG1 CD1  sing N N 163 
ILE CG1 HG12 sing N N 164 
ILE CG1 HG13 sing N N 165 
ILE CG2 HG21 sing N N 166 
ILE CG2 HG22 sing N N 167 
ILE CG2 HG23 sing N N 168 
ILE CD1 HD11 sing N N 169 
ILE CD1 HD12 sing N N 170 
ILE CD1 HD13 sing N N 171 
ILE OXT HXT  sing N N 172 
LEU N   CA   sing N N 173 
LEU N   H    sing N N 174 
LEU N   H2   sing N N 175 
LEU CA  C    sing N N 176 
LEU CA  CB   sing N N 177 
LEU CA  HA   sing N N 178 
LEU C   O    doub N N 179 
LEU C   OXT  sing N N 180 
LEU CB  CG   sing N N 181 
LEU CB  HB2  sing N N 182 
LEU CB  HB3  sing N N 183 
LEU CG  CD1  sing N N 184 
LEU CG  CD2  sing N N 185 
LEU CG  HG   sing N N 186 
LEU CD1 HD11 sing N N 187 
LEU CD1 HD12 sing N N 188 
LEU CD1 HD13 sing N N 189 
LEU CD2 HD21 sing N N 190 
LEU CD2 HD22 sing N N 191 
LEU CD2 HD23 sing N N 192 
LEU OXT HXT  sing N N 193 
LYS N   CA   sing N N 194 
LYS N   H    sing N N 195 
LYS N   H2   sing N N 196 
LYS CA  C    sing N N 197 
LYS CA  CB   sing N N 198 
LYS CA  HA   sing N N 199 
LYS C   O    doub N N 200 
LYS C   OXT  sing N N 201 
LYS CB  CG   sing N N 202 
LYS CB  HB2  sing N N 203 
LYS CB  HB3  sing N N 204 
LYS CG  CD   sing N N 205 
LYS CG  HG2  sing N N 206 
LYS CG  HG3  sing N N 207 
LYS CD  CE   sing N N 208 
LYS CD  HD2  sing N N 209 
LYS CD  HD3  sing N N 210 
LYS CE  NZ   sing N N 211 
LYS CE  HE2  sing N N 212 
LYS CE  HE3  sing N N 213 
LYS NZ  HZ1  sing N N 214 
LYS NZ  HZ2  sing N N 215 
LYS NZ  HZ3  sing N N 216 
LYS OXT HXT  sing N N 217 
MET N   CA   sing N N 218 
MET N   H    sing N N 219 
MET N   H2   sing N N 220 
MET CA  C    sing N N 221 
MET CA  CB   sing N N 222 
MET CA  HA   sing N N 223 
MET C   O    doub N N 224 
MET C   OXT  sing N N 225 
MET CB  CG   sing N N 226 
MET CB  HB2  sing N N 227 
MET CB  HB3  sing N N 228 
MET CG  SD   sing N N 229 
MET CG  HG2  sing N N 230 
MET CG  HG3  sing N N 231 
MET SD  CE   sing N N 232 
MET CE  HE1  sing N N 233 
MET CE  HE2  sing N N 234 
MET CE  HE3  sing N N 235 
MET OXT HXT  sing N N 236 
PHE N   CA   sing N N 237 
PHE N   H    sing N N 238 
PHE N   H2   sing N N 239 
PHE CA  C    sing N N 240 
PHE CA  CB   sing N N 241 
PHE CA  HA   sing N N 242 
PHE C   O    doub N N 243 
PHE C   OXT  sing N N 244 
PHE CB  CG   sing N N 245 
PHE CB  HB2  sing N N 246 
PHE CB  HB3  sing N N 247 
PHE CG  CD1  doub Y N 248 
PHE CG  CD2  sing Y N 249 
PHE CD1 CE1  sing Y N 250 
PHE CD1 HD1  sing N N 251 
PHE CD2 CE2  doub Y N 252 
PHE CD2 HD2  sing N N 253 
PHE CE1 CZ   doub Y N 254 
PHE CE1 HE1  sing N N 255 
PHE CE2 CZ   sing Y N 256 
PHE CE2 HE2  sing N N 257 
PHE CZ  HZ   sing N N 258 
PHE OXT HXT  sing N N 259 
PRO N   CA   sing N N 260 
PRO N   CD   sing N N 261 
PRO N   H    sing N N 262 
PRO CA  C    sing N N 263 
PRO CA  CB   sing N N 264 
PRO CA  HA   sing N N 265 
PRO C   O    doub N N 266 
PRO C   OXT  sing N N 267 
PRO CB  CG   sing N N 268 
PRO CB  HB2  sing N N 269 
PRO CB  HB3  sing N N 270 
PRO CG  CD   sing N N 271 
PRO CG  HG2  sing N N 272 
PRO CG  HG3  sing N N 273 
PRO CD  HD2  sing N N 274 
PRO CD  HD3  sing N N 275 
PRO OXT HXT  sing N N 276 
SER N   CA   sing N N 277 
SER N   H    sing N N 278 
SER N   H2   sing N N 279 
SER CA  C    sing N N 280 
SER CA  CB   sing N N 281 
SER CA  HA   sing N N 282 
SER C   O    doub N N 283 
SER C   OXT  sing N N 284 
SER CB  OG   sing N N 285 
SER CB  HB2  sing N N 286 
SER CB  HB3  sing N N 287 
SER OG  HG   sing N N 288 
SER OXT HXT  sing N N 289 
THR N   CA   sing N N 290 
THR N   H    sing N N 291 
THR N   H2   sing N N 292 
THR CA  C    sing N N 293 
THR CA  CB   sing N N 294 
THR CA  HA   sing N N 295 
THR C   O    doub N N 296 
THR C   OXT  sing N N 297 
THR CB  OG1  sing N N 298 
THR CB  CG2  sing N N 299 
THR CB  HB   sing N N 300 
THR OG1 HG1  sing N N 301 
THR CG2 HG21 sing N N 302 
THR CG2 HG22 sing N N 303 
THR CG2 HG23 sing N N 304 
THR OXT HXT  sing N N 305 
TRP N   CA   sing N N 306 
TRP N   H    sing N N 307 
TRP N   H2   sing N N 308 
TRP CA  C    sing N N 309 
TRP CA  CB   sing N N 310 
TRP CA  HA   sing N N 311 
TRP C   O    doub N N 312 
TRP C   OXT  sing N N 313 
TRP CB  CG   sing N N 314 
TRP CB  HB2  sing N N 315 
TRP CB  HB3  sing N N 316 
TRP CG  CD1  doub Y N 317 
TRP CG  CD2  sing Y N 318 
TRP CD1 NE1  sing Y N 319 
TRP CD1 HD1  sing N N 320 
TRP CD2 CE2  doub Y N 321 
TRP CD2 CE3  sing Y N 322 
TRP NE1 CE2  sing Y N 323 
TRP NE1 HE1  sing N N 324 
TRP CE2 CZ2  sing Y N 325 
TRP CE3 CZ3  doub Y N 326 
TRP CE3 HE3  sing N N 327 
TRP CZ2 CH2  doub Y N 328 
TRP CZ2 HZ2  sing N N 329 
TRP CZ3 CH2  sing Y N 330 
TRP CZ3 HZ3  sing N N 331 
TRP CH2 HH2  sing N N 332 
TRP OXT HXT  sing N N 333 
TYR N   CA   sing N N 334 
TYR N   H    sing N N 335 
TYR N   H2   sing N N 336 
TYR CA  C    sing N N 337 
TYR CA  CB   sing N N 338 
TYR CA  HA   sing N N 339 
TYR C   O    doub N N 340 
TYR C   OXT  sing N N 341 
TYR CB  CG   sing N N 342 
TYR CB  HB2  sing N N 343 
TYR CB  HB3  sing N N 344 
TYR CG  CD1  doub Y N 345 
TYR CG  CD2  sing Y N 346 
TYR CD1 CE1  sing Y N 347 
TYR CD1 HD1  sing N N 348 
TYR CD2 CE2  doub Y N 349 
TYR CD2 HD2  sing N N 350 
TYR CE1 CZ   doub Y N 351 
TYR CE1 HE1  sing N N 352 
TYR CE2 CZ   sing Y N 353 
TYR CE2 HE2  sing N N 354 
TYR CZ  OH   sing N N 355 
TYR OH  HH   sing N N 356 
TYR OXT HXT  sing N N 357 
VAL N   CA   sing N N 358 
VAL N   H    sing N N 359 
VAL N   H2   sing N N 360 
VAL CA  C    sing N N 361 
VAL CA  CB   sing N N 362 
VAL CA  HA   sing N N 363 
VAL C   O    doub N N 364 
VAL C   OXT  sing N N 365 
VAL CB  CG1  sing N N 366 
VAL CB  CG2  sing N N 367 
VAL CB  HB   sing N N 368 
VAL CG1 HG11 sing N N 369 
VAL CG1 HG12 sing N N 370 
VAL CG1 HG13 sing N N 371 
VAL CG2 HG21 sing N N 372 
VAL CG2 HG22 sing N N 373 
VAL CG2 HG23 sing N N 374 
VAL OXT HXT  sing N N 375 
# 
_atom_sites.entry_id                    4K7E 
_atom_sites.fract_transf_matrix[1][1]   0.00684159 
_atom_sites.fract_transf_matrix[1][2]   0.00275536 
_atom_sites.fract_transf_matrix[1][3]   -0.02361814 
_atom_sites.fract_transf_matrix[2][1]   -0.01196274 
_atom_sites.fract_transf_matrix[2][2]   -0.00230856 
_atom_sites.fract_transf_matrix[2][3]   -0.00373463 
_atom_sites.fract_transf_matrix[3][1]   -0.00151130 
_atom_sites.fract_transf_matrix[3][2]   0.00718384 
_atom_sites.fract_transf_matrix[3][3]   0.00040030 
_atom_sites.fract_transf_vector[1]      0.224362 
_atom_sites.fract_transf_vector[2]      -0.063514 
_atom_sites.fract_transf_vector[3]      -0.109757 
# 
loop_
_atom_type.symbol 
C 
N 
O 
S 
# 
loop_
_atom_site.group_PDB 
_atom_site.id 
_atom_site.type_symbol 
_atom_site.label_atom_id 
_atom_site.label_alt_id 
_atom_site.label_comp_id 
_atom_site.label_asym_id 
_atom_site.label_entity_id 
_atom_site.label_seq_id 
_atom_site.pdbx_PDB_ins_code 
_atom_site.Cartn_x 
_atom_site.Cartn_y 
_atom_site.Cartn_z 
_atom_site.occupancy 
_atom_site.B_iso_or_equiv 
_atom_site.pdbx_formal_charge 
_atom_site.auth_seq_id 
_atom_site.auth_comp_id 
_atom_site.auth_asym_id 
_atom_site.auth_atom_id 
_atom_site.pdbx_PDB_model_num 
ATOM   1    N N   . ASN A 1 27  ? 14.792  -11.368 -12.059 1.00 78.43 ? 355 ASN A N   1 
ATOM   2    C CA  . ASN A 1 27  ? 15.149  -11.732 -10.689 1.00 78.46 ? 355 ASN A CA  1 
ATOM   3    C C   . ASN A 1 27  ? 13.950  -12.265 -9.902  1.00 75.56 ? 355 ASN A C   1 
ATOM   4    O O   . ASN A 1 27  ? 14.085  -12.728 -8.766  1.00 72.95 ? 355 ASN A O   1 
ATOM   5    C CB  . ASN A 1 27  ? 15.789  -10.546 -9.957  1.00 80.99 ? 355 ASN A CB  1 
ATOM   6    C CG  . ASN A 1 27  ? 14.772  -9.495  -9.540  1.00 82.14 ? 355 ASN A CG  1 
ATOM   7    O OD1 . ASN A 1 27  ? 14.473  -9.349  -8.352  1.00 78.78 ? 355 ASN A OD1 1 
ATOM   8    N ND2 . ASN A 1 27  ? 14.241  -8.755  -10.512 1.00 76.35 ? 355 ASN A ND2 1 
ATOM   9    N N   . LEU A 1 28  ? 12.773  -12.174 -10.515 1.00 71.04 ? 356 LEU A N   1 
ATOM   10   C CA  . LEU A 1 28  ? 11.576  -12.825 -10.003 1.00 64.36 ? 356 LEU A CA  1 
ATOM   11   C C   . LEU A 1 28  ? 11.285  -14.012 -10.910 1.00 63.52 ? 356 LEU A C   1 
ATOM   12   O O   . LEU A 1 28  ? 11.561  -13.957 -12.116 1.00 61.07 ? 356 LEU A O   1 
ATOM   13   C CB  . LEU A 1 28  ? 10.382  -11.872 -10.052 1.00 64.15 ? 356 LEU A CB  1 
ATOM   14   C CG  . LEU A 1 28  ? 10.279  -10.673 -9.113  1.00 59.51 ? 356 LEU A CG  1 
ATOM   15   C CD1 . LEU A 1 28  ? 9.105   -9.806  -9.542  1.00 53.58 ? 356 LEU A CD1 1 
ATOM   16   C CD2 . LEU A 1 28  ? 10.116  -11.135 -7.680  1.00 51.11 ? 356 LEU A CD2 1 
ATOM   17   N N   . THR A 1 29  ? 10.726  -15.082 -10.353 1.00 58.09 ? 357 THR A N   1 
ATOM   18   C CA  . THR A 1 29  ? 10.308  -16.192 -11.198 1.00 59.27 ? 357 THR A CA  1 
ATOM   19   C C   . THR A 1 29  ? 9.124   -15.721 -12.017 1.00 62.11 ? 357 THR A C   1 
ATOM   20   O O   . THR A 1 29  ? 8.386   -14.820 -11.602 1.00 58.52 ? 357 THR A O   1 
ATOM   21   C CB  . THR A 1 29  ? 9.920   -17.459 -10.404 1.00 56.87 ? 357 THR A CB  1 
ATOM   22   O OG1 . THR A 1 29  ? 8.646   -17.273 -9.772  1.00 61.48 ? 357 THR A OG1 1 
ATOM   23   C CG2 . THR A 1 29  ? 10.976  -17.784 -9.362  1.00 56.73 ? 357 THR A CG2 1 
ATOM   24   N N   . GLU A 1 30  ? 8.955   -16.332 -13.181 1.00 58.00 ? 358 GLU A N   1 
ATOM   25   C CA  . GLU A 1 30  ? 7.919   -15.934 -14.120 1.00 59.25 ? 358 GLU A CA  1 
ATOM   26   C C   . GLU A 1 30  ? 6.530   -16.177 -13.544 1.00 55.23 ? 358 GLU A C   1 
ATOM   27   O O   . GLU A 1 30  ? 5.547   -15.573 -13.984 1.00 54.98 ? 358 GLU A O   1 
ATOM   28   C CB  . GLU A 1 30  ? 8.100   -16.701 -15.425 1.00 66.79 ? 358 GLU A CB  1 
ATOM   29   C CG  . GLU A 1 30  ? 9.542   -17.116 -15.662 1.00 71.45 ? 358 GLU A CG  1 
ATOM   30   C CD  . GLU A 1 30  ? 9.867   -17.294 -17.128 1.00 85.78 ? 358 GLU A CD  1 
ATOM   31   O OE1 . GLU A 1 30  ? 8.957   -17.672 -17.901 1.00 84.92 ? 358 GLU A OE1 1 
ATOM   32   O OE2 . GLU A 1 30  ? 11.033  -17.042 -17.503 1.00 87.45 ? 358 GLU A OE2 1 
ATOM   33   N N   . ILE A 1 31  ? 6.453   -17.074 -12.568 1.00 51.08 ? 359 ILE A N   1 
ATOM   34   C CA  . ILE A 1 31  ? 5.209   -17.333 -11.867 1.00 52.67 ? 359 ILE A CA  1 
ATOM   35   C C   . ILE A 1 31  ? 4.891   -16.154 -10.947 1.00 53.91 ? 359 ILE A C   1 
ATOM   36   O O   . ILE A 1 31  ? 3.774   -15.630 -10.958 1.00 47.76 ? 359 ILE A O   1 
ATOM   37   C CB  . ILE A 1 31  ? 5.293   -18.642 -11.058 1.00 49.68 ? 359 ILE A CB  1 
ATOM   38   C CG1 . ILE A 1 31  ? 5.158   -19.839 -12.003 1.00 53.44 ? 359 ILE A CG1 1 
ATOM   39   C CG2 . ILE A 1 31  ? 4.227   -18.691 -9.951  1.00 49.88 ? 359 ILE A CG2 1 
ATOM   40   C CD1 . ILE A 1 31  ? 4.857   -21.147 -11.306 1.00 52.61 ? 359 ILE A CD1 1 
ATOM   41   N N   . GLN A 1 32  ? 5.887   -15.745 -10.161 1.00 54.86 ? 360 GLN A N   1 
ATOM   42   C CA  . GLN A 1 32  ? 5.763   -14.580 -9.293  1.00 52.51 ? 360 GLN A CA  1 
ATOM   43   C C   . GLN A 1 32  ? 5.330   -13.372 -10.103 1.00 47.76 ? 360 GLN A C   1 
ATOM   44   O O   . GLN A 1 32  ? 4.392   -12.673 -9.730  1.00 49.98 ? 360 GLN A O   1 
ATOM   45   C CB  . GLN A 1 32  ? 7.092   -14.289 -8.596  1.00 48.92 ? 360 GLN A CB  1 
ATOM   46   C CG  . GLN A 1 32  ? 7.517   -15.370 -7.629  1.00 52.18 ? 360 GLN A CG  1 
ATOM   47   C CD  . GLN A 1 32  ? 8.877   -15.103 -7.013  1.00 57.18 ? 360 GLN A CD  1 
ATOM   48   O OE1 . GLN A 1 32  ? 9.089   -15.351 -5.824  1.00 62.26 ? 360 GLN A OE1 1 
ATOM   49   N NE2 . GLN A 1 32  ? 9.809   -14.605 -7.818  1.00 51.60 ? 360 GLN A NE2 1 
ATOM   50   N N   . GLU A 1 33  ? 6.012   -13.144 -11.219 1.00 50.52 ? 361 GLU A N   1 
ATOM   51   C CA  . GLU A 1 33  ? 5.708   -12.025 -12.101 1.00 50.25 ? 361 GLU A CA  1 
ATOM   52   C C   . GLU A 1 33  ? 4.290   -12.087 -12.656 1.00 50.60 ? 361 GLU A C   1 
ATOM   53   O O   . GLU A 1 33  ? 3.649   -11.056 -12.840 1.00 44.63 ? 361 GLU A O   1 
ATOM   54   C CB  . GLU A 1 33  ? 6.703   -11.968 -13.256 1.00 49.66 ? 361 GLU A CB  1 
ATOM   55   C CG  . GLU A 1 33  ? 8.104   -11.524 -12.874 1.00 53.63 ? 361 GLU A CG  1 
ATOM   56   C CD  . GLU A 1 33  ? 9.042   -11.488 -14.077 1.00 66.63 ? 361 GLU A CD  1 
ATOM   57   O OE1 . GLU A 1 33  ? 8.798   -12.239 -15.053 1.00 63.23 ? 361 GLU A OE1 1 
ATOM   58   O OE2 . GLU A 1 33  ? 10.018  -10.705 -14.051 1.00 70.98 ? 361 GLU A OE2 1 
ATOM   59   N N   . ALA A 1 34  ? 3.807   -13.291 -12.946 1.00 50.31 ? 362 ALA A N   1 
ATOM   60   C CA  . ALA A 1 34  ? 2.471   -13.451 -13.511 1.00 47.33 ? 362 ALA A CA  1 
ATOM   61   C C   . ALA A 1 34  ? 1.403   -13.220 -12.448 1.00 48.21 ? 362 ALA A C   1 
ATOM   62   O O   . ALA A 1 34  ? 0.348   -12.651 -12.728 1.00 51.03 ? 362 ALA A O   1 
ATOM   63   C CB  . ALA A 1 34  ? 2.316   -14.825 -14.141 1.00 49.22 ? 362 ALA A CB  1 
ATOM   64   N N   . VAL A 1 35  ? 1.680   -13.661 -11.225 1.00 43.21 ? 363 VAL A N   1 
ATOM   65   C CA  . VAL A 1 35  ? 0.789   -13.407 -10.106 1.00 43.82 ? 363 VAL A CA  1 
ATOM   66   C C   . VAL A 1 35  ? 0.711   -11.909 -9.789  1.00 45.09 ? 363 VAL A C   1 
ATOM   67   O O   . VAL A 1 35  ? -0.378  -11.352 -9.660  1.00 41.66 ? 363 VAL A O   1 
ATOM   68   C CB  . VAL A 1 35  ? 1.237   -14.152 -8.835  1.00 44.62 ? 363 VAL A CB  1 
ATOM   69   C CG1 . VAL A 1 35  ? 0.455   -13.657 -7.640  1.00 48.88 ? 363 VAL A CG1 1 
ATOM   70   C CG2 . VAL A 1 35  ? 1.061   -15.657 -8.999  1.00 51.64 ? 363 VAL A CG2 1 
ATOM   71   N N   . ILE A 1 36  ? 1.869   -11.269 -9.653  1.00 42.15 ? 364 ILE A N   1 
ATOM   72   C CA  . ILE A 1 36  ? 1.924   -9.845  -9.349  1.00 44.51 ? 364 ILE A CA  1 
ATOM   73   C C   . ILE A 1 36  ? 1.222   -9.048  -10.435 1.00 40.38 ? 364 ILE A C   1 
ATOM   74   O O   . ILE A 1 36  ? 0.433   -8.160  -10.151 1.00 40.59 ? 364 ILE A O   1 
ATOM   75   C CB  . ILE A 1 36  ? 3.369   -9.358  -9.207  1.00 41.38 ? 364 ILE A CB  1 
ATOM   76   C CG1 . ILE A 1 36  ? 3.996   -9.946  -7.944  1.00 42.32 ? 364 ILE A CG1 1 
ATOM   77   C CG2 . ILE A 1 36  ? 3.409   -7.850  -9.149  1.00 35.27 ? 364 ILE A CG2 1 
ATOM   78   C CD1 . ILE A 1 36  ? 5.493   -9.762  -7.883  1.00 47.01 ? 364 ILE A CD1 1 
ATOM   79   N N   . ARG A 1 37  ? 1.497   -9.391  -11.687 1.00 41.86 ? 365 ARG A N   1 
ATOM   80   C CA  . ARG A 1 37  ? 0.877   -8.727  -12.825 1.00 41.23 ? 365 ARG A CA  1 
ATOM   81   C C   . ARG A 1 37  ? -0.654  -8.778  -12.755 1.00 41.87 ? 365 ARG A C   1 
ATOM   82   O O   . ARG A 1 37  ? -1.329  -7.773  -12.997 1.00 38.43 ? 365 ARG A O   1 
ATOM   83   C CB  . ARG A 1 37  ? 1.394   -9.343  -14.137 1.00 47.97 ? 365 ARG A CB  1 
ATOM   84   C CG  . ARG A 1 37  ? 1.137   -8.502  -15.374 1.00 47.83 ? 365 ARG A CG  1 
ATOM   85   C CD  . ARG A 1 37  ? 2.060   -8.889  -16.535 1.00 58.03 ? 365 ARG A CD  1 
ATOM   86   N NE  . ARG A 1 37  ? 2.002   -10.318 -16.842 1.00 59.04 ? 365 ARG A NE  1 
ATOM   87   C CZ  . ARG A 1 37  ? 2.987   -11.178 -16.601 1.00 60.59 ? 365 ARG A CZ  1 
ATOM   88   N NH1 . ARG A 1 37  ? 4.123   -10.757 -16.053 1.00 55.95 ? 365 ARG A NH1 1 
ATOM   89   N NH2 . ARG A 1 37  ? 2.839   -12.461 -16.915 1.00 60.58 ? 365 ARG A NH2 1 
ATOM   90   N N   . GLU A 1 38  ? -1.204  -9.941  -12.419 1.00 38.86 ? 366 GLU A N   1 
ATOM   91   C CA  . GLU A 1 38  ? -2.655  -10.076 -12.320 1.00 44.66 ? 366 GLU A CA  1 
ATOM   92   C C   . GLU A 1 38  ? -3.236  -9.275  -11.152 1.00 43.12 ? 366 GLU A C   1 
ATOM   93   O O   . GLU A 1 38  ? -4.284  -8.647  -11.284 1.00 42.22 ? 366 GLU A O   1 
ATOM   94   C CB  . GLU A 1 38  ? -3.081  -11.539 -12.198 1.00 50.46 ? 366 GLU A CB  1 
ATOM   95   C CG  . GLU A 1 38  ? -4.585  -11.718 -12.390 1.00 54.84 ? 366 GLU A CG  1 
ATOM   96   C CD  . GLU A 1 38  ? -5.099  -13.065 -11.921 1.00 68.80 ? 366 GLU A CD  1 
ATOM   97   O OE1 . GLU A 1 38  ? -4.274  -13.974 -11.673 1.00 73.77 ? 366 GLU A OE1 1 
ATOM   98   O OE2 . GLU A 1 38  ? -6.336  -13.210 -11.793 1.00 76.50 ? 366 GLU A OE2 1 
ATOM   99   N N   . ALA A 1 39  ? -2.558  -9.312  -10.010 1.00 37.75 ? 367 ALA A N   1 
ATOM   100  C CA  . ALA A 1 39  ? -2.955  -8.520  -8.849  1.00 39.12 ? 367 ALA A CA  1 
ATOM   101  C C   . ALA A 1 39  ? -3.003  -7.013  -9.149  1.00 35.33 ? 367 ALA A C   1 
ATOM   102  O O   . ALA A 1 39  ? -4.014  -6.356  -8.893  1.00 35.21 ? 367 ALA A O   1 
ATOM   103  C CB  . ALA A 1 39  ? -2.026  -8.815  -7.668  1.00 38.36 ? 367 ALA A CB  1 
ATOM   104  N N   . VAL A 1 40  ? -1.926  -6.466  -9.704  1.00 36.26 ? 368 VAL A N   1 
ATOM   105  C CA  . VAL A 1 40  ? -1.901  -5.034  -10.031 1.00 34.33 ? 368 VAL A CA  1 
ATOM   106  C C   . VAL A 1 40  ? -2.986  -4.676  -11.059 1.00 37.86 ? 368 VAL A C   1 
ATOM   107  O O   . VAL A 1 40  ? -3.585  -3.595  -11.001 1.00 34.00 ? 368 VAL A O   1 
ATOM   108  C CB  . VAL A 1 40  ? -0.509  -4.576  -10.518 1.00 32.16 ? 368 VAL A CB  1 
ATOM   109  C CG1 . VAL A 1 40  ? -0.533  -3.114  -10.915 1.00 30.48 ? 368 VAL A CG1 1 
ATOM   110  C CG2 . VAL A 1 40  ? 0.526   -4.806  -9.440  1.00 30.18 ? 368 VAL A CG2 1 
ATOM   111  N N   . GLY A 1 41  ? -3.264  -5.602  -11.974 1.00 39.52 ? 369 GLY A N   1 
ATOM   112  C CA  . GLY A 1 41  ? -4.273  -5.392  -13.003 1.00 37.33 ? 369 GLY A CA  1 
ATOM   113  C C   . GLY A 1 41  ? -5.688  -5.224  -12.474 1.00 39.33 ? 369 GLY A C   1 
ATOM   114  O O   . GLY A 1 41  ? -6.549  -4.638  -13.139 1.00 37.25 ? 369 GLY A O   1 
ATOM   115  N N   . LYS A 1 42  ? -5.931  -5.731  -11.270 1.00 36.88 ? 370 LYS A N   1 
ATOM   116  C CA  . LYS A 1 42  ? -7.241  -5.588  -10.640 1.00 37.81 ? 370 LYS A CA  1 
ATOM   117  C C   . LYS A 1 42  ? -7.429  -4.241  -9.942  1.00 39.20 ? 370 LYS A C   1 
ATOM   118  O O   . LYS A 1 42  ? -8.523  -3.930  -9.479  1.00 39.10 ? 370 LYS A O   1 
ATOM   119  C CB  . LYS A 1 42  ? -7.499  -6.741  -9.676  1.00 42.33 ? 370 LYS A CB  1 
ATOM   120  C CG  . LYS A 1 42  ? -7.807  -8.054  -10.398 1.00 43.50 ? 370 LYS A CG  1 
ATOM   121  C CD  . LYS A 1 42  ? -7.878  -9.240  -9.444  1.00 45.72 ? 370 LYS A CD  1 
ATOM   122  C CE  . LYS A 1 42  ? -6.483  -9.673  -9.003  1.00 52.04 ? 370 LYS A CE  1 
ATOM   123  N NZ  . LYS A 1 42  ? -6.416  -11.125 -8.648  1.00 52.24 ? 370 LYS A NZ  1 
ATOM   124  N N   . LEU A 1 43  ? -6.368  -3.436  -9.886  1.00 40.48 ? 371 LEU A N   1 
ATOM   125  C CA  . LEU A 1 43  ? -6.479  -2.086  -9.333  1.00 40.10 ? 371 LEU A CA  1 
ATOM   126  C C   . LEU A 1 43  ? -7.234  -1.191  -10.302 1.00 37.06 ? 371 LEU A C   1 
ATOM   127  O O   . LEU A 1 43  ? -7.050  -1.274  -11.507 1.00 41.33 ? 371 LEU A O   1 
ATOM   128  C CB  . LEU A 1 43  ? -5.104  -1.487  -9.012  1.00 34.52 ? 371 LEU A CB  1 
ATOM   129  C CG  . LEU A 1 43  ? -4.252  -2.306  -8.031  1.00 29.85 ? 371 LEU A CG  1 
ATOM   130  C CD1 . LEU A 1 43  ? -2.859  -1.716  -7.912  1.00 29.71 ? 371 LEU A CD1 1 
ATOM   131  C CD2 . LEU A 1 43  ? -4.905  -2.420  -6.665  1.00 31.97 ? 371 LEU A CD2 1 
ATOM   132  N N   . ASP A 1 44  ? -8.105  -0.352  -9.754  1.00 39.00 ? 372 ASP A N   1 
ATOM   133  C CA  . ASP A 1 44  ? -8.878  0.606   -10.527 1.00 36.68 ? 372 ASP A CA  1 
ATOM   134  C C   . ASP A 1 44  ? -8.230  1.989   -10.422 1.00 37.83 ? 372 ASP A C   1 
ATOM   135  O O   . ASP A 1 44  ? -8.151  2.555   -9.341  1.00 39.39 ? 372 ASP A O   1 
ATOM   136  C CB  . ASP A 1 44  ? -10.313 0.634   -10.001 1.00 39.50 ? 372 ASP A CB  1 
ATOM   137  C CG  . ASP A 1 44  ? -11.195 1.613   -10.746 1.00 45.17 ? 372 ASP A CG  1 
ATOM   138  O OD1 . ASP A 1 44  ? -10.658 2.563   -11.347 1.00 43.26 ? 372 ASP A OD1 1 
ATOM   139  O OD2 . ASP A 1 44  ? -12.433 1.436   -10.719 1.00 49.08 ? 372 ASP A OD2 1 
ATOM   140  N N   . PRO A 1 45  ? -7.753  2.531   -11.555 1.00 40.91 ? 373 PRO A N   1 
ATOM   141  C CA  . PRO A 1 45  ? -7.003  3.795   -11.583 1.00 39.89 ? 373 PRO A CA  1 
ATOM   142  C C   . PRO A 1 45  ? -7.831  5.017   -11.183 1.00 39.33 ? 373 PRO A C   1 
ATOM   143  O O   . PRO A 1 45  ? -7.263  6.061   -10.843 1.00 40.93 ? 373 PRO A O   1 
ATOM   144  C CB  . PRO A 1 45  ? -6.586  3.925   -13.057 1.00 42.59 ? 373 PRO A CB  1 
ATOM   145  C CG  . PRO A 1 45  ? -6.713  2.573   -13.632 1.00 39.37 ? 373 PRO A CG  1 
ATOM   146  C CD  . PRO A 1 45  ? -7.833  1.906   -12.887 1.00 36.79 ? 373 PRO A CD  1 
ATOM   147  N N   . THR A 1 46  ? -9.154  4.899   -11.229 1.00 37.08 ? 374 THR A N   1 
ATOM   148  C CA  . THR A 1 46  ? -10.028 6.043   -10.951 1.00 37.33 ? 374 THR A CA  1 
ATOM   149  C C   . THR A 1 46  ? -10.368 6.156   -9.466  1.00 39.30 ? 374 THR A C   1 
ATOM   150  O O   . THR A 1 46  ? -11.117 7.041   -9.048  1.00 45.27 ? 374 THR A O   1 
ATOM   151  C CB  . THR A 1 46  ? -11.330 5.931   -11.746 1.00 41.44 ? 374 THR A CB  1 
ATOM   152  O OG1 . THR A 1 46  ? -12.075 4.794   -11.284 1.00 43.12 ? 374 THR A OG1 1 
ATOM   153  C CG2 . THR A 1 46  ? -11.020 5.756   -13.242 1.00 38.36 ? 374 THR A CG2 1 
ATOM   154  N N   . ASN A 1 47  ? -9.822  5.241   -8.675  1.00 37.62 ? 375 ASN A N   1 
ATOM   155  C CA  . ASN A 1 47  ? -10.077 5.211   -7.239  1.00 39.92 ? 375 ASN A CA  1 
ATOM   156  C C   . ASN A 1 47  ? -8.804  5.469   -6.455  1.00 36.88 ? 375 ASN A C   1 
ATOM   157  O O   . ASN A 1 47  ? -7.712  5.101   -6.887  1.00 32.02 ? 375 ASN A O   1 
ATOM   158  C CB  . ASN A 1 47  ? -10.639 3.847   -6.816  1.00 37.88 ? 375 ASN A CB  1 
ATOM   159  C CG  . ASN A 1 47  ? -12.081 3.642   -7.246  1.00 42.30 ? 375 ASN A CG  1 
ATOM   160  O OD1 . ASN A 1 47  ? -12.800 4.599   -7.524  1.00 43.27 ? 375 ASN A OD1 1 
ATOM   161  N ND2 . ASN A 1 47  ? -12.511 2.382   -7.296  1.00 44.62 ? 375 ASN A ND2 1 
ATOM   162  N N   . THR A 1 48  ? -8.958  6.088   -5.293  1.00 35.06 ? 376 THR A N   1 
ATOM   163  C CA  . THR A 1 48  ? -7.859  6.281   -4.365  1.00 31.84 ? 376 THR A CA  1 
ATOM   164  C C   . THR A 1 48  ? -7.029  5.016   -4.213  1.00 28.65 ? 376 THR A C   1 
ATOM   165  O O   . THR A 1 48  ? -7.574  3.923   -4.045  1.00 28.87 ? 376 THR A O   1 
ATOM   166  C CB  . THR A 1 48  ? -8.392  6.665   -2.980  1.00 33.55 ? 376 THR A CB  1 
ATOM   167  O OG1 . THR A 1 48  ? -9.069  7.922   -3.071  1.00 42.49 ? 376 THR A OG1 1 
ATOM   168  C CG2 . THR A 1 48  ? -7.255  6.778   -1.990  1.00 31.57 ? 376 THR A CG2 1 
ATOM   169  N N   . LEU A 1 49  ? -5.709  5.168   -4.271  1.00 28.78 ? 377 LEU A N   1 
ATOM   170  C CA  . LEU A 1 49  ? -4.795  4.048   -4.066  1.00 25.45 ? 377 LEU A CA  1 
ATOM   171  C C   . LEU A 1 49  ? -3.710  4.432   -3.085  1.00 26.70 ? 377 LEU A C   1 
ATOM   172  O O   . LEU A 1 49  ? -2.897  5.309   -3.376  1.00 26.36 ? 377 LEU A O   1 
ATOM   173  C CB  . LEU A 1 49  ? -4.137  3.612   -5.382  1.00 25.48 ? 377 LEU A CB  1 
ATOM   174  C CG  . LEU A 1 49  ? -3.158  2.431   -5.264  1.00 26.72 ? 377 LEU A CG  1 
ATOM   175  C CD1 . LEU A 1 49  ? -3.900  1.139   -4.979  1.00 27.30 ? 377 LEU A CD1 1 
ATOM   176  C CD2 . LEU A 1 49  ? -2.290  2.255   -6.502  1.00 28.29 ? 377 LEU A CD2 1 
ATOM   177  N N   . TRP A 1 50  ? -3.696  3.770   -1.930  1.00 24.10 ? 378 TRP A N   1 
ATOM   178  C CA  . TRP A 1 50  ? -2.671  3.986   -0.925  1.00 26.25 ? 378 TRP A CA  1 
ATOM   179  C C   . TRP A 1 50  ? -1.476  3.090   -1.186  1.00 24.88 ? 378 TRP A C   1 
ATOM   180  O O   . TRP A 1 50  ? -1.643  1.936   -1.547  1.00 27.10 ? 378 TRP A O   1 
ATOM   181  C CB  . TRP A 1 50  ? -3.211  3.661   0.481   1.00 26.30 ? 378 TRP A CB  1 
ATOM   182  C CG  . TRP A 1 50  ? -4.144  4.677   1.041   1.00 27.72 ? 378 TRP A CG  1 
ATOM   183  C CD1 . TRP A 1 50  ? -5.494  4.739   0.860   1.00 28.89 ? 378 TRP A CD1 1 
ATOM   184  C CD2 . TRP A 1 50  ? -3.800  5.786   1.882   1.00 26.22 ? 378 TRP A CD2 1 
ATOM   185  N NE1 . TRP A 1 50  ? -6.012  5.817   1.537   1.00 28.48 ? 378 TRP A NE1 1 
ATOM   186  C CE2 . TRP A 1 50  ? -4.989  6.479   2.165   1.00 25.67 ? 378 TRP A CE2 1 
ATOM   187  C CE3 . TRP A 1 50  ? -2.598  6.257   2.425   1.00 27.32 ? 378 TRP A CE3 1 
ATOM   188  C CZ2 . TRP A 1 50  ? -5.014  7.612   2.956   1.00 27.26 ? 378 TRP A CZ2 1 
ATOM   189  C CZ3 . TRP A 1 50  ? -2.629  7.385   3.216   1.00 26.23 ? 378 TRP A CZ3 1 
ATOM   190  C CH2 . TRP A 1 50  ? -3.822  8.047   3.474   1.00 26.17 ? 378 TRP A CH2 1 
ATOM   191  N N   . LEU A 1 51  ? -0.275  3.622   -0.965  1.00 25.37 ? 379 LEU A N   1 
ATOM   192  C CA  . LEU A 1 51  ? 0.956   2.834   -0.955  1.00 29.68 ? 379 LEU A CA  1 
ATOM   193  C C   . LEU A 1 51  ? 1.743   3.133   0.315   1.00 31.39 ? 379 LEU A C   1 
ATOM   194  O O   . LEU A 1 51  ? 1.988   4.298   0.635   1.00 28.81 ? 379 LEU A O   1 
ATOM   195  C CB  . LEU A 1 51  ? 1.827   3.170   -2.168  1.00 27.59 ? 379 LEU A CB  1 
ATOM   196  C CG  . LEU A 1 51  ? 3.262   2.619   -2.182  1.00 29.53 ? 379 LEU A CG  1 
ATOM   197  C CD1 . LEU A 1 51  ? 3.284   1.092   -2.174  1.00 25.78 ? 379 LEU A CD1 1 
ATOM   198  C CD2 . LEU A 1 51  ? 4.012   3.128   -3.406  1.00 28.32 ? 379 LEU A CD2 1 
ATOM   199  N N   . ASP A 1 52  ? 2.137   2.088   1.038   1.00 33.82 ? 380 ASP A N   1 
ATOM   200  C CA  . ASP A 1 52  ? 2.968   2.252   2.230   1.00 31.30 ? 380 ASP A CA  1 
ATOM   201  C C   . ASP A 1 52  ? 4.049   1.176   2.264   1.00 34.93 ? 380 ASP A C   1 
ATOM   202  O O   . ASP A 1 52  ? 3.774   0.006   2.024   1.00 31.96 ? 380 ASP A O   1 
ATOM   203  C CB  . ASP A 1 52  ? 2.123   2.206   3.505   1.00 33.63 ? 380 ASP A CB  1 
ATOM   204  C CG  . ASP A 1 52  ? 2.854   2.788   4.726   1.00 41.27 ? 380 ASP A CG  1 
ATOM   205  O OD1 . ASP A 1 52  ? 3.430   3.898   4.647   1.00 43.51 ? 380 ASP A OD1 1 
ATOM   206  O OD2 . ASP A 1 52  ? 2.856   2.126   5.777   1.00 47.10 ? 380 ASP A OD2 1 
ATOM   207  N N   . ILE A 1 53  ? 5.274   1.597   2.562   1.00 39.13 ? 381 ILE A N   1 
ATOM   208  C CA  . ILE A 1 53  ? 6.437   0.724   2.634   1.00 35.61 ? 381 ILE A CA  1 
ATOM   209  C C   . ILE A 1 53  ? 7.008   0.799   4.041   1.00 46.64 ? 381 ILE A C   1 
ATOM   210  O O   . ILE A 1 53  ? 7.084   1.880   4.636   1.00 47.69 ? 381 ILE A O   1 
ATOM   211  C CB  . ILE A 1 53  ? 7.517   1.170   1.609   1.00 40.38 ? 381 ILE A CB  1 
ATOM   212  C CG1 . ILE A 1 53  ? 7.112   0.751   0.198   1.00 38.56 ? 381 ILE A CG1 1 
ATOM   213  C CG2 . ILE A 1 53  ? 8.878   0.592   1.946   1.00 44.25 ? 381 ILE A CG2 1 
ATOM   214  C CD1 . ILE A 1 53  ? 7.867   1.485   -0.896  1.00 43.00 ? 381 ILE A CD1 1 
ATOM   215  N N   . GLU A 1 54  ? 7.377   -0.352  4.591   1.00 43.91 ? 382 GLU A N   1 
ATOM   216  C CA  . GLU A 1 54  ? 8.046   -0.399  5.882   1.00 44.40 ? 382 GLU A CA  1 
ATOM   217  C C   . GLU A 1 54  ? 9.484   -0.843  5.629   1.00 48.61 ? 382 GLU A C   1 
ATOM   218  O O   . GLU A 1 54  ? 9.719   -1.794  4.890   1.00 42.92 ? 382 GLU A O   1 
ATOM   219  C CB  . GLU A 1 54  ? 7.317   -1.369  6.816   1.00 49.69 ? 382 GLU A CB  1 
ATOM   220  C CG  . GLU A 1 54  ? 8.026   -1.646  8.128   1.00 56.51 ? 382 GLU A CG  1 
ATOM   221  C CD  . GLU A 1 54  ? 7.281   -2.659  8.998   1.00 73.11 ? 382 GLU A CD  1 
ATOM   222  O OE1 . GLU A 1 54  ? 6.546   -3.504  8.435   1.00 70.67 ? 382 GLU A OE1 1 
ATOM   223  O OE2 . GLU A 1 54  ? 7.431   -2.609  10.244  1.00 76.74 ? 382 GLU A OE2 1 
ATOM   224  N N   . GLY A 1 55  ? 10.449  -0.146  6.218   1.00 50.56 ? 383 GLY A N   1 
ATOM   225  C CA  . GLY A 1 55  ? 11.849  -0.447  5.979   1.00 45.81 ? 383 GLY A CA  1 
ATOM   226  C C   . GLY A 1 55  ? 12.444  0.449   4.912   1.00 50.34 ? 383 GLY A C   1 
ATOM   227  O O   . GLY A 1 55  ? 11.757  1.319   4.375   1.00 53.58 ? 383 GLY A O   1 
ATOM   228  N N   . PRO A 1 56  ? 13.730  0.241   4.591   1.00 51.47 ? 384 PRO A N   1 
ATOM   229  C CA  . PRO A 1 56  ? 14.449  1.032   3.579   1.00 53.07 ? 384 PRO A CA  1 
ATOM   230  C C   . PRO A 1 56  ? 13.866  0.850   2.179   1.00 56.19 ? 384 PRO A C   1 
ATOM   231  O O   . PRO A 1 56  ? 13.511  -0.266  1.787   1.00 52.50 ? 384 PRO A O   1 
ATOM   232  C CB  . PRO A 1 56  ? 15.870  0.463   3.633   1.00 54.77 ? 384 PRO A CB  1 
ATOM   233  C CG  . PRO A 1 56  ? 15.703  -0.924  4.165   1.00 57.73 ? 384 PRO A CG  1 
ATOM   234  C CD  . PRO A 1 56  ? 14.571  -0.827  5.155   1.00 52.22 ? 384 PRO A CD  1 
ATOM   235  N N   . ALA A 1 57  ? 13.791  1.944   1.430   1.00 51.38 ? 385 ALA A N   1 
ATOM   236  C CA  . ALA A 1 57  ? 13.110  1.952   0.146   1.00 52.65 ? 385 ALA A CA  1 
ATOM   237  C C   . ALA A 1 57  ? 13.634  0.881   -0.794  1.00 50.66 ? 385 ALA A C   1 
ATOM   238  O O   . ALA A 1 57  ? 12.861  0.282   -1.546  1.00 48.07 ? 385 ALA A O   1 
ATOM   239  C CB  . ALA A 1 57  ? 13.215  3.332   -0.514  1.00 50.87 ? 385 ALA A CB  1 
ATOM   240  N N   . THR A 1 58  ? 14.945  0.662   -0.770  1.00 49.36 ? 386 THR A N   1 
ATOM   241  C CA  . THR A 1 58  ? 15.571  -0.292  -1.680  1.00 56.44 ? 386 THR A CA  1 
ATOM   242  C C   . THR A 1 58  ? 15.451  -1.724  -1.173  1.00 57.47 ? 386 THR A C   1 
ATOM   243  O O   . THR A 1 58  ? 15.693  -2.672  -1.919  1.00 60.72 ? 386 THR A O   1 
ATOM   244  C CB  . THR A 1 58  ? 17.061  0.026   -1.896  1.00 58.03 ? 386 THR A CB  1 
ATOM   245  O OG1 . THR A 1 58  ? 17.697  0.227   -0.625  1.00 57.96 ? 386 THR A OG1 1 
ATOM   246  C CG2 . THR A 1 58  ? 17.224  1.275   -2.766  1.00 50.60 ? 386 THR A CG2 1 
ATOM   247  N N   . ASP A 1 59  ? 15.071  -1.871  0.094   1.00 56.40 ? 387 ASP A N   1 
ATOM   248  C CA  . ASP A 1 59  ? 15.015  -3.181  0.733   1.00 57.98 ? 387 ASP A CA  1 
ATOM   249  C C   . ASP A 1 59  ? 13.861  -3.276  1.730   1.00 51.33 ? 387 ASP A C   1 
ATOM   250  O O   . ASP A 1 59  ? 14.079  -3.481  2.924   1.00 55.56 ? 387 ASP A O   1 
ATOM   251  C CB  . ASP A 1 59  ? 16.337  -3.464  1.445   1.00 60.30 ? 387 ASP A CB  1 
ATOM   252  C CG  . ASP A 1 59  ? 16.539  -4.936  1.735   1.00 72.75 ? 387 ASP A CG  1 
ATOM   253  O OD1 . ASP A 1 59  ? 15.902  -5.770  1.050   1.00 70.77 ? 387 ASP A OD1 1 
ATOM   254  O OD2 . ASP A 1 59  ? 17.339  -5.255  2.644   1.00 75.05 ? 387 ASP A OD2 1 
ATOM   255  N N   . PRO A 1 60  ? 12.623  -3.133  1.243   1.00 49.41 ? 388 PRO A N   1 
ATOM   256  C CA  . PRO A 1 60  ? 11.494  -3.088  2.177   1.00 47.43 ? 388 PRO A CA  1 
ATOM   257  C C   . PRO A 1 60  ? 11.319  -4.394  2.929   1.00 50.50 ? 388 PRO A C   1 
ATOM   258  O O   . PRO A 1 60  ? 11.745  -5.446  2.459   1.00 52.37 ? 388 PRO A O   1 
ATOM   259  C CB  . PRO A 1 60  ? 10.289  -2.840  1.267   1.00 49.19 ? 388 PRO A CB  1 
ATOM   260  C CG  . PRO A 1 60  ? 10.717  -3.316  -0.078  1.00 49.25 ? 388 PRO A CG  1 
ATOM   261  C CD  . PRO A 1 60  ? 12.191  -3.059  -0.163  1.00 50.00 ? 388 PRO A CD  1 
ATOM   262  N N   . VAL A 1 61  ? 10.704  -4.305  4.101   1.00 48.27 ? 389 VAL A N   1 
ATOM   263  C CA  . VAL A 1 61  ? 10.328  -5.458  4.899   1.00 50.03 ? 389 VAL A CA  1 
ATOM   264  C C   . VAL A 1 61  ? 8.874   -5.792  4.619   1.00 46.87 ? 389 VAL A C   1 
ATOM   265  O O   . VAL A 1 61  ? 8.457   -6.944  4.666   1.00 52.46 ? 389 VAL A O   1 
ATOM   266  C CB  . VAL A 1 61  ? 10.463  -5.135  6.394   1.00 50.65 ? 389 VAL A CB  1 
ATOM   267  C CG1 . VAL A 1 61  ? 9.679   -6.129  7.230   1.00 56.62 ? 389 VAL A CG1 1 
ATOM   268  C CG2 . VAL A 1 61  ? 11.928  -5.099  6.795   1.00 56.52 ? 389 VAL A CG2 1 
ATOM   269  N N   . GLU A 1 62  ? 8.104   -4.758  4.327   1.00 39.24 ? 390 GLU A N   1 
ATOM   270  C CA  . GLU A 1 62  ? 6.692   -4.902  4.055   1.00 42.42 ? 390 GLU A CA  1 
ATOM   271  C C   . GLU A 1 62  ? 6.290   -3.860  3.026   1.00 41.24 ? 390 GLU A C   1 
ATOM   272  O O   . GLU A 1 62  ? 6.821   -2.757  3.010   1.00 41.19 ? 390 GLU A O   1 
ATOM   273  C CB  . GLU A 1 62  ? 5.891   -4.672  5.337   1.00 42.96 ? 390 GLU A CB  1 
ATOM   274  C CG  . GLU A 1 62  ? 4.395   -4.756  5.155   1.00 43.42 ? 390 GLU A CG  1 
ATOM   275  C CD  . GLU A 1 62  ? 3.630   -4.271  6.379   1.00 51.58 ? 390 GLU A CD  1 
ATOM   276  O OE1 . GLU A 1 62  ? 2.385   -4.387  6.393   1.00 47.05 ? 390 GLU A OE1 1 
ATOM   277  O OE2 . GLU A 1 62  ? 4.270   -3.762  7.324   1.00 50.08 ? 390 GLU A OE2 1 
ATOM   278  N N   . MET A 1 63  ? 5.363   -4.209  2.154   1.00 38.72 ? 391 MET A N   1 
ATOM   279  C CA  . MET A 1 63  ? 4.740   -3.202  1.322   1.00 40.99 ? 391 MET A CA  1 
ATOM   280  C C   . MET A 1 63  ? 3.266   -3.504  1.240   1.00 36.44 ? 391 MET A C   1 
ATOM   281  O O   . MET A 1 63  ? 2.849   -4.659  1.235   1.00 35.94 ? 391 MET A O   1 
ATOM   282  C CB  . MET A 1 63  ? 5.367   -3.128  -0.084  1.00 39.22 ? 391 MET A CB  1 
ATOM   283  C CG  . MET A 1 63  ? 5.110   -4.329  -0.963  1.00 50.71 ? 391 MET A CG  1 
ATOM   284  S SD  . MET A 1 63  ? 5.259   -3.969  -2.736  1.00 52.00 ? 391 MET A SD  1 
ATOM   285  C CE  . MET A 1 63  ? 3.539   -3.790  -3.157  1.00 40.70 ? 391 MET A CE  1 
ATOM   286  N N   . ALA A 1 64  ? 2.475   -2.452  1.176   1.00 27.33 ? 392 ALA A N   1 
ATOM   287  C CA  . ALA A 1 64  ? 1.041   -2.611  1.106   1.00 33.66 ? 392 ALA A CA  1 
ATOM   288  C C   . ALA A 1 64  ? 0.452   -1.584  0.158   1.00 28.45 ? 392 ALA A C   1 
ATOM   289  O O   . ALA A 1 64  ? 0.907   -0.446  0.097   1.00 33.05 ? 392 ALA A O   1 
ATOM   290  C CB  . ALA A 1 64  ? 0.421   -2.481  2.513   1.00 31.53 ? 392 ALA A CB  1 
ATOM   291  N N   . LEU A 1 65  ? -0.561  -2.003  -0.583  1.00 29.04 ? 393 LEU A N   1 
ATOM   292  C CA  . LEU A 1 65  ? -1.338  -1.116  -1.416  1.00 29.19 ? 393 LEU A CA  1 
ATOM   293  C C   . LEU A 1 65  ? -2.776  -1.382  -1.064  1.00 31.07 ? 393 LEU A C   1 
ATOM   294  O O   . LEU A 1 65  ? -3.166  -2.533  -0.880  1.00 36.31 ? 393 LEU A O   1 
ATOM   295  C CB  . LEU A 1 65  ? -1.115  -1.396  -2.905  1.00 29.75 ? 393 LEU A CB  1 
ATOM   296  C CG  . LEU A 1 65  ? 0.241   -1.036  -3.507  1.00 31.63 ? 393 LEU A CG  1 
ATOM   297  C CD1 . LEU A 1 65  ? 1.061   -2.272  -3.684  1.00 36.73 ? 393 LEU A CD1 1 
ATOM   298  C CD2 . LEU A 1 65  ? 0.042   -0.367  -4.840  1.00 31.22 ? 393 LEU A CD2 1 
ATOM   299  N N   . PHE A 1 66  ? -3.565  -0.319  -0.989  1.00 29.46 ? 394 PHE A N   1 
ATOM   300  C CA  . PHE A 1 66  ? -4.902  -0.399  -0.438  1.00 29.80 ? 394 PHE A CA  1 
ATOM   301  C C   . PHE A 1 66  ? -5.836  0.511   -1.199  1.00 28.84 ? 394 PHE A C   1 
ATOM   302  O O   . PHE A 1 66  ? -5.573  1.702   -1.337  1.00 30.08 ? 394 PHE A O   1 
ATOM   303  C CB  . PHE A 1 66  ? -4.850  0.015   1.041   1.00 29.99 ? 394 PHE A CB  1 
ATOM   304  C CG  . PHE A 1 66  ? -6.190  0.256   1.663   1.00 30.16 ? 394 PHE A CG  1 
ATOM   305  C CD1 . PHE A 1 66  ? -7.169  -0.730  1.651   1.00 33.05 ? 394 PHE A CD1 1 
ATOM   306  C CD2 . PHE A 1 66  ? -6.459  1.458   2.314   1.00 31.01 ? 394 PHE A CD2 1 
ATOM   307  C CE1 . PHE A 1 66  ? -8.415  -0.508  2.254   1.00 32.81 ? 394 PHE A CE1 1 
ATOM   308  C CE2 . PHE A 1 66  ? -7.696  1.688   2.912   1.00 27.23 ? 394 PHE A CE2 1 
ATOM   309  C CZ  . PHE A 1 66  ? -8.675  0.699   2.879   1.00 30.52 ? 394 PHE A CZ  1 
ATOM   310  N N   . GLN A 1 67  ? -6.923  -0.055  -1.705  1.00 32.28 ? 395 GLN A N   1 
ATOM   311  C CA  . GLN A 1 67  ? -7.961  0.738   -2.346  1.00 33.31 ? 395 GLN A CA  1 
ATOM   312  C C   . GLN A 1 67  ? -9.254  0.618   -1.558  1.00 32.93 ? 395 GLN A C   1 
ATOM   313  O O   . GLN A 1 67  ? -9.960  -0.383  -1.680  1.00 34.84 ? 395 GLN A O   1 
ATOM   314  C CB  . GLN A 1 67  ? -8.189  0.290   -3.792  1.00 29.49 ? 395 GLN A CB  1 
ATOM   315  C CG  . GLN A 1 67  ? -7.159  0.820   -4.771  1.00 36.32 ? 395 GLN A CG  1 
ATOM   316  C CD  . GLN A 1 67  ? -7.641  0.783   -6.210  1.00 33.55 ? 395 GLN A CD  1 
ATOM   317  O OE1 . GLN A 1 67  ? -8.131  -0.238  -6.689  1.00 33.71 ? 395 GLN A OE1 1 
ATOM   318  N NE2 . GLN A 1 67  ? -7.511  1.908   -6.905  1.00 38.50 ? 395 GLN A NE2 1 
ATOM   319  N N   . PRO A 1 68  ? -9.573  1.643   -0.757  1.00 32.79 ? 396 PRO A N   1 
ATOM   320  C CA  . PRO A 1 68  ? -10.776 1.563   0.075   1.00 38.23 ? 396 PRO A CA  1 
ATOM   321  C C   . PRO A 1 68  ? -12.062 1.381   -0.738  1.00 40.77 ? 396 PRO A C   1 
ATOM   322  O O   . PRO A 1 68  ? -12.916 0.582   -0.355  1.00 39.52 ? 396 PRO A O   1 
ATOM   323  C CB  . PRO A 1 68  ? -10.788 2.915   0.812   1.00 35.95 ? 396 PRO A CB  1 
ATOM   324  C CG  . PRO A 1 68  ? -9.872  3.808   0.033   1.00 28.97 ? 396 PRO A CG  1 
ATOM   325  C CD  . PRO A 1 68  ? -8.831  2.899   -0.539  1.00 32.11 ? 396 PRO A CD  1 
ATOM   326  N N   . ALA A 1 69  ? -12.197 2.104   -1.842  1.00 35.12 ? 397 ALA A N   1 
ATOM   327  C CA  . ALA A 1 69  ? -13.448 2.087   -2.594  1.00 38.60 ? 397 ALA A CA  1 
ATOM   328  C C   . ALA A 1 69  ? -13.693 0.734   -3.246  1.00 39.00 ? 397 ALA A C   1 
ATOM   329  O O   . ALA A 1 69  ? -14.837 0.355   -3.483  1.00 43.00 ? 397 ALA A O   1 
ATOM   330  C CB  . ALA A 1 69  ? -13.459 3.190   -3.636  1.00 38.21 ? 397 ALA A CB  1 
ATOM   331  N N   . GLY A 1 70  ? -12.615 0.016   -3.543  1.00 39.38 ? 398 GLY A N   1 
ATOM   332  C CA  . GLY A 1 70  ? -12.713 -1.294  -4.157  1.00 35.99 ? 398 GLY A CA  1 
ATOM   333  C C   . GLY A 1 70  ? -12.563 -2.408  -3.135  1.00 38.87 ? 398 GLY A C   1 
ATOM   334  O O   . GLY A 1 70  ? -12.569 -3.584  -3.494  1.00 35.02 ? 398 GLY A O   1 
ATOM   335  N N   . LYS A 1 71  ? -12.425 -2.035  -1.861  1.00 37.95 ? 399 LYS A N   1 
ATOM   336  C CA  . LYS A 1 71  ? -12.310 -3.002  -0.768  1.00 39.35 ? 399 LYS A CA  1 
ATOM   337  C C   . LYS A 1 71  ? -11.268 -4.085  -1.044  1.00 40.77 ? 399 LYS A C   1 
ATOM   338  O O   . LYS A 1 71  ? -11.506 -5.266  -0.791  1.00 42.01 ? 399 LYS A O   1 
ATOM   339  C CB  . LYS A 1 71  ? -13.672 -3.643  -0.485  1.00 42.48 ? 399 LYS A CB  1 
ATOM   340  C CG  . LYS A 1 71  ? -14.805 -2.633  -0.300  1.00 40.88 ? 399 LYS A CG  1 
ATOM   341  C CD  . LYS A 1 71  ? -16.165 -3.309  -0.360  1.00 46.83 ? 399 LYS A CD  1 
ATOM   342  C CE  . LYS A 1 71  ? -17.285 -2.349  0.021   1.00 55.73 ? 399 LYS A CE  1 
ATOM   343  N NZ  . LYS A 1 71  ? -17.323 -1.136  -0.879  1.00 57.09 ? 399 LYS A NZ  1 
ATOM   344  N N   . GLN A 1 72  ? -10.114 -3.679  -1.556  1.00 40.27 ? 400 GLN A N   1 
ATOM   345  C CA  . GLN A 1 72  ? -9.070  -4.626  -1.930  1.00 38.83 ? 400 GLN A CA  1 
ATOM   346  C C   . GLN A 1 72  ? -7.702  -4.100  -1.543  1.00 33.42 ? 400 GLN A C   1 
ATOM   347  O O   . GLN A 1 72  ? -7.502  -2.888  -1.443  1.00 37.45 ? 400 GLN A O   1 
ATOM   348  C CB  . GLN A 1 72  ? -9.114  -4.897  -3.437  1.00 34.85 ? 400 GLN A CB  1 
ATOM   349  C CG  . GLN A 1 72  ? -9.243  -3.627  -4.316  1.00 34.09 ? 400 GLN A CG  1 
ATOM   350  C CD  . GLN A 1 72  ? -9.359  -3.964  -5.792  1.00 39.17 ? 400 GLN A CD  1 
ATOM   351  O OE1 . GLN A 1 72  ? -9.797  -5.060  -6.151  1.00 42.71 ? 400 GLN A OE1 1 
ATOM   352  N NE2 . GLN A 1 72  ? -8.956  -3.035  -6.654  1.00 38.63 ? 400 GLN A NE2 1 
ATOM   353  N N   . TYR A 1 73  ? -6.761  -5.011  -1.333  1.00 34.20 ? 401 TYR A N   1 
ATOM   354  C CA  . TYR A 1 73  ? -5.395  -4.628  -1.024  1.00 34.77 ? 401 TYR A CA  1 
ATOM   355  C C   . TYR A 1 73  ? -4.365  -5.612  -1.571  1.00 39.11 ? 401 TYR A C   1 
ATOM   356  O O   . TYR A 1 73  ? -4.663  -6.777  -1.815  1.00 41.25 ? 401 TYR A O   1 
ATOM   357  C CB  . TYR A 1 73  ? -5.214  -4.508  0.482   1.00 32.81 ? 401 TYR A CB  1 
ATOM   358  C CG  . TYR A 1 73  ? -5.369  -5.821  1.223   1.00 36.27 ? 401 TYR A CG  1 
ATOM   359  C CD1 . TYR A 1 73  ? -4.259  -6.586  1.553   1.00 39.81 ? 401 TYR A CD1 1 
ATOM   360  C CD2 . TYR A 1 73  ? -6.622  -6.284  1.607   1.00 38.81 ? 401 TYR A CD2 1 
ATOM   361  C CE1 . TYR A 1 73  ? -4.389  -7.789  2.232   1.00 37.74 ? 401 TYR A CE1 1 
ATOM   362  C CE2 . TYR A 1 73  ? -6.767  -7.488  2.298   1.00 40.82 ? 401 TYR A CE2 1 
ATOM   363  C CZ  . TYR A 1 73  ? -5.645  -8.235  2.603   1.00 41.95 ? 401 TYR A CZ  1 
ATOM   364  O OH  . TYR A 1 73  ? -5.772  -9.431  3.285   1.00 45.90 ? 401 TYR A OH  1 
ATOM   365  N N   . ILE A 1 74  ? -3.149  -5.117  -1.764  1.00 37.52 ? 402 ILE A N   1 
ATOM   366  C CA  . ILE A 1 74  ? -1.999  -5.954  -2.065  1.00 36.58 ? 402 ILE A CA  1 
ATOM   367  C C   . ILE A 1 74  ? -1.049  -5.815  -0.891  1.00 39.96 ? 402 ILE A C   1 
ATOM   368  O O   . ILE A 1 74  ? -0.777  -4.706  -0.430  1.00 39.10 ? 402 ILE A O   1 
ATOM   369  C CB  . ILE A 1 74  ? -1.292  -5.512  -3.372  1.00 37.93 ? 402 ILE A CB  1 
ATOM   370  C CG1 . ILE A 1 74  ? -2.218  -5.708  -4.578  1.00 34.01 ? 402 ILE A CG1 1 
ATOM   371  C CG2 . ILE A 1 74  ? 0.043   -6.241  -3.549  1.00 36.39 ? 402 ILE A CG2 1 
ATOM   372  C CD1 . ILE A 1 74  ? -1.661  -5.183  -5.879  1.00 36.07 ? 402 ILE A CD1 1 
ATOM   373  N N   . HIS A 1 75  ? -0.549  -6.941  -0.401  1.00 39.92 ? 403 HIS A N   1 
ATOM   374  C CA  . HIS A 1 75  ? 0.230   -6.942  0.821   1.00 44.10 ? 403 HIS A CA  1 
ATOM   375  C C   . HIS A 1 75  ? 1.259   -8.058  0.783   1.00 49.87 ? 403 HIS A C   1 
ATOM   376  O O   . HIS A 1 75  ? 0.953   -9.169  0.350   1.00 52.88 ? 403 HIS A O   1 
ATOM   377  C CB  . HIS A 1 75  ? -0.714  -7.159  2.008   1.00 44.84 ? 403 HIS A CB  1 
ATOM   378  C CG  . HIS A 1 75  ? -0.118  -6.810  3.333   1.00 45.27 ? 403 HIS A CG  1 
ATOM   379  N ND1 . HIS A 1 75  ? -0.686  -7.196  4.529   1.00 49.46 ? 403 HIS A ND1 1 
ATOM   380  C CD2 . HIS A 1 75  ? 0.985   -6.093  3.657   1.00 46.62 ? 403 HIS A CD2 1 
ATOM   381  C CE1 . HIS A 1 75  ? 0.042   -6.736  5.530   1.00 48.49 ? 403 HIS A CE1 1 
ATOM   382  N NE2 . HIS A 1 75  ? 1.063   -6.063  5.027   1.00 47.23 ? 403 HIS A NE2 1 
ATOM   383  N N   . CYS A 1 76  ? 2.482   -7.766  1.222   1.00 49.60 ? 404 CYS A N   1 
ATOM   384  C CA  . CYS A 1 76  ? 3.473   -8.820  1.418   1.00 50.23 ? 404 CYS A CA  1 
ATOM   385  C C   . CYS A 1 76  ? 4.679   -8.380  2.244   1.00 55.56 ? 404 CYS A C   1 
ATOM   386  O O   . CYS A 1 76  ? 5.115   -7.226  2.167   1.00 53.83 ? 404 CYS A O   1 
ATOM   387  C CB  . CYS A 1 76  ? 3.913   -9.428  0.083   1.00 60.33 ? 404 CYS A CB  1 
ATOM   388  S SG  . CYS A 1 76  ? 4.619   -8.274  -1.097  1.00 58.93 ? 404 CYS A SG  1 
ATOM   389  N N   . PHE A 1 77  ? 5.196   -9.322  3.037   1.00 53.19 ? 405 PHE A N   1 
ATOM   390  C CA  . PHE A 1 77  ? 6.342   -9.113  3.922   1.00 58.28 ? 405 PHE A CA  1 
ATOM   391  C C   . PHE A 1 77  ? 7.540   -9.936  3.455   1.00 66.75 ? 405 PHE A C   1 
ATOM   392  O O   . PHE A 1 77  ? 7.459   -10.679 2.473   1.00 68.20 ? 405 PHE A O   1 
ATOM   393  C CB  . PHE A 1 77  ? 6.035   -9.602  5.340   1.00 59.92 ? 405 PHE A CB  1 
ATOM   394  C CG  . PHE A 1 77  ? 4.761   -9.067  5.933   1.00 61.55 ? 405 PHE A CG  1 
ATOM   395  C CD1 . PHE A 1 77  ? 4.803   -8.108  6.943   1.00 61.38 ? 405 PHE A CD1 1 
ATOM   396  C CD2 . PHE A 1 77  ? 3.528   -9.548  5.521   1.00 55.62 ? 405 PHE A CD2 1 
ATOM   397  C CE1 . PHE A 1 77  ? 3.636   -7.623  7.517   1.00 58.58 ? 405 PHE A CE1 1 
ATOM   398  C CE2 . PHE A 1 77  ? 2.357   -9.064  6.086   1.00 58.75 ? 405 PHE A CE2 1 
ATOM   399  C CZ  . PHE A 1 77  ? 2.412   -8.104  7.089   1.00 59.27 ? 405 PHE A CZ  1 
ATOM   400  N N   . ARG A 1 78  ? 8.640   -9.836  4.195   1.00 70.14 ? 406 ARG A N   1 
ATOM   401  C CA  . ARG A 1 78  ? 9.780   -10.719 3.972   1.00 75.09 ? 406 ARG A CA  1 
ATOM   402  C C   . ARG A 1 78  ? 9.439   -12.150 4.379   1.00 78.73 ? 406 ARG A C   1 
ATOM   403  O O   . ARG A 1 78  ? 10.059  -12.716 5.281   1.00 81.82 ? 406 ARG A O   1 
ATOM   404  C CB  . ARG A 1 78  ? 11.000  -10.235 4.750   1.00 71.39 ? 406 ARG A CB  1 
ATOM   405  C CG  . ARG A 1 78  ? 11.867  -9.258  3.985   1.00 69.43 ? 406 ARG A CG  1 
ATOM   406  C CD  . ARG A 1 78  ? 13.052  -8.854  4.834   1.00 73.44 ? 406 ARG A CD  1 
ATOM   407  N NE  . ARG A 1 78  ? 13.805  -7.753  4.243   1.00 71.69 ? 406 ARG A NE  1 
ATOM   408  C CZ  . ARG A 1 78  ? 14.799  -7.119  4.860   1.00 74.33 ? 406 ARG A CZ  1 
ATOM   409  N NH1 . ARG A 1 78  ? 15.160  -7.478  6.087   1.00 77.99 ? 406 ARG A NH1 1 
ATOM   410  N NH2 . ARG A 1 78  ? 15.432  -6.125  4.253   1.00 70.40 ? 406 ARG A NH2 1 
ATOM   411  N N   . ALA A 1 104 ? 12.144  -11.960 -3.908  1.00 52.12 ? 432 ALA A N   1 
ATOM   412  C CA  . ALA A 1 104 ? 12.593  -11.092 -2.829  1.00 57.79 ? 432 ALA A CA  1 
ATOM   413  C C   . ALA A 1 104 ? 11.942  -9.708  -2.947  1.00 56.94 ? 432 ALA A C   1 
ATOM   414  O O   . ALA A 1 104 ? 11.569  -9.272  -4.037  1.00 53.80 ? 432 ALA A O   1 
ATOM   415  C CB  . ALA A 1 104 ? 14.118  -10.990 -2.818  1.00 55.06 ? 432 ALA A CB  1 
ATOM   416  N N   . MET A 1 105 ? 11.813  -9.028  -1.813  1.00 60.37 ? 433 MET A N   1 
ATOM   417  C CA  . MET A 1 105 ? 11.016  -7.799  -1.710  1.00 57.71 ? 433 MET A CA  1 
ATOM   418  C C   . MET A 1 105 ? 11.344  -6.699  -2.724  1.00 54.40 ? 433 MET A C   1 
ATOM   419  O O   . MET A 1 105 ? 10.434  -6.105  -3.305  1.00 51.72 ? 433 MET A O   1 
ATOM   420  C CB  . MET A 1 105 ? 11.072  -7.244  -0.284  1.00 57.35 ? 433 MET A CB  1 
ATOM   421  C CG  . MET A 1 105 ? 10.248  -8.041  0.707   1.00 61.60 ? 433 MET A CG  1 
ATOM   422  S SD  . MET A 1 105 ? 8.499   -8.019  0.271   1.00 71.12 ? 433 MET A SD  1 
ATOM   423  C CE  . MET A 1 105 ? 8.207   -6.256  0.163   1.00 56.09 ? 433 MET A CE  1 
ATOM   424  N N   . PRO A 1 106 ? 12.641  -6.415  -2.931  1.00 56.90 ? 434 PRO A N   1 
ATOM   425  C CA  . PRO A 1 106 ? 13.019  -5.372  -3.892  1.00 56.72 ? 434 PRO A CA  1 
ATOM   426  C C   . PRO A 1 106 ? 12.486  -5.683  -5.285  1.00 54.78 ? 434 PRO A C   1 
ATOM   427  O O   . PRO A 1 106 ? 12.122  -4.770  -6.021  1.00 54.58 ? 434 PRO A O   1 
ATOM   428  C CB  . PRO A 1 106 ? 14.548  -5.441  -3.898  1.00 58.89 ? 434 PRO A CB  1 
ATOM   429  C CG  . PRO A 1 106 ? 14.910  -6.052  -2.582  1.00 57.77 ? 434 PRO A CG  1 
ATOM   430  C CD  . PRO A 1 106 ? 13.814  -7.020  -2.276  1.00 58.28 ? 434 PRO A CD  1 
ATOM   431  N N   . GLY A 1 107 ? 12.441  -6.962  -5.641  1.00 55.42 ? 435 GLY A N   1 
ATOM   432  C CA  . GLY A 1 107 ? 11.951  -7.362  -6.946  1.00 54.46 ? 435 GLY A CA  1 
ATOM   433  C C   . GLY A 1 107 ? 10.464  -7.098  -7.074  1.00 48.77 ? 435 GLY A C   1 
ATOM   434  O O   . GLY A 1 107 ? 9.993   -6.605  -8.099  1.00 44.82 ? 435 GLY A O   1 
ATOM   435  N N   . VAL A 1 108 ? 9.725   -7.417  -6.019  1.00 46.00 ? 436 VAL A N   1 
ATOM   436  C CA  . VAL A 1 108 ? 8.280   -7.261  -6.029  1.00 42.93 ? 436 VAL A CA  1 
ATOM   437  C C   . VAL A 1 108 ? 7.871   -5.784  -6.099  1.00 45.32 ? 436 VAL A C   1 
ATOM   438  O O   . VAL A 1 108 ? 6.968   -5.414  -6.846  1.00 39.51 ? 436 VAL A O   1 
ATOM   439  C CB  . VAL A 1 108 ? 7.665   -7.892  -4.792  1.00 42.48 ? 436 VAL A CB  1 
ATOM   440  C CG1 . VAL A 1 108 ? 6.158   -7.698  -4.795  1.00 41.25 ? 436 VAL A CG1 1 
ATOM   441  C CG2 . VAL A 1 108 ? 8.038   -9.369  -4.723  1.00 46.56 ? 436 VAL A CG2 1 
ATOM   442  N N   . LEU A 1 109 ? 8.537   -4.955  -5.306  1.00 45.99 ? 437 LEU A N   1 
ATOM   443  C CA  . LEU A 1 109 ? 8.264   -3.531  -5.283  1.00 42.01 ? 437 LEU A CA  1 
ATOM   444  C C   . LEU A 1 109 ? 8.563   -2.898  -6.643  1.00 39.91 ? 437 LEU A C   1 
ATOM   445  O O   . LEU A 1 109 ? 7.771   -2.098  -7.141  1.00 40.35 ? 437 LEU A O   1 
ATOM   446  C CB  . LEU A 1 109 ? 9.075   -2.859  -4.172  1.00 45.37 ? 437 LEU A CB  1 
ATOM   447  C CG  . LEU A 1 109 ? 8.925   -1.343  -4.025  1.00 45.48 ? 437 LEU A CG  1 
ATOM   448  C CD1 . LEU A 1 109 ? 7.474   -0.966  -3.754  1.00 40.92 ? 437 LEU A CD1 1 
ATOM   449  C CD2 . LEU A 1 109 ? 9.835   -0.820  -2.928  1.00 47.69 ? 437 LEU A CD2 1 
ATOM   450  N N   . SER A 1 110 ? 9.695   -3.260  -7.244  1.00 40.47 ? 438 SER A N   1 
ATOM   451  C CA  . SER A 1 110 ? 10.077  -2.734  -8.558  1.00 41.32 ? 438 SER A CA  1 
ATOM   452  C C   . SER A 1 110 ? 9.081   -3.138  -9.618  1.00 40.67 ? 438 SER A C   1 
ATOM   453  O O   . SER A 1 110 ? 8.743   -2.350  -10.502 1.00 40.07 ? 438 SER A O   1 
ATOM   454  C CB  . SER A 1 110 ? 11.445  -3.263  -9.000  1.00 47.49 ? 438 SER A CB  1 
ATOM   455  O OG  . SER A 1 110 ? 12.486  -2.790  -8.174  1.00 56.97 ? 438 SER A OG  1 
ATOM   456  N N   . TYR A 1 111 ? 8.637   -4.385  -9.546  1.00 41.08 ? 439 TYR A N   1 
ATOM   457  C CA  . TYR A 1 111 ? 7.747   -4.922  -10.564 1.00 40.87 ? 439 TYR A CA  1 
ATOM   458  C C   . TYR A 1 111 ? 6.375   -4.281  -10.422 1.00 38.48 ? 439 TYR A C   1 
ATOM   459  O O   . TYR A 1 111 ? 5.729   -3.962  -11.419 1.00 39.38 ? 439 TYR A O   1 
ATOM   460  C CB  . TYR A 1 111 ? 7.659   -6.457  -10.478 1.00 43.60 ? 439 TYR A CB  1 
ATOM   461  C CG  . TYR A 1 111 ? 7.190   -7.089  -11.772 1.00 46.38 ? 439 TYR A CG  1 
ATOM   462  C CD1 . TYR A 1 111 ? 7.944   -6.967  -12.934 1.00 49.42 ? 439 TYR A CD1 1 
ATOM   463  C CD2 . TYR A 1 111 ? 5.992   -7.788  -11.840 1.00 44.58 ? 439 TYR A CD2 1 
ATOM   464  C CE1 . TYR A 1 111 ? 7.521   -7.524  -14.129 1.00 53.31 ? 439 TYR A CE1 1 
ATOM   465  C CE2 . TYR A 1 111 ? 5.558   -8.354  -13.036 1.00 46.29 ? 439 TYR A CE2 1 
ATOM   466  C CZ  . TYR A 1 111 ? 6.329   -8.219  -14.176 1.00 53.09 ? 439 TYR A CZ  1 
ATOM   467  O OH  . TYR A 1 111 ? 5.915   -8.776  -15.369 1.00 60.09 ? 439 TYR A OH  1 
ATOM   468  N N   . VAL A 1 112 ? 5.937   -4.070  -9.183  1.00 32.47 ? 440 VAL A N   1 
ATOM   469  C CA  . VAL A 1 112 ? 4.676   -3.377  -8.953  1.00 30.40 ? 440 VAL A CA  1 
ATOM   470  C C   . VAL A 1 112 ? 4.707   -1.941  -9.511  1.00 31.84 ? 440 VAL A C   1 
ATOM   471  O O   . VAL A 1 112 ? 3.784   -1.513  -10.207 1.00 29.78 ? 440 VAL A O   1 
ATOM   472  C CB  . VAL A 1 112 ? 4.321   -3.345  -7.474  1.00 36.64 ? 440 VAL A CB  1 
ATOM   473  C CG1 . VAL A 1 112 ? 3.146   -2.403  -7.241  1.00 29.67 ? 440 VAL A CG1 1 
ATOM   474  C CG2 . VAL A 1 112 ? 4.004   -4.756  -6.981  1.00 29.10 ? 440 VAL A CG2 1 
ATOM   475  N N   . ILE A 1 113 ? 5.778   -1.208  -9.217  1.00 30.31 ? 441 ILE A N   1 
ATOM   476  C CA  . ILE A 1 113 ? 5.909   0.166   -9.685  1.00 31.67 ? 441 ILE A CA  1 
ATOM   477  C C   . ILE A 1 113 ? 5.821   0.206   -11.215 1.00 31.17 ? 441 ILE A C   1 
ATOM   478  O O   . ILE A 1 113 ? 5.069   0.997   -11.777 1.00 31.81 ? 441 ILE A O   1 
ATOM   479  C CB  . ILE A 1 113 ? 7.222   0.817   -9.184  1.00 34.79 ? 441 ILE A CB  1 
ATOM   480  C CG1 . ILE A 1 113 ? 7.202   0.965   -7.662  1.00 35.25 ? 441 ILE A CG1 1 
ATOM   481  C CG2 . ILE A 1 113 ? 7.447   2.185   -9.842  1.00 36.30 ? 441 ILE A CG2 1 
ATOM   482  C CD1 . ILE A 1 113 ? 8.490   1.527   -7.084  1.00 33.87 ? 441 ILE A CD1 1 
ATOM   483  N N   . GLY A 1 114 ? 6.560   -0.676  -11.883 1.00 32.85 ? 442 GLY A N   1 
ATOM   484  C CA  . GLY A 1 114 ? 6.522   -0.757  -13.332 1.00 32.00 ? 442 GLY A CA  1 
ATOM   485  C C   . GLY A 1 114 ? 5.139   -1.038  -13.895 1.00 33.94 ? 442 GLY A C   1 
ATOM   486  O O   . GLY A 1 114 ? 4.860   -0.733  -15.056 1.00 35.03 ? 442 GLY A O   1 
ATOM   487  N N   . LEU A 1 115 ? 4.267   -1.617  -13.077 1.00 31.53 ? 443 LEU A N   1 
ATOM   488  C CA  . LEU A 1 115 ? 2.940   -2.029  -13.542 1.00 31.87 ? 443 LEU A CA  1 
ATOM   489  C C   . LEU A 1 115 ? 1.790   -1.083  -13.174 1.00 35.73 ? 443 LEU A C   1 
ATOM   490  O O   . LEU A 1 115 ? 0.698   -1.207  -13.725 1.00 35.89 ? 443 LEU A O   1 
ATOM   491  C CB  . LEU A 1 115 ? 2.610   -3.432  -13.025 1.00 36.24 ? 443 LEU A CB  1 
ATOM   492  C CG  . LEU A 1 115 ? 3.455   -4.588  -13.556 1.00 37.47 ? 443 LEU A CG  1 
ATOM   493  C CD1 . LEU A 1 115 ? 3.226   -5.835  -12.719 1.00 40.22 ? 443 LEU A CD1 1 
ATOM   494  C CD2 . LEU A 1 115 ? 3.126   -4.841  -15.017 1.00 39.87 ? 443 LEU A CD2 1 
ATOM   495  N N   . LEU A 1 116 ? 2.008   -0.161  -12.237 1.00 32.24 ? 444 LEU A N   1 
ATOM   496  C CA  . LEU A 1 116 ? 0.968   0.824   -11.922 1.00 32.85 ? 444 LEU A CA  1 
ATOM   497  C C   . LEU A 1 116 ? 0.482   1.555   -13.172 1.00 34.32 ? 444 LEU A C   1 
ATOM   498  O O   . LEU A 1 116 ? 1.273   1.861   -14.071 1.00 32.04 ? 444 LEU A O   1 
ATOM   499  C CB  . LEU A 1 116 ? 1.449   1.837   -10.875 1.00 29.04 ? 444 LEU A CB  1 
ATOM   500  C CG  . LEU A 1 116 ? 1.778   1.219   -9.522  1.00 32.72 ? 444 LEU A CG  1 
ATOM   501  C CD1 . LEU A 1 116 ? 2.388   2.261   -8.587  1.00 35.02 ? 444 LEU A CD1 1 
ATOM   502  C CD2 . LEU A 1 116 ? 0.523   0.598   -8.911  1.00 30.51 ? 444 LEU A CD2 1 
ATOM   503  N N   . PRO A 1 117 ? -0.830  1.831   -13.235 1.00 32.22 ? 445 PRO A N   1 
ATOM   504  C CA  . PRO A 1 117 ? -1.411  2.497   -14.401 1.00 33.34 ? 445 PRO A CA  1 
ATOM   505  C C   . PRO A 1 117 ? -0.761  3.860   -14.658 1.00 32.79 ? 445 PRO A C   1 
ATOM   506  O O   . PRO A 1 117 ? -0.257  4.493   -13.726 1.00 31.46 ? 445 PRO A O   1 
ATOM   507  C CB  . PRO A 1 117 ? -2.878  2.666   -14.002 1.00 34.07 ? 445 PRO A CB  1 
ATOM   508  C CG  . PRO A 1 117 ? -3.132  1.536   -13.074 1.00 36.13 ? 445 PRO A CG  1 
ATOM   509  C CD  . PRO A 1 117 ? -1.863  1.398   -12.280 1.00 35.34 ? 445 PRO A CD  1 
ATOM   510  N N   . PRO A 1 118 ? -0.761  4.302   -15.921 1.00 33.65 ? 446 PRO A N   1 
ATOM   511  C CA  . PRO A 1 118 ? -0.139  5.569   -16.323 1.00 30.27 ? 446 PRO A CA  1 
ATOM   512  C C   . PRO A 1 118 ? -0.750  6.783   -15.631 1.00 32.79 ? 446 PRO A C   1 
ATOM   513  O O   . PRO A 1 118 ? -1.973  6.849   -15.483 1.00 33.82 ? 446 PRO A O   1 
ATOM   514  C CB  . PRO A 1 118 ? -0.427  5.624   -17.823 1.00 34.37 ? 446 PRO A CB  1 
ATOM   515  C CG  . PRO A 1 118 ? -0.503  4.178   -18.234 1.00 37.64 ? 446 PRO A CG  1 
ATOM   516  C CD  . PRO A 1 118 ? -1.201  3.509   -17.090 1.00 38.09 ? 446 PRO A CD  1 
ATOM   517  N N   . ASP A 1 119 ? 0.095   7.725   -15.215 1.00 31.17 ? 447 ASP A N   1 
ATOM   518  C CA  . ASP A 1 119 ? -0.372  9.001   -14.665 1.00 32.07 ? 447 ASP A CA  1 
ATOM   519  C C   . ASP A 1 119 ? -1.251  8.883   -13.407 1.00 32.34 ? 447 ASP A C   1 
ATOM   520  O O   . ASP A 1 119 ? -2.001  9.803   -13.066 1.00 35.82 ? 447 ASP A O   1 
ATOM   521  C CB  . ASP A 1 119 ? -1.151  9.764   -15.728 1.00 32.19 ? 447 ASP A CB  1 
ATOM   522  C CG  . ASP A 1 119 ? -0.345  9.989   -17.000 1.00 38.79 ? 447 ASP A CG  1 
ATOM   523  O OD1 . ASP A 1 119 ? 0.898   10.095  -16.918 1.00 35.60 ? 447 ASP A OD1 1 
ATOM   524  O OD2 . ASP A 1 119 ? -0.967  10.072  -18.080 1.00 36.41 ? 447 ASP A OD2 1 
ATOM   525  N N   . MET A 1 120 ? -1.168  7.765   -12.715 1.00 27.25 ? 448 MET A N   1 
ATOM   526  C CA  . MET A 1 120 ? -2.066  7.547   -11.585 1.00 30.79 ? 448 MET A CA  1 
ATOM   527  C C   . MET A 1 120 ? -1.647  8.318   -10.344 1.00 27.83 ? 448 MET A C   1 
ATOM   528  O O   . MET A 1 120 ? -0.457  8.529   -10.114 1.00 27.79 ? 448 MET A O   1 
ATOM   529  C CB  . MET A 1 120 ? -2.099  6.073   -11.235 1.00 31.50 ? 448 MET A CB  1 
ATOM   530  C CG  . MET A 1 120 ? -3.379  5.664   -10.586 1.00 36.88 ? 448 MET A CG  1 
ATOM   531  S SD  . MET A 1 120 ? -3.196  4.002   -10.015 1.00 47.07 ? 448 MET A SD  1 
ATOM   532  C CE  . MET A 1 120 ? -4.557  3.990   -8.832  1.00 43.07 ? 448 MET A CE  1 
ATOM   533  N N   . VAL A 1 121 ? -2.631  8.711   -9.536  1.00 31.22 ? 449 VAL A N   1 
ATOM   534  C CA  . VAL A 1 121 ? -2.381  9.350   -8.243  1.00 29.10 ? 449 VAL A CA  1 
ATOM   535  C C   . VAL A 1 121 ? -2.198  8.308   -7.131  1.00 28.92 ? 449 VAL A C   1 
ATOM   536  O O   . VAL A 1 121 ? -3.084  7.484   -6.886  1.00 26.62 ? 449 VAL A O   1 
ATOM   537  C CB  . VAL A 1 121 ? -3.530  10.313  -7.855  1.00 26.80 ? 449 VAL A CB  1 
ATOM   538  C CG1 . VAL A 1 121 ? -3.283  10.923  -6.476  1.00 27.09 ? 449 VAL A CG1 1 
ATOM   539  C CG2 . VAL A 1 121 ? -3.675  11.401  -8.886  1.00 30.60 ? 449 VAL A CG2 1 
ATOM   540  N N   . VAL A 1 122 ? -1.043  8.346   -6.468  1.00 27.67 ? 450 VAL A N   1 
ATOM   541  C CA  . VAL A 1 122 ? -0.759  7.445   -5.352  1.00 25.13 ? 450 VAL A CA  1 
ATOM   542  C C   . VAL A 1 122 ? -0.769  8.225   -4.032  1.00 27.96 ? 450 VAL A C   1 
ATOM   543  O O   . VAL A 1 122 ? -0.156  9.290   -3.931  1.00 25.11 ? 450 VAL A O   1 
ATOM   544  C CB  . VAL A 1 122 ? 0.606   6.753   -5.516  1.00 25.86 ? 450 VAL A CB  1 
ATOM   545  C CG1 . VAL A 1 122 ? 0.859   5.773   -4.350  1.00 21.41 ? 450 VAL A CG1 1 
ATOM   546  C CG2 . VAL A 1 122 ? 0.690   6.046   -6.882  1.00 27.52 ? 450 VAL A CG2 1 
ATOM   547  N N   . THR A 1 123 ? -1.470  7.700   -3.031  1.00 26.09 ? 451 THR A N   1 
ATOM   548  C CA  . THR A 1 123 ? -1.591  8.374   -1.748  1.00 23.42 ? 451 THR A CA  1 
ATOM   549  C C   . THR A 1 123 ? -0.720  7.691   -0.702  1.00 26.72 ? 451 THR A C   1 
ATOM   550  O O   . THR A 1 123 ? -0.733  6.468   -0.570  1.00 26.59 ? 451 THR A O   1 
ATOM   551  C CB  . THR A 1 123 ? -3.049  8.412   -1.289  1.00 27.44 ? 451 THR A CB  1 
ATOM   552  O OG1 . THR A 1 123 ? -3.858  8.971   -2.331  1.00 24.68 ? 451 THR A OG1 1 
ATOM   553  C CG2 . THR A 1 123 ? -3.191  9.275   -0.053  1.00 28.37 ? 451 THR A CG2 1 
ATOM   554  N N   . THR A 1 124 ? 0.062   8.476   0.028   1.00 23.63 ? 452 THR A N   1 
ATOM   555  C CA  . THR A 1 124 ? 0.991   7.907   0.999   1.00 24.23 ? 452 THR A CA  1 
ATOM   556  C C   . THR A 1 124 ? 0.953   8.724   2.294   1.00 29.81 ? 452 THR A C   1 
ATOM   557  O O   . THR A 1 124 ? 0.242   9.721   2.380   1.00 30.43 ? 452 THR A O   1 
ATOM   558  C CB  . THR A 1 124 ? 2.432   7.947   0.475   1.00 26.19 ? 452 THR A CB  1 
ATOM   559  O OG1 . THR A 1 124 ? 2.930   9.284   0.584   1.00 30.10 ? 452 THR A OG1 1 
ATOM   560  C CG2 . THR A 1 124 ? 2.500   7.507   -0.984  1.00 25.48 ? 452 THR A CG2 1 
ATOM   561  N N   . GLN A 1 125 ? 1.728   8.318   3.296   1.00 28.78 ? 453 GLN A N   1 
ATOM   562  C CA  . GLN A 1 125 ? 1.854   9.132   4.497   1.00 32.92 ? 453 GLN A CA  1 
ATOM   563  C C   . GLN A 1 125 ? 3.199   9.860   4.536   1.00 32.61 ? 453 GLN A C   1 
ATOM   564  O O   . GLN A 1 125 ? 3.578   10.431  5.558   1.00 37.30 ? 453 GLN A O   1 
ATOM   565  C CB  . GLN A 1 125 ? 1.638   8.291   5.754   1.00 33.04 ? 453 GLN A CB  1 
ATOM   566  C CG  . GLN A 1 125 ? 2.798   7.391   6.121   1.00 38.37 ? 453 GLN A CG  1 
ATOM   567  C CD  . GLN A 1 125 ? 2.546   6.603   7.403   1.00 41.79 ? 453 GLN A CD  1 
ATOM   568  O OE1 . GLN A 1 125 ? 2.169   5.431   7.358   1.00 46.22 ? 453 GLN A OE1 1 
ATOM   569  N NE2 . GLN A 1 125 ? 2.753   7.247   8.551   1.00 39.95 ? 453 GLN A NE2 1 
ATOM   570  N N   . GLY A 1 126 ? 3.901   9.850   3.405   1.00 32.70 ? 454 GLY A N   1 
ATOM   571  C CA  . GLY A 1 126 ? 5.187   10.517  3.261   1.00 29.95 ? 454 GLY A CA  1 
ATOM   572  C C   . GLY A 1 126 ? 5.952   9.879   2.105   1.00 36.01 ? 454 GLY A C   1 
ATOM   573  O O   . GLY A 1 126 ? 6.300   8.706   2.168   1.00 33.94 ? 454 GLY A O   1 
ATOM   574  N N   . SER A 1 127 ? 6.231   10.638  1.051   1.00 29.37 ? 455 SER A N   1 
ATOM   575  C CA  . SER A 1 127 ? 6.724   10.019  -0.180  1.00 34.83 ? 455 SER A CA  1 
ATOM   576  C C   . SER A 1 127 ? 8.065   10.539  -0.697  1.00 34.16 ? 455 SER A C   1 
ATOM   577  O O   . SER A 1 127 ? 8.329   10.463  -1.888  1.00 32.10 ? 455 SER A O   1 
ATOM   578  C CB  . SER A 1 127 ? 5.675   10.168  -1.284  1.00 30.33 ? 455 SER A CB  1 
ATOM   579  O OG  . SER A 1 127 ? 5.446   11.533  -1.563  1.00 34.37 ? 455 SER A OG  1 
ATOM   580  N N   . ASP A 1 128 ? 8.909   11.059  0.186   1.00 36.52 ? 456 ASP A N   1 
ATOM   581  C CA  . ASP A 1 128 ? 10.192  11.604  -0.245  1.00 36.56 ? 456 ASP A CA  1 
ATOM   582  C C   . ASP A 1 128 ? 11.016  10.552  -0.973  1.00 36.03 ? 456 ASP A C   1 
ATOM   583  O O   . ASP A 1 128 ? 11.585  10.821  -2.027  1.00 37.78 ? 456 ASP A O   1 
ATOM   584  C CB  . ASP A 1 128 ? 10.981  12.122  0.959   1.00 43.73 ? 456 ASP A CB  1 
ATOM   585  C CG  . ASP A 1 128 ? 10.627  13.553  1.324   1.00 47.23 ? 456 ASP A CG  1 
ATOM   586  O OD1 . ASP A 1 128 ? 9.929   14.227  0.536   1.00 45.53 ? 456 ASP A OD1 1 
ATOM   587  O OD2 . ASP A 1 128 ? 11.074  14.015  2.394   1.00 56.75 ? 456 ASP A OD2 1 
ATOM   588  N N   . ASP A 1 129 ? 11.096  9.356   -0.394  1.00 32.21 ? 457 ASP A N   1 
ATOM   589  C CA  . ASP A 1 129 ? 11.847  8.261   -1.009  1.00 36.49 ? 457 ASP A CA  1 
ATOM   590  C C   . ASP A 1 129 ? 11.052  7.544   -2.082  1.00 34.32 ? 457 ASP A C   1 
ATOM   591  O O   . ASP A 1 129 ? 11.617  7.081   -3.073  1.00 34.68 ? 457 ASP A O   1 
ATOM   592  C CB  . ASP A 1 129 ? 12.302  7.245   0.036   1.00 39.37 ? 457 ASP A CB  1 
ATOM   593  C CG  . ASP A 1 129 ? 13.372  7.792   0.959   1.00 47.98 ? 457 ASP A CG  1 
ATOM   594  O OD1 . ASP A 1 129 ? 14.005  8.823   0.626   1.00 50.10 ? 457 ASP A OD1 1 
ATOM   595  O OD2 . ASP A 1 129 ? 13.579  7.178   2.028   1.00 58.94 ? 457 ASP A OD2 1 
ATOM   596  N N   . ILE A 1 130 ? 9.741   7.433   -1.885  1.00 31.97 ? 458 ILE A N   1 
ATOM   597  C CA  . ILE A 1 130 ? 8.897   6.814   -2.899  1.00 31.43 ? 458 ILE A CA  1 
ATOM   598  C C   . ILE A 1 130 ? 9.020   7.571   -4.227  1.00 29.70 ? 458 ILE A C   1 
ATOM   599  O O   . ILE A 1 130 ? 9.131   6.962   -5.284  1.00 32.83 ? 458 ILE A O   1 
ATOM   600  C CB  . ILE A 1 130 ? 7.433   6.708   -2.455  1.00 27.71 ? 458 ILE A CB  1 
ATOM   601  C CG1 . ILE A 1 130 ? 7.313   5.728   -1.284  1.00 31.59 ? 458 ILE A CG1 1 
ATOM   602  C CG2 . ILE A 1 130 ? 6.564   6.252   -3.617  1.00 27.51 ? 458 ILE A CG2 1 
ATOM   603  C CD1 . ILE A 1 130 ? 5.904   5.602   -0.710  1.00 28.03 ? 458 ILE A CD1 1 
ATOM   604  N N   . ARG A 1 131 ? 9.017   8.899   -4.166  1.00 27.75 ? 459 ARG A N   1 
ATOM   605  C CA  . ARG A 1 131 ? 9.288   9.724   -5.345  1.00 29.44 ? 459 ARG A CA  1 
ATOM   606  C C   . ARG A 1 131 ? 10.597  9.307   -6.032  1.00 31.10 ? 459 ARG A C   1 
ATOM   607  O O   . ARG A 1 131 ? 10.625  9.108   -7.232  1.00 28.63 ? 459 ARG A O   1 
ATOM   608  C CB  . ARG A 1 131 ? 9.314   11.214  -4.977  1.00 29.84 ? 459 ARG A CB  1 
ATOM   609  C CG  . ARG A 1 131 ? 9.702   12.180  -6.116  1.00 27.22 ? 459 ARG A CG  1 
ATOM   610  C CD  . ARG A 1 131 ? 9.142   11.745  -7.469  1.00 34.99 ? 459 ARG A CD  1 
ATOM   611  N NE  . ARG A 1 131 ? 7.717   11.997  -7.544  1.00 32.40 ? 459 ARG A NE  1 
ATOM   612  C CZ  . ARG A 1 131 ? 6.901   11.500  -8.464  1.00 28.17 ? 459 ARG A CZ  1 
ATOM   613  N NH1 . ARG A 1 131 ? 7.347   10.704  -9.421  1.00 28.21 ? 459 ARG A NH1 1 
ATOM   614  N NH2 . ARG A 1 131 ? 5.621   11.815  -8.419  1.00 28.24 ? 459 ARG A NH2 1 
ATOM   615  N N   . LYS A 1 132 ? 11.667  9.161   -5.256  1.00 29.70 ? 460 LYS A N   1 
ATOM   616  C CA  . LYS A 1 132 ? 12.956  8.772   -5.795  1.00 30.60 ? 460 LYS A CA  1 
ATOM   617  C C   . LYS A 1 132 ? 12.889  7.394   -6.462  1.00 35.00 ? 460 LYS A C   1 
ATOM   618  O O   . LYS A 1 132 ? 13.424  7.206   -7.547  1.00 33.44 ? 460 LYS A O   1 
ATOM   619  C CB  . LYS A 1 132 ? 14.016  8.770   -4.691  1.00 31.66 ? 460 LYS A CB  1 
ATOM   620  C CG  . LYS A 1 132 ? 14.336  10.145  -4.139  1.00 32.32 ? 460 LYS A CG  1 
ATOM   621  C CD  . LYS A 1 132 ? 15.442  10.051  -3.103  1.00 35.32 ? 460 LYS A CD  1 
ATOM   622  C CE  . LYS A 1 132 ? 15.160  10.945  -1.892  1.00 40.60 ? 460 LYS A CE  1 
ATOM   623  N NZ  . LYS A 1 132 ? 15.148  12.384  -2.274  1.00 35.21 ? 460 LYS A NZ  1 
ATOM   624  N N   . LEU A 1 133 ? 12.238  6.438   -5.802  1.00 31.13 ? 461 LEU A N   1 
ATOM   625  C CA  . LEU A 1 133 ? 12.026  5.110   -6.373  1.00 33.42 ? 461 LEU A CA  1 
ATOM   626  C C   . LEU A 1 133 ? 11.234  5.140   -7.669  1.00 31.26 ? 461 LEU A C   1 
ATOM   627  O O   . LEU A 1 133 ? 11.610  4.487   -8.630  1.00 35.24 ? 461 LEU A O   1 
ATOM   628  C CB  . LEU A 1 133 ? 11.287  4.202   -5.389  1.00 34.56 ? 461 LEU A CB  1 
ATOM   629  C CG  . LEU A 1 133 ? 12.067  3.362   -4.389  1.00 39.64 ? 461 LEU A CG  1 
ATOM   630  C CD1 . LEU A 1 133 ? 11.074  2.467   -3.691  1.00 44.79 ? 461 LEU A CD1 1 
ATOM   631  C CD2 . LEU A 1 133 ? 13.140  2.527   -5.072  1.00 40.58 ? 461 LEU A CD2 1 
ATOM   632  N N   . PHE A 1 134 ? 10.130  5.841   -7.692  1.00 28.92 ? 462 PHE A N   1 
ATOM   633  C CA  . PHE A 1 134 ? 9.297   5.967   -8.849  1.00 30.02 ? 462 PHE A CA  1 
ATOM   634  C C   . PHE A 1 134 ? 10.128  6.425   -10.071 1.00 33.11 ? 462 PHE A C   1 
ATOM   635  O O   . PHE A 1 134 ? 10.082  5.839   -11.106 1.00 32.30 ? 462 PHE A O   1 
ATOM   636  C CB  . PHE A 1 134 ? 8.176   6.973   -8.599  1.00 28.84 ? 462 PHE A CB  1 
ATOM   637  C CG  . PHE A 1 134 ? 6.983   6.428   -7.892  1.00 28.69 ? 462 PHE A CG  1 
ATOM   638  C CD1 . PHE A 1 134 ? 6.969   5.159   -7.398  1.00 29.80 ? 462 PHE A CD1 1 
ATOM   639  C CD2 . PHE A 1 134 ? 5.878   7.218   -7.694  1.00 28.78 ? 462 PHE A CD2 1 
ATOM   640  C CE1 . PHE A 1 134 ? 5.882   4.669   -6.751  1.00 27.61 ? 462 PHE A CE1 1 
ATOM   641  C CE2 . PHE A 1 134 ? 4.780   6.738   -7.043  1.00 27.45 ? 462 PHE A CE2 1 
ATOM   642  C CZ  . PHE A 1 134 ? 4.782   5.454   -6.580  1.00 30.30 ? 462 PHE A CZ  1 
ATOM   643  N N   . ASP A 1 135 ? 10.883  7.483   -9.873  1.00 33.47 ? 463 ASP A N   1 
ATOM   644  C CA  . ASP A 1 135 ? 11.681  8.133   -10.872 1.00 30.30 ? 463 ASP A CA  1 
ATOM   645  C C   . ASP A 1 135 ? 12.795  7.231   -11.399 1.00 34.66 ? 463 ASP A C   1 
ATOM   646  O O   . ASP A 1 135 ? 12.890  7.057   -12.559 1.00 34.18 ? 463 ASP A O   1 
ATOM   647  C CB  . ASP A 1 135 ? 12.247  9.439   -10.327 1.00 34.38 ? 463 ASP A CB  1 
ATOM   648  C CG  . ASP A 1 135 ? 11.200  10.525  -10.156 1.00 37.04 ? 463 ASP A CG  1 
ATOM   649  O OD1 . ASP A 1 135 ? 10.051  10.333  -10.463 1.00 32.90 ? 463 ASP A OD1 1 
ATOM   650  O OD2 . ASP A 1 135 ? 11.552  11.572  -9.681  1.00 34.82 ? 463 ASP A OD2 1 
ATOM   651  N N   . LEU A 1 136 ? 13.597  6.658   -10.526 1.00 30.00 ? 464 LEU A N   1 
ATOM   652  C CA  . LEU A 1 136 ? 14.585  5.679   -10.881 1.00 30.00 ? 464 LEU A CA  1 
ATOM   653  C C   . LEU A 1 136 ? 14.066  4.455   -11.618 1.00 30.00 ? 464 LEU A C   1 
ATOM   654  O O   . LEU A 1 136 ? 14.817  3.765   -12.224 1.00 30.00 ? 464 LEU A O   1 
ATOM   655  C CB  . LEU A 1 136 ? 15.367  5.236   -9.672  1.00 20.00 ? 464 LEU A CB  1 
ATOM   656  C CG  . LEU A 1 136 ? 16.379  6.208   -9.157  1.00 20.00 ? 464 LEU A CG  1 
ATOM   657  C CD1 . LEU A 1 136 ? 17.052  5.694   -7.919  1.00 20.00 ? 464 LEU A CD1 1 
ATOM   658  C CD2 . LEU A 1 136 ? 17.396  6.624   -10.181 1.00 20.00 ? 464 LEU A CD2 1 
ATOM   659  N N   . HIS A 1 137 ? 12.784  4.199   -11.567 1.00 40.35 ? 465 HIS A N   1 
ATOM   660  C CA  . HIS A 1 137 ? 12.219  3.114   -12.275 1.00 37.55 ? 465 HIS A CA  1 
ATOM   661  C C   . HIS A 1 137 ? 11.443  3.565   -13.440 1.00 36.36 ? 465 HIS A C   1 
ATOM   662  O O   . HIS A 1 137 ? 10.646  2.853   -13.940 1.00 42.43 ? 465 HIS A O   1 
ATOM   663  C CB  . HIS A 1 137 ? 11.342  2.272   -11.373 1.00 37.69 ? 465 HIS A CB  1 
ATOM   664  C CG  . HIS A 1 137 ? 12.107  1.411   -10.418 1.00 44.86 ? 465 HIS A CG  1 
ATOM   665  N ND1 . HIS A 1 137 ? 12.631  1.875   -9.303  1.00 45.67 ? 465 HIS A ND1 1 
ATOM   666  C CD2 . HIS A 1 137 ? 12.447  0.095   -10.474 1.00 45.08 ? 465 HIS A CD2 1 
ATOM   667  C CE1 . HIS A 1 137 ? 13.265  0.913   -8.671  1.00 48.30 ? 465 HIS A CE1 1 
ATOM   668  N NE2 . HIS A 1 137 ? 13.161  -0.175  -9.392  1.00 53.09 ? 465 HIS A NE2 1 
ATOM   669  N N   . GLY A 1 138 ? 11.651  4.779   -13.876 1.00 38.36 ? 466 GLY A N   1 
ATOM   670  C CA  . GLY A 1 138 ? 11.010  5.291   -15.074 1.00 39.39 ? 466 GLY A CA  1 
ATOM   671  C C   . GLY A 1 138 ? 9.538   5.622   -14.942 1.00 37.59 ? 466 GLY A C   1 
ATOM   672  O O   . GLY A 1 138 ? 8.805   5.611   -15.933 1.00 41.43 ? 466 GLY A O   1 
ATOM   673  N N   . ARG A 1 139 ? 9.100   5.942   -13.726 1.00 36.86 ? 467 ARG A N   1 
ATOM   674  C CA  . ARG A 1 139 ? 7.702   6.301   -13.491 1.00 31.33 ? 467 ARG A CA  1 
ATOM   675  C C   . ARG A 1 139 ? 7.525   7.730   -12.996 1.00 32.97 ? 467 ARG A C   1 
ATOM   676  O O   . ARG A 1 139 ? 6.806   7.963   -12.025 1.00 32.41 ? 467 ARG A O   1 
ATOM   677  C CB  . ARG A 1 139 ? 7.048   5.322   -12.511 1.00 29.84 ? 467 ARG A CB  1 
ATOM   678  C CG  . ARG A 1 139 ? 7.007   3.883   -12.991 1.00 31.33 ? 467 ARG A CG  1 
ATOM   679  C CD  . ARG A 1 139 ? 6.405   3.778   -14.377 1.00 28.77 ? 467 ARG A CD  1 
ATOM   680  N NE  . ARG A 1 139 ? 5.093   4.425   -14.469 1.00 28.30 ? 467 ARG A NE  1 
ATOM   681  C CZ  . ARG A 1 139 ? 3.945   3.816   -14.182 1.00 30.34 ? 467 ARG A CZ  1 
ATOM   682  N NH1 . ARG A 1 139 ? 3.949   2.562   -13.762 1.00 29.69 ? 467 ARG A NH1 1 
ATOM   683  N NH2 . ARG A 1 139 ? 2.797   4.461   -14.306 1.00 28.74 ? 467 ARG A NH2 1 
ATOM   684  N N   . ARG A 1 140 ? 8.158   8.686   -13.677 1.00 32.27 ? 468 ARG A N   1 
ATOM   685  C CA  . ARG A 1 140 ? 7.972   10.103  -13.381 1.00 34.28 ? 468 ARG A CA  1 
ATOM   686  C C   . ARG A 1 140 ? 6.534   10.537  -13.590 1.00 32.70 ? 468 ARG A C   1 
ATOM   687  O O   . ARG A 1 140 ? 6.146   11.627  -13.171 1.00 26.43 ? 468 ARG A O   1 
ATOM   688  C CB  . ARG A 1 140 ? 8.870   10.971  -14.276 1.00 36.01 ? 468 ARG A CB  1 
ATOM   689  C CG  . ARG A 1 140 ? 10.342  10.754  -14.050 1.00 41.04 ? 468 ARG A CG  1 
ATOM   690  C CD  . ARG A 1 140 ? 11.163  11.494  -15.086 1.00 45.91 ? 468 ARG A CD  1 
ATOM   691  N NE  . ARG A 1 140 ? 11.015  12.932  -14.927 1.00 52.28 ? 468 ARG A NE  1 
ATOM   692  C CZ  . ARG A 1 140 ? 11.825  13.828  -15.481 1.00 58.05 ? 468 ARG A CZ  1 
ATOM   693  N NH1 . ARG A 1 140 ? 12.842  13.418  -16.230 1.00 57.24 ? 468 ARG A NH1 1 
ATOM   694  N NH2 . ARG A 1 140 ? 11.622  15.131  -15.281 1.00 51.35 ? 468 ARG A NH2 1 
ATOM   695  N N   . ASP A 1 141 ? 5.756   9.704   -14.275 1.00 28.46 ? 469 ASP A N   1 
ATOM   696  C CA  . ASP A 1 141 ? 4.369   10.047  -14.587 1.00 30.34 ? 469 ASP A CA  1 
ATOM   697  C C   . ASP A 1 141 ? 3.445   9.851   -13.387 1.00 28.10 ? 469 ASP A C   1 
ATOM   698  O O   . ASP A 1 141 ? 2.349   10.402  -13.357 1.00 28.05 ? 469 ASP A O   1 
ATOM   699  C CB  . ASP A 1 141 ? 3.861   9.182   -15.730 1.00 31.63 ? 469 ASP A CB  1 
ATOM   700  C CG  . ASP A 1 141 ? 3.908   7.703   -15.395 1.00 29.10 ? 469 ASP A CG  1 
ATOM   701  O OD1 . ASP A 1 141 ? 5.030   7.164   -15.287 1.00 32.22 ? 469 ASP A OD1 1 
ATOM   702  O OD2 . ASP A 1 141 ? 2.835   7.081   -15.233 1.00 29.79 ? 469 ASP A OD2 1 
ATOM   703  N N   . LEU A 1 142 ? 3.871   9.035   -12.426 1.00 29.44 ? 470 LEU A N   1 
ATOM   704  C CA  . LEU A 1 142 ? 3.066   8.792   -11.235 1.00 26.30 ? 470 LEU A CA  1 
ATOM   705  C C   . LEU A 1 142 ? 3.027   10.047  -10.383 1.00 28.15 ? 470 LEU A C   1 
ATOM   706  O O   . LEU A 1 142 ? 4.051   10.726  -10.216 1.00 26.79 ? 470 LEU A O   1 
ATOM   707  C CB  . LEU A 1 142 ? 3.611   7.609   -10.429 1.00 25.76 ? 470 LEU A CB  1 
ATOM   708  C CG  . LEU A 1 142 ? 3.465   6.231   -11.097 1.00 29.73 ? 470 LEU A CG  1 
ATOM   709  C CD1 . LEU A 1 142 ? 4.143   5.154   -10.265 1.00 27.71 ? 470 LEU A CD1 1 
ATOM   710  C CD2 . LEU A 1 142 ? 2.001   5.896   -11.351 1.00 25.50 ? 470 LEU A CD2 1 
ATOM   711  N N   . LYS A 1 143 ? 1.835   10.361  -9.875  1.00 28.57 ? 471 LYS A N   1 
ATOM   712  C CA  . LYS A 1 143 ? 1.619   11.516  -9.016  1.00 27.99 ? 471 LYS A CA  1 
ATOM   713  C C   . LYS A 1 143 ? 1.504   11.066  -7.565  1.00 31.60 ? 471 LYS A C   1 
ATOM   714  O O   . LYS A 1 143 ? 0.969   9.991   -7.289  1.00 29.62 ? 471 LYS A O   1 
ATOM   715  C CB  . LYS A 1 143 ? 0.347   12.258  -9.428  1.00 28.79 ? 471 LYS A CB  1 
ATOM   716  C CG  . LYS A 1 143 ? 0.554   13.245  -10.545 1.00 33.32 ? 471 LYS A CG  1 
ATOM   717  C CD  . LYS A 1 143 ? -0.026  12.752  -11.831 1.00 39.79 ? 471 LYS A CD  1 
ATOM   718  C CE  . LYS A 1 143 ? -1.490  13.099  -11.955 1.00 40.61 ? 471 LYS A CE  1 
ATOM   719  N NZ  . LYS A 1 143 ? -1.955  12.758  -13.332 1.00 45.50 ? 471 LYS A NZ  1 
ATOM   720  N N   . LEU A 1 144 ? 2.012   11.890  -6.648  1.00 25.29 ? 472 LEU A N   1 
ATOM   721  C CA  . LEU A 1 144 ? 2.039   11.560  -5.231  1.00 27.35 ? 472 LEU A CA  1 
ATOM   722  C C   . LEU A 1 144 ? 1.284   12.584  -4.379  1.00 28.23 ? 472 LEU A C   1 
ATOM   723  O O   . LEU A 1 144 ? 1.380   13.791  -4.599  1.00 25.58 ? 472 LEU A O   1 
ATOM   724  C CB  . LEU A 1 144 ? 3.481   11.436  -4.736  1.00 25.68 ? 472 LEU A CB  1 
ATOM   725  C CG  . LEU A 1 144 ? 4.172   10.130  -5.114  1.00 25.89 ? 472 LEU A CG  1 
ATOM   726  C CD1 . LEU A 1 144 ? 5.685   10.278  -5.079  1.00 23.44 ? 472 LEU A CD1 1 
ATOM   727  C CD2 . LEU A 1 144 ? 3.700   9.008   -4.186  1.00 29.40 ? 472 LEU A CD2 1 
ATOM   728  N N   . VAL A 1 145 ? 0.521   12.077  -3.417  1.00 25.00 ? 473 VAL A N   1 
ATOM   729  C CA  . VAL A 1 145 ? -0.145  12.904  -2.423  1.00 24.82 ? 473 VAL A CA  1 
ATOM   730  C C   . VAL A 1 145 ? 0.273   12.369  -1.050  1.00 25.41 ? 473 VAL A C   1 
ATOM   731  O O   . VAL A 1 145 ? 0.258   11.167  -0.841  1.00 28.11 ? 473 VAL A O   1 
ATOM   732  C CB  . VAL A 1 145 ? -1.669  12.811  -2.575  1.00 27.55 ? 473 VAL A CB  1 
ATOM   733  C CG1 . VAL A 1 145 ? -2.373  13.462  -1.398  1.00 24.87 ? 473 VAL A CG1 1 
ATOM   734  C CG2 . VAL A 1 145 ? -2.105  13.445  -3.882  1.00 24.70 ? 473 VAL A CG2 1 
ATOM   735  N N   . ASP A 1 146 ? 0.682   13.256  -0.142  1.00 25.88 ? 474 ASP A N   1 
ATOM   736  C CA  . ASP A 1 146 ? 1.122   12.879  1.200   1.00 26.86 ? 474 ASP A CA  1 
ATOM   737  C C   . ASP A 1 146 ? 0.115   13.367  2.239   1.00 29.16 ? 474 ASP A C   1 
ATOM   738  O O   . ASP A 1 146 ? -0.040  14.562  2.439   1.00 27.68 ? 474 ASP A O   1 
ATOM   739  C CB  . ASP A 1 146 ? 2.478   13.498  1.532   1.00 26.28 ? 474 ASP A CB  1 
ATOM   740  C CG  . ASP A 1 146 ? 3.614   12.875  0.768   1.00 35.68 ? 474 ASP A CG  1 
ATOM   741  O OD1 . ASP A 1 146 ? 4.774   13.097  1.185   1.00 37.30 ? 474 ASP A OD1 1 
ATOM   742  O OD2 . ASP A 1 146 ? 3.362   12.167  -0.238  1.00 29.48 ? 474 ASP A OD2 1 
ATOM   743  N N   . VAL A 1 147 ? -0.574  12.439  2.884   1.00 25.40 ? 475 VAL A N   1 
ATOM   744  C CA  . VAL A 1 147 ? -1.545  12.790  3.897   1.00 27.70 ? 475 VAL A CA  1 
ATOM   745  C C   . VAL A 1 147 ? -0.808  12.893  5.219   1.00 29.63 ? 475 VAL A C   1 
ATOM   746  O O   . VAL A 1 147 ? -0.428  11.887  5.796   1.00 29.85 ? 475 VAL A O   1 
ATOM   747  C CB  . VAL A 1 147 ? -2.610  11.708  4.016   1.00 29.55 ? 475 VAL A CB  1 
ATOM   748  C CG1 . VAL A 1 147 ? -3.597  12.060  5.134   1.00 24.40 ? 475 VAL A CG1 1 
ATOM   749  C CG2 . VAL A 1 147 ? -3.316  11.545  2.686   1.00 24.71 ? 475 VAL A CG2 1 
ATOM   750  N N   . ARG A 1 148 ? -0.600  14.111  5.695   1.00 26.31 ? 476 ARG A N   1 
ATOM   751  C CA  . ARG A 1 148 ? 0.319   14.329  6.799   1.00 28.10 ? 476 ARG A CA  1 
ATOM   752  C C   . ARG A 1 148 ? -0.336  14.477  8.163   1.00 28.64 ? 476 ARG A C   1 
ATOM   753  O O   . ARG A 1 148 ? -0.126  15.465  8.866   1.00 33.14 ? 476 ARG A O   1 
ATOM   754  C CB  . ARG A 1 148 ? 1.208   15.519  6.487   1.00 27.07 ? 476 ARG A CB  1 
ATOM   755  C CG  . ARG A 1 148 ? 1.974   15.289  5.209   1.00 29.50 ? 476 ARG A CG  1 
ATOM   756  C CD  . ARG A 1 148 ? 2.915   16.414  4.946   1.00 34.03 ? 476 ARG A CD  1 
ATOM   757  N NE  . ARG A 1 148 ? 4.054   16.349  5.845   1.00 33.90 ? 476 ARG A NE  1 
ATOM   758  C CZ  . ARG A 1 148 ? 5.007   17.267  5.869   1.00 41.89 ? 476 ARG A CZ  1 
ATOM   759  N NH1 . ARG A 1 148 ? 4.935   18.301  5.038   1.00 32.33 ? 476 ARG A NH1 1 
ATOM   760  N NH2 . ARG A 1 148 ? 6.024   17.156  6.716   1.00 44.94 ? 476 ARG A NH2 1 
ATOM   761  N N   . LEU A 1 149 ? -1.116  13.472  8.534   1.00 29.21 ? 477 LEU A N   1 
ATOM   762  C CA  . LEU A 1 149 ? -1.688  13.384  9.860   1.00 28.00 ? 477 LEU A CA  1 
ATOM   763  C C   . LEU A 1 149 ? -0.583  13.502  10.895  1.00 30.42 ? 477 LEU A C   1 
ATOM   764  O O   . LEU A 1 149 ? 0.496   12.938  10.727  1.00 29.76 ? 477 LEU A O   1 
ATOM   765  C CB  . LEU A 1 149 ? -2.398  12.045  10.034  1.00 26.65 ? 477 LEU A CB  1 
ATOM   766  C CG  . LEU A 1 149 ? -3.510  11.706  9.046   1.00 28.39 ? 477 LEU A CG  1 
ATOM   767  C CD1 . LEU A 1 149 ? -4.342  10.534  9.564   1.00 26.28 ? 477 LEU A CD1 1 
ATOM   768  C CD2 . LEU A 1 149 ? -4.390  12.924  8.800   1.00 28.64 ? 477 LEU A CD2 1 
ATOM   769  N N   . THR A 1 150 ? -0.854  14.246  11.962  1.00 29.17 ? 478 THR A N   1 
ATOM   770  C CA  . THR A 1 150 ? 0.010   14.235  13.140  1.00 31.77 ? 478 THR A CA  1 
ATOM   771  C C   . THR A 1 150 ? -0.093  12.873  13.837  1.00 30.65 ? 478 THR A C   1 
ATOM   772  O O   . THR A 1 150 ? -1.057  12.139  13.626  1.00 28.90 ? 478 THR A O   1 
ATOM   773  C CB  . THR A 1 150 ? -0.389  15.356  14.117  1.00 34.23 ? 478 THR A CB  1 
ATOM   774  O OG1 . THR A 1 150 ? -1.738  15.157  14.560  1.00 32.42 ? 478 THR A OG1 1 
ATOM   775  C CG2 . THR A 1 150 ? -0.314  16.696  13.429  1.00 29.45 ? 478 THR A CG2 1 
ATOM   776  N N   . SER A 1 151 ? 0.909   12.526  14.647  1.00 33.13 ? 479 SER A N   1 
ATOM   777  C CA  . SER A 1 151 ? 0.894   11.288  15.440  1.00 40.74 ? 479 SER A CA  1 
ATOM   778  C C   . SER A 1 151 ? -0.437  11.141  16.153  1.00 34.88 ? 479 SER A C   1 
ATOM   779  O O   . SER A 1 151 ? -1.090  10.100  16.120  1.00 34.12 ? 479 SER A O   1 
ATOM   780  C CB  . SER A 1 151 ? 1.997   11.324  16.510  1.00 40.94 ? 479 SER A CB  1 
ATOM   781  O OG  . SER A 1 151 ? 3.273   11.510  15.919  1.00 51.52 ? 479 SER A OG  1 
ATOM   782  N N   . GLU A 1 152 ? -0.824  12.221  16.804  1.00 32.86 ? 480 GLU A N   1 
ATOM   783  C CA  . GLU A 1 152 ? -2.054  12.266  17.565  1.00 38.10 ? 480 GLU A CA  1 
ATOM   784  C C   . GLU A 1 152 ? -3.261  12.010  16.672  1.00 35.62 ? 480 GLU A C   1 
ATOM   785  O O   . GLU A 1 152 ? -4.108  11.176  16.993  1.00 35.29 ? 480 GLU A O   1 
ATOM   786  C CB  . GLU A 1 152 ? -2.143  13.625  18.254  1.00 39.71 ? 480 GLU A CB  1 
ATOM   787  C CG  . GLU A 1 152 ? -3.519  14.082  18.654  1.00 41.91 ? 480 GLU A CG  1 
ATOM   788  C CD  . GLU A 1 152 ? -3.443  15.445  19.297  1.00 52.26 ? 480 GLU A CD  1 
ATOM   789  O OE1 . GLU A 1 152 ? -3.933  16.431  18.689  1.00 55.93 ? 480 GLU A OE1 1 
ATOM   790  O OE2 . GLU A 1 152 ? -2.847  15.523  20.393  1.00 42.13 ? 480 GLU A OE2 1 
ATOM   791  N N   . GLN A 1 153 ? -3.333  12.709  15.540  1.00 34.55 ? 481 GLN A N   1 
ATOM   792  C CA  . GLN A 1 153 ? -4.442  12.509  14.604  1.00 32.77 ? 481 GLN A CA  1 
ATOM   793  C C   . GLN A 1 153 ? -4.515  11.083  14.079  1.00 31.59 ? 481 GLN A C   1 
ATOM   794  O O   . GLN A 1 153 ? -5.596  10.514  13.947  1.00 35.01 ? 481 GLN A O   1 
ATOM   795  C CB  . GLN A 1 153 ? -4.357  13.493  13.440  1.00 29.42 ? 481 GLN A CB  1 
ATOM   796  C CG  . GLN A 1 153 ? -4.712  14.907  13.823  1.00 27.52 ? 481 GLN A CG  1 
ATOM   797  C CD  . GLN A 1 153 ? -4.223  15.914  12.813  1.00 31.98 ? 481 GLN A CD  1 
ATOM   798  O OE1 . GLN A 1 153 ? -3.567  15.559  11.830  1.00 28.09 ? 481 GLN A OE1 1 
ATOM   799  N NE2 . GLN A 1 153 ? -4.542  17.180  13.041  1.00 30.33 ? 481 GLN A NE2 1 
ATOM   800  N N   . ALA A 1 154 ? -3.356  10.504  13.785  1.00 29.97 ? 482 ALA A N   1 
ATOM   801  C CA  . ALA A 1 154 ? -3.300  9.171   13.209  1.00 32.35 ? 482 ALA A CA  1 
ATOM   802  C C   . ALA A 1 154 ? -3.782  8.102   14.182  1.00 37.45 ? 482 ALA A C   1 
ATOM   803  O O   . ALA A 1 154 ? -4.068  6.972   13.780  1.00 32.86 ? 482 ALA A O   1 
ATOM   804  C CB  . ALA A 1 154 ? -1.880  8.853   12.728  1.00 30.75 ? 482 ALA A CB  1 
ATOM   805  N N   . ARG A 1 155 ? -3.866  8.447   15.464  1.00 37.17 ? 483 ARG A N   1 
ATOM   806  C CA  . ARG A 1 155 ? -4.276  7.462   16.460  1.00 38.90 ? 483 ARG A CA  1 
ATOM   807  C C   . ARG A 1 155 ? -5.775  7.459   16.716  1.00 37.25 ? 483 ARG A C   1 
ATOM   808  O O   . ARG A 1 155 ? -6.271  6.630   17.465  1.00 41.04 ? 483 ARG A O   1 
ATOM   809  C CB  . ARG A 1 155 ? -3.488  7.632   17.763  1.00 40.68 ? 483 ARG A CB  1 
ATOM   810  C CG  . ARG A 1 155 ? -2.192  6.844   17.731  1.00 44.46 ? 483 ARG A CG  1 
ATOM   811  C CD  . ARG A 1 155 ? -1.403  6.942   19.018  1.00 50.30 ? 483 ARG A CD  1 
ATOM   812  N NE  . ARG A 1 155 ? -0.645  8.183   19.107  1.00 45.45 ? 483 ARG A NE  1 
ATOM   813  C CZ  . ARG A 1 155 ? -0.929  9.149   19.962  1.00 44.60 ? 483 ARG A CZ  1 
ATOM   814  N NH1 . ARG A 1 155 ? -1.945  8.990   20.792  1.00 47.63 ? 483 ARG A NH1 1 
ATOM   815  N NH2 . ARG A 1 155 ? -0.200  10.260  19.989  1.00 45.12 ? 483 ARG A NH2 1 
ATOM   816  N N   . GLN A 1 156 ? -6.499  8.370   16.078  1.00 34.91 ? 484 GLN A N   1 
ATOM   817  C CA  . GLN A 1 156 ? -7.938  8.439   16.272  1.00 36.71 ? 484 GLN A CA  1 
ATOM   818  C C   . GLN A 1 156 ? -8.625  7.075   16.176  1.00 36.54 ? 484 GLN A C   1 
ATOM   819  O O   . GLN A 1 156 ? -9.489  6.759   16.983  1.00 35.75 ? 484 GLN A O   1 
ATOM   820  C CB  . GLN A 1 156 ? -8.578  9.421   15.295  1.00 36.62 ? 484 GLN A CB  1 
ATOM   821  C CG  . GLN A 1 156 ? -10.063 9.589   15.527  1.00 39.31 ? 484 GLN A CG  1 
ATOM   822  C CD  . GLN A 1 156 ? -10.678 10.631  14.619  1.00 45.44 ? 484 GLN A CD  1 
ATOM   823  O OE1 . GLN A 1 156 ? -10.024 11.146  13.708  1.00 40.91 ? 484 GLN A OE1 1 
ATOM   824  N NE2 . GLN A 1 156 ? -11.946 10.950  14.861  1.00 39.41 ? 484 GLN A NE2 1 
ATOM   825  N N   . PHE A 1 157 ? -8.250  6.259   15.195  1.00 35.78 ? 485 PHE A N   1 
ATOM   826  C CA  . PHE A 1 157 ? -8.909  4.960   15.043  1.00 31.55 ? 485 PHE A CA  1 
ATOM   827  C C   . PHE A 1 157 ? -7.945  3.800   15.143  1.00 30.29 ? 485 PHE A C   1 
ATOM   828  O O   . PHE A 1 157 ? -8.264  2.704   14.704  1.00 37.25 ? 485 PHE A O   1 
ATOM   829  C CB  . PHE A 1 157 ? -9.688  4.869   13.722  1.00 31.75 ? 485 PHE A CB  1 
ATOM   830  C CG  . PHE A 1 157 ? -10.783 5.895   13.576  1.00 29.77 ? 485 PHE A CG  1 
ATOM   831  C CD1 . PHE A 1 157 ? -12.022 5.702   14.169  1.00 35.95 ? 485 PHE A CD1 1 
ATOM   832  C CD2 . PHE A 1 157 ? -10.581 7.037   12.833  1.00 28.82 ? 485 PHE A CD2 1 
ATOM   833  C CE1 . PHE A 1 157 ? -13.030 6.642   14.034  1.00 38.66 ? 485 PHE A CE1 1 
ATOM   834  C CE2 . PHE A 1 157 ? -11.584 7.978   12.692  1.00 37.03 ? 485 PHE A CE2 1 
ATOM   835  C CZ  . PHE A 1 157 ? -12.809 7.785   13.293  1.00 36.61 ? 485 PHE A CZ  1 
ATOM   836  N N   . ASP A 1 158 ? -6.764  4.030   15.708  1.00 33.00 ? 486 ASP A N   1 
ATOM   837  C CA  . ASP A 1 158 ? -5.742  2.986   15.755  1.00 34.54 ? 486 ASP A CA  1 
ATOM   838  C C   . ASP A 1 158 ? -6.296  1.692   16.359  1.00 38.68 ? 486 ASP A C   1 
ATOM   839  O O   . ASP A 1 158 ? -6.227  0.626   15.744  1.00 38.29 ? 486 ASP A O   1 
ATOM   840  C CB  . ASP A 1 158 ? -4.510  3.469   16.533  1.00 41.28 ? 486 ASP A CB  1 
ATOM   841  C CG  . ASP A 1 158 ? -3.357  2.457   16.518  1.00 50.91 ? 486 ASP A CG  1 
ATOM   842  O OD1 . ASP A 1 158 ? -3.565  1.288   16.917  1.00 50.73 ? 486 ASP A OD1 1 
ATOM   843  O OD2 . ASP A 1 158 ? -2.231  2.835   16.110  1.00 58.03 ? 486 ASP A OD2 1 
ATOM   844  N N   . GLN A 1 159 ? -6.871  1.792   17.556  1.00 38.13 ? 487 GLN A N   1 
ATOM   845  C CA  . GLN A 1 159 ? -7.290  0.602   18.290  1.00 35.04 ? 487 GLN A CA  1 
ATOM   846  C C   . GLN A 1 159 ? -8.437  -0.126  17.582  1.00 32.40 ? 487 GLN A C   1 
ATOM   847  O O   . GLN A 1 159 ? -8.426  -1.344  17.481  1.00 34.10 ? 487 GLN A O   1 
ATOM   848  C CB  . GLN A 1 159 ? -7.654  0.971   19.736  1.00 36.46 ? 487 GLN A CB  1 
ATOM   849  C CG  . GLN A 1 159 ? -7.829  -0.208  20.666  1.00 34.75 ? 487 GLN A CG  1 
ATOM   850  C CD  . GLN A 1 159 ? -6.550  -1.015  20.860  1.00 34.20 ? 487 GLN A CD  1 
ATOM   851  O OE1 . GLN A 1 159 ? -5.434  -0.495  20.735  1.00 36.72 ? 487 GLN A OE1 1 
ATOM   852  N NE2 . GLN A 1 159 ? -6.713  -2.291  21.177  1.00 35.46 ? 487 GLN A NE2 1 
ATOM   853  N N   . GLN A 1 160 ? -9.422  0.614   17.082  1.00 32.03 ? 488 GLN A N   1 
ATOM   854  C CA  . GLN A 1 160 ? -10.499 -0.006  16.302  1.00 33.25 ? 488 GLN A CA  1 
ATOM   855  C C   . GLN A 1 160 ? -9.957  -0.750  15.082  1.00 37.88 ? 488 GLN A C   1 
ATOM   856  O O   . GLN A 1 160 ? -10.419 -1.841  14.758  1.00 39.64 ? 488 GLN A O   1 
ATOM   857  C CB  . GLN A 1 160 ? -11.513 1.029   15.814  1.00 35.42 ? 488 GLN A CB  1 
ATOM   858  C CG  . GLN A 1 160 ? -12.342 1.693   16.885  1.00 38.02 ? 488 GLN A CG  1 
ATOM   859  C CD  . GLN A 1 160 ? -11.630 2.863   17.519  1.00 40.38 ? 488 GLN A CD  1 
ATOM   860  O OE1 . GLN A 1 160 ? -10.400 2.949   17.491  1.00 36.14 ? 488 GLN A OE1 1 
ATOM   861  N NE2 . GLN A 1 160 ? -12.399 3.776   18.096  1.00 47.46 ? 488 GLN A NE2 1 
ATOM   862  N N   . VAL A 1 161 ? -8.992  -0.150  14.386  1.00 33.95 ? 489 VAL A N   1 
ATOM   863  C CA  . VAL A 1 161 ? -8.448  -0.784  13.196  1.00 36.23 ? 489 VAL A CA  1 
ATOM   864  C C   . VAL A 1 161 ? -7.681  -2.042  13.551  1.00 36.12 ? 489 VAL A C   1 
ATOM   865  O O   . VAL A 1 161 ? -7.762  -3.040  12.840  1.00 36.70 ? 489 VAL A O   1 
ATOM   866  C CB  . VAL A 1 161 ? -7.533  0.154   12.381  1.00 31.24 ? 489 VAL A CB  1 
ATOM   867  C CG1 . VAL A 1 161 ? -6.731  -0.650  11.384  1.00 29.93 ? 489 VAL A CG1 1 
ATOM   868  C CG2 . VAL A 1 161 ? -8.362  1.213   11.682  1.00 31.34 ? 489 VAL A CG2 1 
ATOM   869  N N   . TRP A 1 162 ? -6.924  -1.995  14.643  1.00 37.13 ? 490 TRP A N   1 
ATOM   870  C CA  . TRP A 1 162 ? -6.191  -3.181  15.078  1.00 43.16 ? 490 TRP A CA  1 
ATOM   871  C C   . TRP A 1 162 ? -7.129  -4.282  15.530  1.00 38.77 ? 490 TRP A C   1 
ATOM   872  O O   . TRP A 1 162 ? -6.858  -5.452  15.323  1.00 39.94 ? 490 TRP A O   1 
ATOM   873  C CB  . TRP A 1 162 ? -5.167  -2.848  16.162  1.00 41.36 ? 490 TRP A CB  1 
ATOM   874  C CG  . TRP A 1 162 ? -3.841  -2.545  15.543  1.00 52.37 ? 490 TRP A CG  1 
ATOM   875  C CD1 . TRP A 1 162 ? -3.346  -1.312  15.218  1.00 52.50 ? 490 TRP A CD1 1 
ATOM   876  C CD2 . TRP A 1 162 ? -2.853  -3.496  15.127  1.00 49.13 ? 490 TRP A CD2 1 
ATOM   877  N NE1 . TRP A 1 162 ? -2.101  -1.437  14.647  1.00 55.77 ? 490 TRP A NE1 1 
ATOM   878  C CE2 . TRP A 1 162 ? -1.775  -2.768  14.581  1.00 57.64 ? 490 TRP A CE2 1 
ATOM   879  C CE3 . TRP A 1 162 ? -2.767  -4.892  15.180  1.00 53.58 ? 490 TRP A CE3 1 
ATOM   880  C CZ2 . TRP A 1 162 ? -0.624  -3.392  14.084  1.00 59.17 ? 490 TRP A CZ2 1 
ATOM   881  C CZ3 . TRP A 1 162 ? -1.624  -5.510  14.686  1.00 56.52 ? 490 TRP A CZ3 1 
ATOM   882  C CH2 . TRP A 1 162 ? -0.571  -4.759  14.146  1.00 56.40 ? 490 TRP A CH2 1 
ATOM   883  N N   . GLU A 1 163 ? -8.244  -3.894  16.130  1.00 42.16 ? 491 GLU A N   1 
ATOM   884  C CA  . GLU A 1 163 ? -9.246  -4.856  16.556  1.00 43.53 ? 491 GLU A CA  1 
ATOM   885  C C   . GLU A 1 163 ? -9.842  -5.544  15.334  1.00 45.40 ? 491 GLU A C   1 
ATOM   886  O O   . GLU A 1 163 ? -9.939  -6.767  15.283  1.00 47.20 ? 491 GLU A O   1 
ATOM   887  C CB  . GLU A 1 163 ? -10.338 -4.141  17.344  1.00 42.89 ? 491 GLU A CB  1 
ATOM   888  C CG  . GLU A 1 163 ? -11.086 -5.019  18.317  1.00 52.82 ? 491 GLU A CG  1 
ATOM   889  C CD  . GLU A 1 163 ? -11.947 -4.200  19.252  1.00 51.75 ? 491 GLU A CD  1 
ATOM   890  O OE1 . GLU A 1 163 ? -12.641 -3.285  18.752  1.00 51.98 ? 491 GLU A OE1 1 
ATOM   891  O OE2 . GLU A 1 163 ? -11.913 -4.460  20.478  1.00 50.09 ? 491 GLU A OE2 1 
ATOM   892  N N   . LYS A 1 164 ? -10.220 -4.754  14.335  1.00 38.10 ? 492 LYS A N   1 
ATOM   893  C CA  . LYS A 1 164 ? -10.894 -5.289  13.152  1.00 41.06 ? 492 LYS A CA  1 
ATOM   894  C C   . LYS A 1 164 ? -9.968  -6.002  12.159  1.00 40.77 ? 492 LYS A C   1 
ATOM   895  O O   . LYS A 1 164 ? -10.362 -6.984  11.539  1.00 50.50 ? 492 LYS A O   1 
ATOM   896  C CB  . LYS A 1 164 ? -11.668 -4.174  12.433  1.00 43.32 ? 492 LYS A CB  1 
ATOM   897  C CG  . LYS A 1 164 ? -12.241 -4.581  11.079  1.00 48.19 ? 492 LYS A CG  1 
ATOM   898  C CD  . LYS A 1 164 ? -13.750 -4.775  11.136  1.00 48.44 ? 492 LYS A CD  1 
ATOM   899  C CE  . LYS A 1 164 ? -14.268 -5.461  9.877   1.00 53.21 ? 492 LYS A CE  1 
ATOM   900  N NZ  . LYS A 1 164 ? -15.733 -5.720  9.966   1.00 58.54 ? 492 LYS A NZ  1 
ATOM   901  N N   . TYR A 1 165 ? -8.741  -5.515  12.002  1.00 43.23 ? 493 TYR A N   1 
ATOM   902  C CA  . TYR A 1 165 ? -7.882  -5.981  10.908  1.00 40.09 ? 493 TYR A CA  1 
ATOM   903  C C   . TYR A 1 165 ? -6.544  -6.527  11.368  1.00 40.17 ? 493 TYR A C   1 
ATOM   904  O O   . TYR A 1 165 ? -5.713  -6.898  10.545  1.00 40.11 ? 493 TYR A O   1 
ATOM   905  C CB  . TYR A 1 165 ? -7.624  -4.839  9.911   1.00 40.06 ? 493 TYR A CB  1 
ATOM   906  C CG  . TYR A 1 165 ? -8.860  -4.358  9.196   1.00 35.82 ? 493 TYR A CG  1 
ATOM   907  C CD1 . TYR A 1 165 ? -9.482  -5.149  8.236   1.00 34.72 ? 493 TYR A CD1 1 
ATOM   908  C CD2 . TYR A 1 165 ? -9.409  -3.124  9.478   1.00 33.56 ? 493 TYR A CD2 1 
ATOM   909  C CE1 . TYR A 1 165 ? -10.611 -4.728  7.593   1.00 34.76 ? 493 TYR A CE1 1 
ATOM   910  C CE2 . TYR A 1 165 ? -10.543 -2.685  8.830   1.00 32.89 ? 493 TYR A CE2 1 
ATOM   911  C CZ  . TYR A 1 165 ? -11.135 -3.494  7.889   1.00 34.44 ? 493 TYR A CZ  1 
ATOM   912  O OH  . TYR A 1 165 ? -12.264 -3.061  7.238   1.00 41.51 ? 493 TYR A OH  1 
ATOM   913  N N   . GLY A 1 166 ? -6.331  -6.571  12.678  1.00 41.43 ? 494 GLY A N   1 
ATOM   914  C CA  . GLY A 1 166 ? -5.031  -6.922  13.219  1.00 43.31 ? 494 GLY A CA  1 
ATOM   915  C C   . GLY A 1 166 ? -4.546  -8.306  12.832  1.00 48.26 ? 494 GLY A C   1 
ATOM   916  O O   . GLY A 1 166 ? -3.360  -8.610  12.937  1.00 49.69 ? 494 GLY A O   1 
ATOM   917  N N   . HIS A 1 167 ? -5.471  -9.151  12.387  1.00 46.87 ? 495 HIS A N   1 
ATOM   918  C CA  . HIS A 1 167 ? -5.136  -10.510 11.980  1.00 50.66 ? 495 HIS A CA  1 
ATOM   919  C C   . HIS A 1 167 ? -4.415  -10.574 10.634  1.00 53.30 ? 495 HIS A C   1 
ATOM   920  O O   . HIS A 1 167 ? -3.803  -11.588 10.302  1.00 49.42 ? 495 HIS A O   1 
ATOM   921  C CB  . HIS A 1 167 ? -6.400  -11.356 11.916  1.00 50.38 ? 495 HIS A CB  1 
ATOM   922  C CG  . HIS A 1 167 ? -7.459  -10.788 11.029  1.00 49.58 ? 495 HIS A CG  1 
ATOM   923  N ND1 . HIS A 1 167 ? -7.670  -11.232 9.742   1.00 50.55 ? 495 HIS A ND1 1 
ATOM   924  C CD2 . HIS A 1 167 ? -8.368  -9.807  11.241  1.00 47.69 ? 495 HIS A CD2 1 
ATOM   925  C CE1 . HIS A 1 167 ? -8.664  -10.554 9.200   1.00 48.72 ? 495 HIS A CE1 1 
ATOM   926  N NE2 . HIS A 1 167 ? -9.108  -9.683  10.090  1.00 46.82 ? 495 HIS A NE2 1 
ATOM   927  N N   . LEU A 1 168 ? -4.496  -9.495  9.858   1.00 52.28 ? 496 LEU A N   1 
ATOM   928  C CA  . LEU A 1 168 ? -3.845  -9.448  8.557   1.00 48.83 ? 496 LEU A CA  1 
ATOM   929  C C   . LEU A 1 168 ? -2.368  -9.139  8.727   1.00 50.55 ? 496 LEU A C   1 
ATOM   930  O O   . LEU A 1 168 ? -1.588  -9.250  7.783   1.00 55.36 ? 496 LEU A O   1 
ATOM   931  C CB  . LEU A 1 168 ? -4.496  -8.389  7.664   1.00 45.92 ? 496 LEU A CB  1 
ATOM   932  C CG  . LEU A 1 168 ? -6.001  -8.552  7.499   1.00 44.59 ? 496 LEU A CG  1 
ATOM   933  C CD1 . LEU A 1 168 ? -6.557  -7.518  6.522   1.00 41.88 ? 496 LEU A CD1 1 
ATOM   934  C CD2 . LEU A 1 168 ? -6.309  -9.969  7.051   1.00 43.07 ? 496 LEU A CD2 1 
ATOM   935  N N   . CYS A 1 169 ? -1.986  -8.753  9.938   1.00 52.88 ? 497 CYS A N   1 
ATOM   936  C CA  A CYS A 1 169 ? -0.605  -8.381  10.245  0.39 57.48 ? 497 CYS A CA  1 
ATOM   937  C CA  B CYS A 1 169 ? -0.593  -8.423  10.187  0.61 57.71 ? 497 CYS A CA  1 
ATOM   938  C C   . CYS A 1 169 ? 0.019   -9.297  11.291  1.00 65.00 ? 497 CYS A C   1 
ATOM   939  O O   . CYS A 1 169 ? 1.224   -9.566  11.269  1.00 69.88 ? 497 CYS A O   1 
ATOM   940  C CB  A CYS A 1 169 ? -0.542  -6.945  10.758  0.39 56.21 ? 497 CYS A CB  1 
ATOM   941  C CB  B CYS A 1 169 ? -0.430  -6.919  10.452  0.61 56.37 ? 497 CYS A CB  1 
ATOM   942  S SG  A CYS A 1 169 ? 1.005   -6.560  11.609  0.39 62.84 ? 497 CYS A SG  1 
ATOM   943  S SG  B CYS A 1 169 ? -0.720  -5.865  8.971   0.61 49.63 ? 497 CYS A SG  1 
ATOM   944  N N   . LYS A 1 170 ? -0.809  -9.763  12.225  1.00 66.17 ? 498 LYS A N   1 
ATOM   945  C CA  . LYS A 1 170 ? -0.340  -10.658 13.289  1.00 73.88 ? 498 LYS A CA  1 
ATOM   946  C C   . LYS A 1 170 ? 0.284   -11.933 12.718  1.00 73.94 ? 498 LYS A C   1 
ATOM   947  O O   . LYS A 1 170 ? 1.486   -11.984 12.452  1.00 77.66 ? 498 LYS A O   1 
ATOM   948  C CB  . LYS A 1 170 ? -1.476  -11.015 14.260  1.00 69.69 ? 498 LYS A CB  1 
ATOM   949  C CG  . LYS A 1 170 ? -1.389  -10.316 15.625  1.00 81.16 ? 498 LYS A CG  1 
ATOM   950  C CD  . LYS A 1 170 ? -2.318  -10.956 16.672  1.00 84.72 ? 498 LYS A CD  1 
ATOM   951  C CE  . LYS A 1 170 ? -1.826  -12.337 17.115  1.00 85.61 ? 498 LYS A CE  1 
ATOM   952  N NZ  . LYS A 1 170 ? -2.759  -12.990 18.084  1.00 78.46 ? 498 LYS A NZ  1 
ATOM   953  N N   . GLU A 1 194 ? 0.261   1.230   19.250  1.00 65.94 ? 522 GLU A N   1 
ATOM   954  C CA  . GLU A 1 194 ? 1.717   1.207   19.386  1.00 68.66 ? 522 GLU A CA  1 
ATOM   955  C C   . GLU A 1 194 ? 2.376   0.230   18.406  1.00 68.66 ? 522 GLU A C   1 
ATOM   956  O O   . GLU A 1 194 ? 3.480   0.496   17.913  1.00 72.25 ? 522 GLU A O   1 
ATOM   957  C CB  . GLU A 1 194 ? 2.118   0.877   20.824  1.00 65.56 ? 522 GLU A CB  1 
ATOM   958  C CG  . GLU A 1 194 ? 3.521   1.322   21.215  1.00 65.07 ? 522 GLU A CG  1 
ATOM   959  C CD  . GLU A 1 194 ? 3.956   0.700   22.530  1.00 68.51 ? 522 GLU A CD  1 
ATOM   960  O OE1 . GLU A 1 194 ? 3.904   -0.550  22.629  1.00 66.09 ? 522 GLU A OE1 1 
ATOM   961  O OE2 . GLU A 1 194 ? 4.328   1.452   23.466  1.00 63.86 ? 522 GLU A OE2 1 
ATOM   962  N N   . PRO A 1 195 ? 1.717   -0.916  18.135  1.00 70.55 ? 523 PRO A N   1 
ATOM   963  C CA  . PRO A 1 195 ? 2.166   -1.729  16.995  1.00 68.63 ? 523 PRO A CA  1 
ATOM   964  C C   . PRO A 1 195 ? 1.767   -1.075  15.661  1.00 64.28 ? 523 PRO A C   1 
ATOM   965  O O   . PRO A 1 195 ? 0.718   -0.425  15.586  1.00 60.71 ? 523 PRO A O   1 
ATOM   966  C CB  . PRO A 1 195 ? 1.435   -3.066  17.197  1.00 63.10 ? 523 PRO A CB  1 
ATOM   967  C CG  . PRO A 1 195 ? 0.264   -2.746  18.069  1.00 65.72 ? 523 PRO A CG  1 
ATOM   968  C CD  . PRO A 1 195 ? 0.712   -1.616  18.959  1.00 70.97 ? 523 PRO A CD  1 
ATOM   969  N N   . HIS A 1 196 ? 2.607   -1.224  14.640  1.00 61.57 ? 524 HIS A N   1 
ATOM   970  C CA  . HIS A 1 196 ? 2.329   -0.659  13.320  1.00 59.74 ? 524 HIS A CA  1 
ATOM   971  C C   . HIS A 1 196 ? 2.680   -1.640  12.204  1.00 57.37 ? 524 HIS A C   1 
ATOM   972  O O   . HIS A 1 196 ? 3.728   -2.291  12.239  1.00 56.18 ? 524 HIS A O   1 
ATOM   973  C CB  . HIS A 1 196 ? 3.122   0.638   13.090  1.00 60.07 ? 524 HIS A CB  1 
ATOM   974  C CG  . HIS A 1 196 ? 2.785   1.744   14.045  1.00 67.59 ? 524 HIS A CG  1 
ATOM   975  N ND1 . HIS A 1 196 ? 1.893   2.749   13.738  1.00 62.00 ? 524 HIS A ND1 1 
ATOM   976  C CD2 . HIS A 1 196 ? 3.232   2.007   15.297  1.00 71.44 ? 524 HIS A CD2 1 
ATOM   977  C CE1 . HIS A 1 196 ? 1.799   3.580   14.762  1.00 61.02 ? 524 HIS A CE1 1 
ATOM   978  N NE2 . HIS A 1 196 ? 2.602   3.152   15.720  1.00 67.44 ? 524 HIS A NE2 1 
ATOM   979  N N   . CYS A 1 197 ? 1.801   -1.748  11.215  1.00 51.59 ? 525 CYS A N   1 
ATOM   980  C CA  . CYS A 1 197 ? 2.165   -2.378  9.953   1.00 48.67 ? 525 CYS A CA  1 
ATOM   981  C C   . CYS A 1 197 ? 1.649   -1.529  8.797   1.00 42.68 ? 525 CYS A C   1 
ATOM   982  O O   . CYS A 1 197 ? 0.753   -0.699  8.973   1.00 39.40 ? 525 CYS A O   1 
ATOM   983  C CB  . CYS A 1 197 ? 1.656   -3.813  9.864   1.00 45.51 ? 525 CYS A CB  1 
ATOM   984  S SG  . CYS A 1 197 ? -0.054  -3.986  9.372   1.00 48.45 ? 525 CYS A SG  1 
ATOM   985  N N   . ALA A 1 198 ? 2.225   -1.732  7.622   1.00 40.50 ? 526 ALA A N   1 
ATOM   986  C CA  . ALA A 1 198 ? 1.962   -0.854  6.490   1.00 39.20 ? 526 ALA A CA  1 
ATOM   987  C C   . ALA A 1 198 ? 0.488   -0.829  6.141   1.00 34.62 ? 526 ALA A C   1 
ATOM   988  O O   . ALA A 1 198 ? -0.079  0.236   5.937   1.00 36.94 ? 526 ALA A O   1 
ATOM   989  C CB  . ALA A 1 198 ? 2.794   -1.270  5.286   1.00 36.87 ? 526 ALA A CB  1 
ATOM   990  N N   . LEU A 1 199 ? -0.137  -1.998  6.082   1.00 31.46 ? 527 LEU A N   1 
ATOM   991  C CA  . LEU A 1 199 ? -1.521  -2.076  5.637   1.00 30.53 ? 527 LEU A CA  1 
ATOM   992  C C   . LEU A 1 199 ? -2.477  -1.344  6.574   1.00 33.19 ? 527 LEU A C   1 
ATOM   993  O O   . LEU A 1 199 ? -3.346  -0.584  6.131   1.00 33.44 ? 527 LEU A O   1 
ATOM   994  C CB  . LEU A 1 199 ? -1.954  -3.528  5.478   1.00 32.13 ? 527 LEU A CB  1 
ATOM   995  C CG  . LEU A 1 199 ? -3.411  -3.698  5.045   1.00 33.96 ? 527 LEU A CG  1 
ATOM   996  C CD1 . LEU A 1 199 ? -3.671  -2.972  3.751   1.00 34.97 ? 527 LEU A CD1 1 
ATOM   997  C CD2 . LEU A 1 199 ? -3.773  -5.173  4.921   1.00 38.59 ? 527 LEU A CD2 1 
ATOM   998  N N   . LEU A 1 200 ? -2.319  -1.571  7.870   1.00 33.15 ? 528 LEU A N   1 
ATOM   999  C CA  . LEU A 1 200 ? -3.224  -0.976  8.847   1.00 32.37 ? 528 LEU A CA  1 
ATOM   1000 C C   . LEU A 1 200 ? -3.042  0.539   8.954   1.00 28.74 ? 528 LEU A C   1 
ATOM   1001 O O   . LEU A 1 200 ? -4.011  1.269   9.130   1.00 28.71 ? 528 LEU A O   1 
ATOM   1002 C CB  . LEU A 1 200 ? -3.084  -1.654  10.214  1.00 36.46 ? 528 LEU A CB  1 
ATOM   1003 C CG  . LEU A 1 200 ? -4.049  -2.822  10.457  1.00 39.41 ? 528 LEU A CG  1 
ATOM   1004 C CD1 . LEU A 1 200 ? -3.895  -3.878  9.381   1.00 38.39 ? 528 LEU A CD1 1 
ATOM   1005 C CD2 . LEU A 1 200 ? -3.845  -3.437  11.830  1.00 40.17 ? 528 LEU A CD2 1 
ATOM   1006 N N   . ASP A 1 201 ? -1.804  1.007   8.844   1.00 30.37 ? 529 ASP A N   1 
ATOM   1007 C CA  . ASP A 1 201 ? -1.544  2.445   8.750   1.00 33.61 ? 529 ASP A CA  1 
ATOM   1008 C C   . ASP A 1 201 ? -2.411  3.106   7.669   1.00 30.29 ? 529 ASP A C   1 
ATOM   1009 O O   . ASP A 1 201 ? -3.007  4.147   7.914   1.00 29.86 ? 529 ASP A O   1 
ATOM   1010 C CB  . ASP A 1 201 ? -0.057  2.714   8.490   1.00 33.20 ? 529 ASP A CB  1 
ATOM   1011 C CG  . ASP A 1 201 ? 0.772   2.709   9.768   1.00 41.65 ? 529 ASP A CG  1 
ATOM   1012 O OD1 . ASP A 1 201 ? 0.207   2.445   10.854  1.00 38.67 ? 529 ASP A OD1 1 
ATOM   1013 O OD2 . ASP A 1 201 ? 1.991   2.966   9.686   1.00 44.09 ? 529 ASP A OD2 1 
ATOM   1014 N N   . CYS A 1 202 ? -2.489  2.501   6.481   1.00 29.53 ? 530 CYS A N   1 
ATOM   1015 C CA  . CYS A 1 202 ? -3.320  3.046   5.399   1.00 30.21 ? 530 CYS A CA  1 
ATOM   1016 C C   . CYS A 1 202 ? -4.802  3.069   5.775   1.00 29.08 ? 530 CYS A C   1 
ATOM   1017 O O   . CYS A 1 202 ? -5.499  4.049   5.535   1.00 29.51 ? 530 CYS A O   1 
ATOM   1018 C CB  . CYS A 1 202 ? -3.150  2.232   4.112   1.00 28.07 ? 530 CYS A CB  1 
ATOM   1019 S SG  . CYS A 1 202 ? -1.474  2.164   3.426   1.00 32.93 ? 530 CYS A SG  1 
ATOM   1020 N N   . ILE A 1 203 ? -5.290  1.975   6.346   1.00 27.27 ? 531 ILE A N   1 
ATOM   1021 C CA  . ILE A 1 203 ? -6.680  1.922   6.796   1.00 28.44 ? 531 ILE A CA  1 
ATOM   1022 C C   . ILE A 1 203 ? -6.956  2.966   7.878   1.00 26.23 ? 531 ILE A C   1 
ATOM   1023 O O   . ILE A 1 203 ? -8.017  3.595   7.895   1.00 28.85 ? 531 ILE A O   1 
ATOM   1024 C CB  . ILE A 1 203 ? -7.041  0.501   7.293   1.00 31.75 ? 531 ILE A CB  1 
ATOM   1025 C CG1 . ILE A 1 203 ? -6.866  -0.489  6.148   1.00 25.28 ? 531 ILE A CG1 1 
ATOM   1026 C CG2 . ILE A 1 203 ? -8.471  0.457   7.811   1.00 31.51 ? 531 ILE A CG2 1 
ATOM   1027 C CD1 . ILE A 1 203 ? -6.776  -1.928  6.572   1.00 32.98 ? 531 ILE A CD1 1 
ATOM   1028 N N   . MET A 1 204 ? -5.992  3.161   8.774   1.00 27.61 ? 532 MET A N   1 
ATOM   1029 C CA  . MET A 1 204 ? -6.127  4.138   9.863   1.00 29.80 ? 532 MET A CA  1 
ATOM   1030 C C   . MET A 1 204 ? -6.216  5.557   9.330   1.00 28.13 ? 532 MET A C   1 
ATOM   1031 O O   . MET A 1 204 ? -7.032  6.361   9.790   1.00 29.13 ? 532 MET A O   1 
ATOM   1032 C CB  . MET A 1 204 ? -4.922  4.073   10.807  1.00 28.55 ? 532 MET A CB  1 
ATOM   1033 C CG  . MET A 1 204 ? -4.933  2.943   11.806  1.00 32.85 ? 532 MET A CG  1 
ATOM   1034 S SD  . MET A 1 204 ? -3.444  3.042   12.819  1.00 38.02 ? 532 MET A SD  1 
ATOM   1035 C CE  . MET A 1 204 ? -3.149  1.306   13.097  1.00 41.61 ? 532 MET A CE  1 
ATOM   1036 N N   . PHE A 1 205 ? -5.333  5.868   8.384   1.00 27.25 ? 533 PHE A N   1 
ATOM   1037 C CA  . PHE A 1 205 ? -5.285  7.195   7.779   1.00 26.01 ? 533 PHE A CA  1 
ATOM   1038 C C   . PHE A 1 205 ? -6.550  7.440   6.963   1.00 26.66 ? 533 PHE A C   1 
ATOM   1039 O O   . PHE A 1 205 ? -7.156  8.492   7.081   1.00 27.17 ? 533 PHE A O   1 
ATOM   1040 C CB  . PHE A 1 205 ? -4.044  7.344   6.893   1.00 22.95 ? 533 PHE A CB  1 
ATOM   1041 C CG  . PHE A 1 205 ? -2.800  7.811   7.625   1.00 28.42 ? 533 PHE A CG  1 
ATOM   1042 C CD1 . PHE A 1 205 ? -2.300  7.103   8.710   1.00 29.88 ? 533 PHE A CD1 1 
ATOM   1043 C CD2 . PHE A 1 205 ? -2.105  8.945   7.190   1.00 29.60 ? 533 PHE A CD2 1 
ATOM   1044 C CE1 . PHE A 1 205 ? -1.149  7.525   9.369   1.00 33.13 ? 533 PHE A CE1 1 
ATOM   1045 C CE2 . PHE A 1 205 ? -0.951  9.377   7.844   1.00 28.81 ? 533 PHE A CE2 1 
ATOM   1046 C CZ  . PHE A 1 205 ? -0.477  8.660   8.942   1.00 32.80 ? 533 PHE A CZ  1 
ATOM   1047 N N   . GLN A 1 206 ? -6.945  6.482   6.125   1.00 28.22 ? 534 GLN A N   1 
ATOM   1048 C CA  . GLN A 1 206 ? -8.194  6.617   5.371   1.00 24.70 ? 534 GLN A CA  1 
ATOM   1049 C C   . GLN A 1 206 ? -9.374  6.872   6.310   1.00 31.70 ? 534 GLN A C   1 
ATOM   1050 O O   . GLN A 1 206 ? -10.214 7.734   6.038   1.00 32.54 ? 534 GLN A O   1 
ATOM   1051 C CB  . GLN A 1 206 ? -8.470  5.375   4.529   1.00 25.09 ? 534 GLN A CB  1 
ATOM   1052 C CG  . GLN A 1 206 ? -9.701  5.520   3.639   1.00 30.66 ? 534 GLN A CG  1 
ATOM   1053 C CD  . GLN A 1 206 ? -9.564  6.679   2.660   1.00 30.28 ? 534 GLN A CD  1 
ATOM   1054 O OE1 . GLN A 1 206 ? -8.513  6.870   2.067   1.00 28.70 ? 534 GLN A OE1 1 
ATOM   1055 N NE2 . GLN A 1 206 ? -10.622 7.462   2.508   1.00 34.91 ? 534 GLN A NE2 1 
ATOM   1056 N N   . SER A 1 207 ? -9.433  6.128   7.418   1.00 27.39 ? 535 SER A N   1 
ATOM   1057 C CA  . SER A 1 207 ? -10.474 6.334   8.432   1.00 29.82 ? 535 SER A CA  1 
ATOM   1058 C C   . SER A 1 207 ? -10.506 7.773   8.933   1.00 32.29 ? 535 SER A C   1 
ATOM   1059 O O   . SER A 1 207 ? -11.577 8.371   9.043   1.00 33.85 ? 535 SER A O   1 
ATOM   1060 C CB  . SER A 1 207 ? -10.294 5.378   9.618   1.00 27.90 ? 535 SER A CB  1 
ATOM   1061 O OG  . SER A 1 207 ? -10.418 4.029   9.204   1.00 26.75 ? 535 SER A OG  1 
ATOM   1062 N N   . VAL A 1 208 ? -9.337  8.331   9.244   1.00 30.42 ? 536 VAL A N   1 
ATOM   1063 C CA  . VAL A 1 208 ? -9.277  9.718   9.699   1.00 30.86 ? 536 VAL A CA  1 
ATOM   1064 C C   . VAL A 1 208 ? -9.857  10.669  8.654   1.00 33.35 ? 536 VAL A C   1 
ATOM   1065 O O   . VAL A 1 208 ? -10.614 11.584  8.991   1.00 34.21 ? 536 VAL A O   1 
ATOM   1066 C CB  . VAL A 1 208 ? -7.848  10.145  10.078  1.00 31.84 ? 536 VAL A CB  1 
ATOM   1067 C CG1 . VAL A 1 208 ? -7.779  11.645  10.297  1.00 27.53 ? 536 VAL A CG1 1 
ATOM   1068 C CG2 . VAL A 1 208 ? -7.407  9.414   11.334  1.00 30.66 ? 536 VAL A CG2 1 
ATOM   1069 N N   . LEU A 1 209 ? -9.518  10.442  7.386   1.00 32.82 ? 537 LEU A N   1 
ATOM   1070 C CA  . LEU A 1 209 ? -10.028 11.266  6.288   1.00 35.47 ? 537 LEU A CA  1 
ATOM   1071 C C   . LEU A 1 209 ? -11.536 11.115  6.138   1.00 34.49 ? 537 LEU A C   1 
ATOM   1072 O O   . LEU A 1 209 ? -12.250 12.099  5.945   1.00 35.97 ? 537 LEU A O   1 
ATOM   1073 C CB  . LEU A 1 209 ? -9.345  10.892  4.971   1.00 28.79 ? 537 LEU A CB  1 
ATOM   1074 C CG  . LEU A 1 209 ? -7.861  11.228  4.932   1.00 33.79 ? 537 LEU A CG  1 
ATOM   1075 C CD1 . LEU A 1 209 ? -7.289  10.963  3.530   1.00 34.27 ? 537 LEU A CD1 1 
ATOM   1076 C CD2 . LEU A 1 209 ? -7.681  12.686  5.314   1.00 32.10 ? 537 LEU A CD2 1 
ATOM   1077 N N   . ASP A 1 210 ? -12.013 9.877   6.216   1.00 34.11 ? 538 ASP A N   1 
ATOM   1078 C CA  . ASP A 1 210 ? -13.446 9.610   6.147   1.00 38.78 ? 538 ASP A CA  1 
ATOM   1079 C C   . ASP A 1 210 ? -14.196 10.149  7.373   1.00 38.50 ? 538 ASP A C   1 
ATOM   1080 O O   . ASP A 1 210 ? -15.386 10.446  7.297   1.00 41.18 ? 538 ASP A O   1 
ATOM   1081 C CB  . ASP A 1 210 ? -13.714 8.108   5.977   1.00 37.85 ? 538 ASP A CB  1 
ATOM   1082 C CG  . ASP A 1 210 ? -13.219 7.566   4.633   1.00 40.25 ? 538 ASP A CG  1 
ATOM   1083 O OD1 . ASP A 1 210 ? -13.016 8.375   3.706   1.00 41.91 ? 538 ASP A OD1 1 
ATOM   1084 O OD2 . ASP A 1 210 ? -13.043 6.330   4.501   1.00 41.68 ? 538 ASP A OD2 1 
ATOM   1085 N N   . GLY A 1 211 ? -13.490 10.284  8.493   1.00 40.18 ? 539 GLY A N   1 
ATOM   1086 C CA  . GLY A 1 211 ? -14.094 10.741  9.738   1.00 37.78 ? 539 GLY A CA  1 
ATOM   1087 C C   . GLY A 1 211 ? -14.831 9.616   10.434  1.00 38.27 ? 539 GLY A C   1 
ATOM   1088 O O   . GLY A 1 211 ? -15.608 9.840   11.353  1.00 41.59 ? 539 GLY A O   1 
ATOM   1089 N N   . LYS A 1 212 ? -14.600 8.403   9.983   1.00 40.71 ? 540 LYS A N   1 
ATOM   1090 C CA  . LYS A 1 212 ? -15.221 7.234   10.544  1.00 39.57 ? 540 LYS A CA  1 
ATOM   1091 C C   . LYS A 1 212 ? -14.427 6.018   10.211  1.00 38.37 ? 540 LYS A C   1 
ATOM   1092 O O   . LYS A 1 212 ? -13.725 6.011   9.273   1.00 38.86 ? 540 LYS A O   1 
ATOM   1093 C CB  . LYS A 1 212 ? -16.628 7.073   10.031  1.00 44.78 ? 540 LYS A CB  1 
ATOM   1094 C CG  . LYS A 1 212 ? -16.703 6.817   8.562   1.00 44.14 ? 540 LYS A CG  1 
ATOM   1095 C CD  . LYS A 1 212 ? -18.114 6.721   8.096   1.00 50.21 ? 540 LYS A CD  1 
ATOM   1096 C CE  . LYS A 1 212 ? -18.566 5.300   8.177   1.00 58.56 ? 540 LYS A CE  1 
ATOM   1097 N NZ  . LYS A 1 212 ? -19.772 5.085   7.347   1.00 67.31 ? 540 LYS A NZ  1 
ATOM   1098 N N   . LEU A 1 213 ? -14.588 4.992   11.009  1.00 37.63 ? 541 LEU A N   1 
ATOM   1099 C CA  . LEU A 1 213 ? -13.846 3.786   10.890  1.00 37.45 ? 541 LEU A CA  1 
ATOM   1100 C C   . LEU A 1 213 ? -14.125 3.072   9.600   1.00 40.20 ? 541 LEU A C   1 
ATOM   1101 O O   . LEU A 1 213 ? -15.241 2.849   9.251   1.00 40.34 ? 541 LEU A O   1 
ATOM   1102 C CB  . LEU A 1 213 ? -14.163 2.870   12.053  1.00 39.70 ? 541 LEU A CB  1 
ATOM   1103 C CG  . LEU A 1 213 ? -13.605 1.461   12.036  1.00 42.21 ? 541 LEU A CG  1 
ATOM   1104 C CD1 . LEU A 1 213 ? -12.106 1.378   12.201  1.00 31.14 ? 541 LEU A CD1 1 
ATOM   1105 C CD2 . LEU A 1 213 ? -14.311 0.622   13.058  1.00 37.61 ? 541 LEU A CD2 1 
ATOM   1106 N N   . TYR A 1 214 ? -13.066 2.705   8.909   1.00 38.51 ? 542 TYR A N   1 
ATOM   1107 C CA  . TYR A 1 214 ? -13.187 1.869   7.742   1.00 38.32 ? 542 TYR A CA  1 
ATOM   1108 C C   . TYR A 1 214 ? -13.395 0.438   8.214   1.00 36.30 ? 542 TYR A C   1 
ATOM   1109 O O   . TYR A 1 214 ? -12.582 -0.098  8.876   1.00 35.41 ? 542 TYR A O   1 
ATOM   1110 C CB  . TYR A 1 214 ? -11.948 1.985   6.846   1.00 32.87 ? 542 TYR A CB  1 
ATOM   1111 C CG  . TYR A 1 214 ? -12.104 1.272   5.527   1.00 35.65 ? 542 TYR A CG  1 
ATOM   1112 C CD1 . TYR A 1 214 ? -12.629 1.907   4.433   1.00 35.57 ? 542 TYR A CD1 1 
ATOM   1113 C CD2 . TYR A 1 214 ? -11.755 -0.043  5.390   1.00 36.22 ? 542 TYR A CD2 1 
ATOM   1114 C CE1 . TYR A 1 214 ? -12.791 1.250   3.234   1.00 39.66 ? 542 TYR A CE1 1 
ATOM   1115 C CE2 . TYR A 1 214 ? -11.906 -0.698  4.191   1.00 41.10 ? 542 TYR A CE2 1 
ATOM   1116 C CZ  . TYR A 1 214 ? -12.417 -0.042  3.117   1.00 36.01 ? 542 TYR A CZ  1 
ATOM   1117 O OH  . TYR A 1 214 ? -12.591 -0.712  1.979   1.00 37.83 ? 542 TYR A OH  1 
ATOM   1118 N N   . GLU A 1 215 ? -14.495 -0.173  7.862   1.00 38.31 ? 543 GLU A N   1 
ATOM   1119 C CA  . GLU A 1 215 ? -14.718 -1.541  8.330   1.00 42.96 ? 543 GLU A CA  1 
ATOM   1120 C C   . GLU A 1 215 ? -15.389 -2.463  7.315   1.00 46.66 ? 543 GLU A C   1 
ATOM   1121 O O   . GLU A 1 215 ? -16.217 -3.308  7.673   1.00 47.57 ? 543 GLU A O   1 
ATOM   1122 C CB  . GLU A 1 215 ? -15.463 -1.550  9.676   1.00 44.49 ? 543 GLU A CB  1 
ATOM   1123 C CG  . GLU A 1 215 ? -16.742 -0.723  9.725   1.00 44.14 ? 543 GLU A CG  1 
ATOM   1124 C CD  . GLU A 1 215 ? -17.346 -0.692  11.126  1.00 49.63 ? 543 GLU A CD  1 
ATOM   1125 O OE1 . GLU A 1 215 ? -17.236 -1.706  11.848  1.00 54.49 ? 543 GLU A OE1 1 
ATOM   1126 O OE2 . GLU A 1 215 ? -17.911 0.347   11.513  1.00 44.93 ? 543 GLU A OE2 1 
ATOM   1127 N N   . GLU A 1 216 ? -14.999 -2.305  6.053   1.00 44.24 ? 544 GLU A N   1 
ATOM   1128 C CA  . GLU A 1 216 ? -15.480 -3.140  4.961   1.00 44.11 ? 544 GLU A CA  1 
ATOM   1129 C C   . GLU A 1 216 ? -14.737 -4.463  4.946   1.00 43.83 ? 544 GLU A C   1 
ATOM   1130 O O   . GLU A 1 216 ? -13.655 -4.587  5.527   1.00 40.43 ? 544 GLU A O   1 
ATOM   1131 C CB  . GLU A 1 216 ? -15.253 -2.434  3.625   1.00 39.34 ? 544 GLU A CB  1 
ATOM   1132 C CG  . GLU A 1 216 ? -15.836 -1.042  3.550   1.00 43.22 ? 544 GLU A CG  1 
ATOM   1133 C CD  . GLU A 1 216 ? -17.353 -1.046  3.579   1.00 53.00 ? 544 GLU A CD  1 
ATOM   1134 O OE1 . GLU A 1 216 ? -17.952 -2.129  3.364   1.00 50.32 ? 544 GLU A OE1 1 
ATOM   1135 O OE2 . GLU A 1 216 ? -17.943 0.035   3.810   1.00 50.07 ? 544 GLU A OE2 1 
ATOM   1136 N N   . GLU A 1 217 ? -15.314 -5.448  4.266   1.00 43.55 ? 545 GLU A N   1 
ATOM   1137 C CA  . GLU A 1 217 ? -14.648 -6.723  4.063   1.00 45.69 ? 545 GLU A CA  1 
ATOM   1138 C C   . GLU A 1 217 ? -13.599 -6.579  2.971   1.00 44.26 ? 545 GLU A C   1 
ATOM   1139 O O   . GLU A 1 217 ? -13.920 -6.147  1.865   1.00 43.00 ? 545 GLU A O   1 
ATOM   1140 C CB  . GLU A 1 217 ? -15.668 -7.793  3.672   1.00 54.58 ? 545 GLU A CB  1 
ATOM   1141 C CG  . GLU A 1 217 ? -16.524 -8.278  4.831   1.00 63.91 ? 545 GLU A CG  1 
ATOM   1142 C CD  . GLU A 1 217 ? -15.701 -8.957  5.913   1.00 65.70 ? 545 GLU A CD  1 
ATOM   1143 O OE1 . GLU A 1 217 ? -15.028 -9.965  5.599   1.00 74.53 ? 545 GLU A OE1 1 
ATOM   1144 O OE2 . GLU A 1 217 ? -15.717 -8.478  7.070   1.00 64.62 ? 545 GLU A OE2 1 
ATOM   1145 N N   . LEU A 1 218 ? -12.352 -6.938  3.281   1.00 42.61 ? 546 LEU A N   1 
ATOM   1146 C CA  . LEU A 1 218 ? -11.239 -6.726  2.354   1.00 42.98 ? 546 LEU A CA  1 
ATOM   1147 C C   . LEU A 1 218 ? -10.763 -7.996  1.659   1.00 46.62 ? 546 LEU A C   1 
ATOM   1148 O O   . LEU A 1 218 ? -10.540 -9.039  2.289   1.00 50.35 ? 546 LEU A O   1 
ATOM   1149 C CB  . LEU A 1 218 ? -10.052 -6.056  3.055   1.00 42.07 ? 546 LEU A CB  1 
ATOM   1150 C CG  . LEU A 1 218 ? -10.215 -4.641  3.607   1.00 39.76 ? 546 LEU A CG  1 
ATOM   1151 C CD1 . LEU A 1 218 ? -8.947  -4.223  4.346   1.00 38.18 ? 546 LEU A CD1 1 
ATOM   1152 C CD2 . LEU A 1 218 ? -10.552 -3.644  2.511   1.00 37.87 ? 546 LEU A CD2 1 
ATOM   1153 N N   . THR A 1 219 ? -10.592 -7.885  0.348   1.00 47.89 ? 547 THR A N   1 
ATOM   1154 C CA  . THR A 1 219 ? -10.104 -8.977  -0.471  1.00 44.31 ? 547 THR A CA  1 
ATOM   1155 C C   . THR A 1 219 ? -8.643  -8.758  -0.819  1.00 43.36 ? 547 THR A C   1 
ATOM   1156 O O   . THR A 1 219 ? -8.301  -7.766  -1.463  1.00 43.70 ? 547 THR A O   1 
ATOM   1157 C CB  . THR A 1 219 ? -10.885 -9.045  -1.781  1.00 45.02 ? 547 THR A CB  1 
ATOM   1158 O OG1 . THR A 1 219 ? -12.236 -9.429  -1.504  1.00 52.64 ? 547 THR A OG1 1 
ATOM   1159 C CG2 . THR A 1 219 ? -10.240 -10.045 -2.739  1.00 44.82 ? 547 THR A CG2 1 
ATOM   1160 N N   . PRO A 1 220 ? -7.773  -9.684  -0.397  1.00 39.80 ? 548 PRO A N   1 
ATOM   1161 C CA  . PRO A 1 220 ? -6.376  -9.611  -0.820  1.00 42.86 ? 548 PRO A CA  1 
ATOM   1162 C C   . PRO A 1 220 ? -6.301  -9.926  -2.311  1.00 45.54 ? 548 PRO A C   1 
ATOM   1163 O O   . PRO A 1 220 ? -7.116  -10.701 -2.813  1.00 48.00 ? 548 PRO A O   1 
ATOM   1164 C CB  . PRO A 1 220 ? -5.700  -10.704 0.010   1.00 42.90 ? 548 PRO A CB  1 
ATOM   1165 C CG  . PRO A 1 220 ? -6.787  -11.686 0.286   1.00 44.77 ? 548 PRO A CG  1 
ATOM   1166 C CD  . PRO A 1 220 ? -8.057  -10.887 0.402   1.00 45.22 ? 548 PRO A CD  1 
ATOM   1167 N N   . LEU A 1 221 ? -5.361  -9.311  -3.017  1.00 45.54 ? 549 LEU A N   1 
ATOM   1168 C CA  . LEU A 1 221 ? -5.267  -9.478  -4.466  1.00 42.66 ? 549 LEU A CA  1 
ATOM   1169 C C   . LEU A 1 221 ? -4.030  -10.293 -4.821  1.00 44.32 ? 549 LEU A C   1 
ATOM   1170 O O   . LEU A 1 221 ? -3.847  -10.701 -5.968  1.00 50.95 ? 549 LEU A O   1 
ATOM   1171 C CB  . LEU A 1 221 ? -5.197  -8.112  -5.153  1.00 36.48 ? 549 LEU A CB  1 
ATOM   1172 C CG  . LEU A 1 221 ? -6.410  -7.189  -5.103  1.00 36.30 ? 549 LEU A CG  1 
ATOM   1173 C CD1 . LEU A 1 221 ? -6.058  -5.851  -5.734  1.00 37.68 ? 549 LEU A CD1 1 
ATOM   1174 C CD2 . LEU A 1 221 ? -7.622  -7.812  -5.788  1.00 36.55 ? 549 LEU A CD2 1 
ATOM   1175 N N   . LEU A 1 222 ? -3.202  -10.517 -3.839  1.00 49.52 ? 550 LEU A N   1 
ATOM   1176 C CA  . LEU A 1 222 ? -1.932  -11.104 -4.048  1.00 54.02 ? 550 LEU A CA  1 
ATOM   1177 C C   . LEU A 1 222 ? -1.618  -12.081 -2.961  1.00 62.26 ? 550 LEU A C   1 
ATOM   1178 O O   . LEU A 1 222 ? -1.243  -11.708 -1.884  1.00 65.00 ? 550 LEU A O   1 
ATOM   1179 C CB  . LEU A 1 222 ? -0.897  -10.024 -4.054  1.00 51.67 ? 550 LEU A CB  1 
ATOM   1180 C CG  . LEU A 1 222 ? 0.518   -10.479 -4.244  1.00 54.86 ? 550 LEU A CG  1 
ATOM   1181 C CD1 . LEU A 1 222 ? 0.879   -10.242 -5.675  1.00 46.42 ? 550 LEU A CD1 1 
ATOM   1182 C CD2 . LEU A 1 222 ? 1.413   -9.675  -3.343  1.00 57.22 ? 550 LEU A CD2 1 
ATOM   1183 N N   . PRO A 1 223 ? -1.757  -13.355 -3.259  1.00 67.73 ? 551 PRO A N   1 
ATOM   1184 C CA  . PRO A 1 223 ? -1.553  -14.405 -2.278  1.00 73.88 ? 551 PRO A CA  1 
ATOM   1185 C C   . PRO A 1 223 ? -0.105  -14.707 -2.038  1.00 75.06 ? 551 PRO A C   1 
ATOM   1186 O O   . PRO A 1 223 ? 0.618   -15.044 -2.933  1.00 73.05 ? 551 PRO A O   1 
ATOM   1187 C CB  . PRO A 1 223 ? -2.209  -15.585 -2.942  1.00 70.92 ? 551 PRO A CB  1 
ATOM   1188 C CG  . PRO A 1 223 ? -1.917  -15.370 -4.374  1.00 71.44 ? 551 PRO A CG  1 
ATOM   1189 C CD  . PRO A 1 223 ? -1.675  -13.905 -4.605  1.00 66.55 ? 551 PRO A CD  1 
ATOM   1190 N N   . SER A 1 224 ? 0.288   -14.566 -0.795  1.00 30.00 ? 552 SER A N   1 
ATOM   1191 C CA  . SER A 1 224 ? 1.567   -15.002 -0.269  1.00 30.00 ? 552 SER A CA  1 
ATOM   1192 C C   . SER A 1 224 ? 2.320   -16.093 -1.036  1.00 30.00 ? 552 SER A C   1 
ATOM   1193 O O   . SER A 1 224 ? 1.953   -17.259 -0.982  1.00 30.00 ? 552 SER A O   1 
ATOM   1194 C CB  . SER A 1 224 ? 1.307   -15.556 1.113   1.00 20.00 ? 552 SER A CB  1 
ATOM   1195 O OG  . SER A 1 224 ? 0.229   -16.464 1.024   1.00 20.00 ? 552 SER A OG  1 
ATOM   1196 N N   . SER A 1 225 ? 3.410   -15.703 -1.681  1.00 84.27 ? 553 SER A N   1 
ATOM   1197 C CA  . SER A 1 225 ? 4.319   -16.626 -2.338  1.00 85.39 ? 553 SER A CA  1 
ATOM   1198 C C   . SER A 1 225 ? 5.507   -16.895 -1.443  1.00 88.72 ? 553 SER A C   1 
ATOM   1199 O O   . SER A 1 225 ? 6.637   -16.600 -1.820  1.00 88.38 ? 553 SER A O   1 
ATOM   1200 C CB  . SER A 1 225 ? 4.839   -16.041 -3.647  1.00 81.21 ? 553 SER A CB  1 
ATOM   1201 O OG  . SER A 1 225 ? 3.827   -15.960 -4.617  1.00 73.68 ? 553 SER A OG  1 
HETATM 1202 O O   . HOH B 2 .   ? 3.848   13.745  -7.860  1.00 27.50 ? 601 HOH A O   1 
HETATM 1203 O O   . HOH B 2 .   ? -4.757  7.941   -4.629  1.00 28.50 ? 602 HOH A O   1 
HETATM 1204 O O   . HOH B 2 .   ? -6.513  6.328   13.003  1.00 30.48 ? 603 HOH A O   1 
HETATM 1205 O O   . HOH B 2 .   ? 1.839   1.360   -16.744 1.00 30.93 ? 604 HOH A O   1 
HETATM 1206 O O   . HOH B 2 .   ? -13.982 5.012   6.385   1.00 39.43 ? 605 HOH A O   1 
HETATM 1207 O O   . HOH B 2 .   ? 0.846   17.827  9.355   1.00 28.59 ? 606 HOH A O   1 
HETATM 1208 O O   . HOH B 2 .   ? 2.857   5.696   2.966   1.00 31.29 ? 607 HOH A O   1 
HETATM 1209 O O   . HOH B 2 .   ? 6.856   7.733   -17.334 1.00 39.52 ? 608 HOH A O   1 
HETATM 1210 O O   . HOH B 2 .   ? -6.180  7.133   -7.803  1.00 35.07 ? 609 HOH A O   1 
HETATM 1211 O O   . HOH B 2 .   ? -10.372 3.542   -3.522  1.00 36.19 ? 610 HOH A O   1 
HETATM 1212 O O   . HOH B 2 .   ? 1.875   11.904  -18.849 1.00 37.08 ? 611 HOH A O   1 
HETATM 1213 O O   . HOH B 2 .   ? 6.925   13.189  -3.350  1.00 25.27 ? 612 HOH A O   1 
HETATM 1214 O O   . HOH B 2 .   ? -1.356  5.553   14.451  1.00 42.97 ? 613 HOH A O   1 
HETATM 1215 O O   . HOH B 2 .   ? -17.619 2.709   10.565  1.00 43.13 ? 614 HOH A O   1 
HETATM 1216 O O   . HOH B 2 .   ? -0.350  0.125   11.929  1.00 44.62 ? 615 HOH A O   1 
HETATM 1217 O O   . HOH B 2 .   ? -11.381 12.275  11.496  1.00 35.84 ? 616 HOH A O   1 
HETATM 1218 O O   . HOH B 2 .   ? 4.596   18.989  9.083   1.00 40.75 ? 617 HOH A O   1 
HETATM 1219 O O   . HOH B 2 .   ? -4.346  -1.548  -12.726 1.00 37.11 ? 618 HOH A O   1 
HETATM 1220 O O   . HOH B 2 .   ? -5.819  10.977  -2.300  1.00 38.58 ? 619 HOH A O   1 
HETATM 1221 O O   . HOH B 2 .   ? -19.111 -2.734  -2.457  1.00 64.61 ? 620 HOH A O   1 
HETATM 1222 O O   . HOH B 2 .   ? 2.878   14.437  14.938  1.00 41.25 ? 621 HOH A O   1 
HETATM 1223 O O   . HOH B 2 .   ? 11.905  13.234  -3.198  1.00 39.00 ? 622 HOH A O   1 
HETATM 1224 O O   . HOH B 2 .   ? -0.899  -5.670  -14.591 1.00 47.15 ? 623 HOH A O   1 
HETATM 1225 O O   . HOH B 2 .   ? 0.765   14.648  17.567  1.00 42.50 ? 624 HOH A O   1 
HETATM 1226 O O   . HOH B 2 .   ? -11.012 0.014   -6.737  1.00 39.52 ? 625 HOH A O   1 
HETATM 1227 O O   . HOH B 2 .   ? 7.077   13.976  -13.212 1.00 34.85 ? 626 HOH A O   1 
HETATM 1228 O O   . HOH B 2 .   ? 0.201   7.787   15.225  1.00 42.03 ? 627 HOH A O   1 
HETATM 1229 O O   . HOH B 2 .   ? 5.161   14.721  3.048   1.00 39.94 ? 628 HOH A O   1 
HETATM 1230 O O   . HOH B 2 .   ? -4.144  11.139  -13.892 1.00 48.10 ? 629 HOH A O   1 
HETATM 1231 O O   . HOH B 2 .   ? 1.527   12.503  -14.504 1.00 39.50 ? 630 HOH A O   1 
HETATM 1232 O O   . HOH B 2 .   ? -15.781 1.021   0.154   1.00 46.37 ? 631 HOH A O   1 
HETATM 1233 O O   . HOH B 2 .   ? 8.765   7.764   1.436   1.00 38.47 ? 632 HOH A O   1 
HETATM 1234 O O   . HOH B 2 .   ? -11.070 8.380   -0.979  1.00 50.73 ? 633 HOH A O   1 
HETATM 1235 O O   . HOH B 2 .   ? -3.557  -10.644 4.157   1.00 48.36 ? 634 HOH A O   1 
HETATM 1236 O O   . HOH B 2 .   ? 3.943   9.508   9.076   1.00 45.95 ? 635 HOH A O   1 
HETATM 1237 O O   . HOH B 2 .   ? -2.688  -9.096  -0.995  1.00 43.82 ? 636 HOH A O   1 
HETATM 1238 O O   . HOH B 2 .   ? -10.813 14.253  8.212   1.00 43.14 ? 637 HOH A O   1 
HETATM 1239 O O   . HOH B 2 .   ? -5.709  10.827  19.253  1.00 48.42 ? 638 HOH A O   1 
HETATM 1240 O O   . HOH B 2 .   ? -16.471 5.264   13.289  1.00 48.32 ? 639 HOH A O   1 
HETATM 1241 O O   . HOH B 2 .   ? 2.906   16.641  10.837  1.00 42.93 ? 640 HOH A O   1 
HETATM 1242 O O   . HOH B 2 .   ? 1.966   10.749  11.916  1.00 41.75 ? 641 HOH A O   1 
HETATM 1243 O O   . HOH B 2 .   ? -16.395 1.288   6.520   1.00 50.25 ? 642 HOH A O   1 
HETATM 1244 O O   . HOH B 2 .   ? -10.416 11.089  1.673   1.00 39.36 ? 643 HOH A O   1 
HETATM 1245 O O   . HOH B 2 .   ? -4.125  12.730  -16.047 1.00 49.39 ? 644 HOH A O   1 
HETATM 1246 O O   . HOH B 2 .   ? 2.206   11.590  8.022   1.00 43.99 ? 645 HOH A O   1 
HETATM 1247 O O   . HOH B 2 .   ? -12.403 -2.115  -7.952  1.00 47.23 ? 646 HOH A O   1 
HETATM 1248 O O   . HOH B 2 .   ? -1.625  13.521  -16.232 1.00 41.93 ? 647 HOH A O   1 
HETATM 1249 O O   . HOH B 2 .   ? -2.311  1.628   19.708  1.00 58.09 ? 648 HOH A O   1 
HETATM 1250 O O   . HOH B 2 .   ? -8.409  -9.966  3.772   1.00 48.87 ? 649 HOH A O   1 
HETATM 1251 O O   . HOH B 2 .   ? -12.725 10.820  2.293   1.00 43.39 ? 650 HOH A O   1 
HETATM 1252 O O   . HOH B 2 .   ? 9.833   8.724   -16.518 1.00 46.73 ? 651 HOH A O   1 
HETATM 1253 O O   . HOH B 2 .   ? -0.643  -12.424 -15.524 1.00 52.61 ? 652 HOH A O   1 
HETATM 1254 O O   . HOH B 2 .   ? -6.236  4.513   19.191  1.00 41.63 ? 653 HOH A O   1 
HETATM 1255 O O   . HOH B 2 .   ? 6.252   4.552   3.282   1.00 39.65 ? 654 HOH A O   1 
HETATM 1256 O O   . HOH B 2 .   ? 2.064   6.398   11.223  1.00 44.33 ? 655 HOH A O   1 
HETATM 1257 O O   . HOH B 2 .   ? -8.667  4.257   19.282  1.00 40.78 ? 656 HOH A O   1 
HETATM 1258 O O   . HOH B 2 .   ? 9.537   14.971  -12.944 1.00 45.00 ? 657 HOH A O   1 
HETATM 1259 O O   . HOH B 2 .   ? 4.680   14.476  7.863   1.00 48.41 ? 658 HOH A O   1 
HETATM 1260 O O   . HOH B 2 .   ? -13.574 4.645   2.490   1.00 47.20 ? 659 HOH A O   1 
HETATM 1261 O O   . HOH B 2 .   ? 5.385   7.018   3.939   1.00 45.15 ? 660 HOH A O   1 
HETATM 1262 O O   . HOH B 2 .   ? -0.117  5.088   12.230  1.00 48.52 ? 661 HOH A O   1 
HETATM 1263 O O   . HOH B 2 .   ? 13.347  13.408  -6.066  1.00 40.59 ? 662 HOH A O   1 
HETATM 1264 O O   . HOH B 2 .   ? -6.581  9.892   -5.413  1.00 40.64 ? 663 HOH A O   1 
HETATM 1265 O O   . HOH B 2 .   ? 11.659  8.201   -17.978 1.00 54.55 ? 664 HOH A O   1 
HETATM 1266 O O   . HOH B 2 .   ? -11.544 -7.321  -5.353  1.00 45.99 ? 665 HOH A O   1 
HETATM 1267 O O   . HOH B 2 .   ? -7.970  9.034   -7.490  1.00 49.72 ? 666 HOH A O   1 
HETATM 1268 O O   . HOH B 2 .   ? 3.030   17.215  13.539  1.00 43.66 ? 667 HOH A O   1 
HETATM 1269 O O   . HOH B 2 .   ? -14.196 -7.266  -0.549  1.00 49.75 ? 668 HOH A O   1 
HETATM 1270 O O   . HOH B 2 .   ? -7.783  12.495  13.815  1.00 34.82 ? 669 HOH A O   1 
HETATM 1271 O O   . HOH B 2 .   ? -15.986 3.666   2.829   1.00 53.87 ? 670 HOH A O   1 
HETATM 1272 O O   . HOH B 2 .   ? 13.341  11.012  -17.385 1.00 52.73 ? 671 HOH A O   1 
HETATM 1273 O O   . HOH B 2 .   ? 14.687  4.876   2.214   1.00 59.07 ? 672 HOH A O   1 
HETATM 1274 O O   . HOH B 2 .   ? -7.530  10.447  -9.734  1.00 46.36 ? 673 HOH A O   1 
HETATM 1275 O O   . HOH B 2 .   ? -10.416 9.243   -5.806  1.00 59.99 ? 674 HOH A O   1 
HETATM 1276 O O   . HOH B 2 .   ? -13.575 5.323   -0.132  1.00 45.62 ? 675 HOH A O   1 
HETATM 1277 O O   . HOH B 2 .   ? -5.801  -8.558  -13.629 1.00 46.64 ? 676 HOH A O   1 
HETATM 1278 O O   . HOH B 2 .   ? -7.779  11.562  17.811  1.00 46.86 ? 677 HOH A O   1 
HETATM 1279 O O   . HOH B 2 .   ? -10.131 11.312  -8.213  1.00 56.35 ? 678 HOH A O   1 
# 
